data_4HQP
#
_entry.id   4HQP
#
_cell.length_a   142.150
_cell.length_b   142.150
_cell.length_c   518.135
_cell.angle_alpha   90.00
_cell.angle_beta   90.00
_cell.angle_gamma   120.00
#
_symmetry.space_group_name_H-M   'P 65 2 2'
#
loop_
_entity.id
_entity.type
_entity.pdbx_description
1 polymer 'Alpha7 nicotinic receptor chimera'
2 polymer 'Alpha-bungarotoxin isoform V31'
3 branched 2-acetamido-2-deoxy-beta-D-glucopyranose-(1-4)-2-acetamido-2-deoxy-beta-D-glucopyranose
4 non-polymer 2-acetamido-2-deoxy-beta-D-glucopyranose
#
loop_
_entity_poly.entity_id
_entity_poly.type
_entity_poly.pdbx_seq_one_letter_code
_entity_poly.pdbx_strand_id
1 'polypeptide(L)'
;QRKLYKELVKNYNPDVIPTQRDRPVTVYFSLSLLQIMDVDEKNQVVDVVFWLQMSWTDHYLQWNVSEYPGVKQVSVPISS
LWVPDLAAYNAISKPEVLTPQLALVNSSGHVQYLPSIRQRFSCDVSGVDTESGATCKLKFGSWTHHSRELDLQMQEADIS
GYIPYSRFELVGVTQKRSERFYECCKEPYPDVTFTVTFRKKG
;
A,B,C,D,E
2 'polypeptide(L)' IVCHTTATSPISAVTCPPGENLCYRKMWCDVFCSSRGKVVELGCAATCPSKKPYEEVTCCSTDKCNPHPKQRP F,G,H,I,J
#
# COMPACT_ATOMS: atom_id res chain seq x y z
N GLN A 1 -17.69 -32.80 0.18
CA GLN A 1 -17.61 -32.27 1.57
C GLN A 1 -17.82 -30.76 1.59
N ARG A 2 -16.89 -30.03 0.98
CA ARG A 2 -16.99 -28.57 0.94
C ARG A 2 -17.20 -28.03 -0.47
N LYS A 3 -18.14 -28.64 -1.19
CA LYS A 3 -18.48 -28.21 -2.53
C LYS A 3 -19.28 -26.94 -2.35
N LEU A 4 -19.75 -26.74 -1.12
CA LEU A 4 -20.54 -25.58 -0.74
C LEU A 4 -19.92 -24.29 -1.26
N TYR A 5 -18.65 -24.09 -0.98
CA TYR A 5 -17.94 -22.89 -1.43
C TYR A 5 -18.12 -22.63 -2.92
N LYS A 6 -17.84 -23.65 -3.74
CA LYS A 6 -17.98 -23.52 -5.18
C LYS A 6 -19.40 -23.15 -5.60
N GLU A 7 -20.38 -23.60 -4.83
CA GLU A 7 -21.78 -23.30 -5.13
C GLU A 7 -22.20 -21.94 -4.60
N LEU A 8 -21.83 -21.64 -3.36
CA LEU A 8 -22.18 -20.37 -2.73
C LEU A 8 -21.81 -19.17 -3.58
N VAL A 9 -20.64 -19.23 -4.23
CA VAL A 9 -20.20 -18.14 -5.08
C VAL A 9 -20.28 -18.54 -6.56
N LYS A 10 -21.40 -19.15 -6.93
CA LYS A 10 -21.60 -19.58 -8.31
C LYS A 10 -22.31 -18.48 -9.09
N ASN A 11 -23.51 -18.13 -8.65
CA ASN A 11 -24.31 -17.08 -9.29
C ASN A 11 -24.43 -15.92 -8.31
N TYR A 12 -23.34 -15.64 -7.61
CA TYR A 12 -23.34 -14.57 -6.62
C TYR A 12 -22.43 -13.41 -7.02
N ASN A 13 -22.97 -12.20 -6.93
CA ASN A 13 -22.23 -10.99 -7.26
C ASN A 13 -22.25 -10.09 -6.03
N PRO A 14 -21.11 -9.99 -5.33
CA PRO A 14 -20.96 -9.18 -4.11
C PRO A 14 -21.24 -7.68 -4.24
N ASP A 15 -21.44 -7.21 -5.47
CA ASP A 15 -21.71 -5.79 -5.68
C ASP A 15 -23.20 -5.51 -5.55
N VAL A 16 -23.98 -6.58 -5.42
CA VAL A 16 -25.43 -6.47 -5.31
C VAL A 16 -25.92 -6.69 -3.89
N ILE A 17 -26.62 -5.69 -3.34
CA ILE A 17 -27.15 -5.82 -1.99
C ILE A 17 -28.28 -6.86 -2.07
N PRO A 18 -28.16 -7.94 -1.32
CA PRO A 18 -29.13 -9.05 -1.27
C PRO A 18 -30.48 -8.68 -0.66
N THR A 19 -31.34 -8.10 -1.46
CA THR A 19 -32.66 -7.70 -1.01
C THR A 19 -33.75 -8.48 -1.73
N GLN A 20 -34.88 -8.62 -1.06
CA GLN A 20 -36.04 -9.33 -1.61
C GLN A 20 -37.19 -8.34 -1.61
N ARG A 21 -37.49 -7.78 -2.78
CA ARG A 21 -38.55 -6.79 -2.95
C ARG A 21 -39.58 -6.82 -1.81
N ASP A 22 -39.82 -5.64 -1.26
CA ASP A 22 -40.74 -5.44 -0.13
C ASP A 22 -40.01 -5.61 1.19
N ARG A 23 -38.73 -5.98 1.14
CA ARG A 23 -37.92 -6.18 2.33
C ARG A 23 -36.45 -5.76 2.15
N PRO A 24 -36.00 -4.75 2.93
CA PRO A 24 -34.64 -4.21 2.91
C PRO A 24 -33.66 -4.97 3.81
N VAL A 25 -32.41 -5.10 3.37
CA VAL A 25 -31.40 -5.80 4.15
C VAL A 25 -31.15 -5.04 5.45
N THR A 26 -31.46 -5.69 6.57
CA THR A 26 -31.26 -5.08 7.87
C THR A 26 -29.94 -5.53 8.47
N VAL A 27 -29.07 -4.56 8.76
CA VAL A 27 -27.76 -4.85 9.35
C VAL A 27 -27.69 -4.40 10.79
N TYR A 28 -27.17 -5.27 11.66
CA TYR A 28 -27.04 -4.95 13.07
C TYR A 28 -25.66 -4.45 13.43
N PHE A 29 -25.59 -3.18 13.83
CA PHE A 29 -24.34 -2.53 14.20
C PHE A 29 -24.03 -2.73 15.67
N SER A 30 -22.78 -2.46 16.04
CA SER A 30 -22.32 -2.60 17.42
C SER A 30 -20.82 -2.29 17.50
N LEU A 31 -20.45 -1.33 18.33
CA LEU A 31 -19.05 -0.95 18.47
C LEU A 31 -18.52 -1.26 19.86
N SER A 32 -17.38 -1.94 19.91
CA SER A 32 -16.73 -2.29 21.17
C SER A 32 -15.38 -1.59 21.26
N LEU A 33 -15.40 -0.34 21.71
CA LEU A 33 -14.19 0.46 21.83
C LEU A 33 -13.12 -0.30 22.62
N LEU A 34 -11.95 -0.47 22.01
CA LEU A 34 -10.84 -1.18 22.65
C LEU A 34 -9.92 -0.25 23.43
N GLN A 35 -9.42 0.79 22.78
CA GLN A 35 -8.53 1.73 23.43
C GLN A 35 -8.40 3.03 22.65
N ILE A 36 -8.10 4.12 23.38
CA ILE A 36 -7.93 5.42 22.77
C ILE A 36 -6.44 5.68 22.59
N MET A 37 -5.95 5.40 21.39
CA MET A 37 -4.54 5.57 21.05
C MET A 37 -3.95 6.91 21.44
N ASP A 38 -4.50 7.98 20.88
CA ASP A 38 -3.99 9.31 21.18
C ASP A 38 -5.02 10.40 20.86
N VAL A 39 -4.71 11.63 21.27
CA VAL A 39 -5.57 12.78 21.02
C VAL A 39 -4.71 13.98 20.62
N ASP A 40 -5.11 14.67 19.57
CA ASP A 40 -4.37 15.83 19.09
C ASP A 40 -5.15 17.12 19.34
N GLU A 41 -4.85 17.77 20.45
CA GLU A 41 -5.53 19.02 20.81
C GLU A 41 -5.26 20.11 19.78
N LYS A 42 -4.15 19.99 19.06
CA LYS A 42 -3.78 20.97 18.05
C LYS A 42 -4.72 20.97 16.84
N ASN A 43 -4.93 19.78 16.26
CA ASN A 43 -5.78 19.67 15.08
C ASN A 43 -7.16 19.08 15.37
N GLN A 44 -7.46 18.85 16.65
CA GLN A 44 -8.75 18.30 17.05
C GLN A 44 -9.03 16.97 16.35
N VAL A 45 -8.47 15.90 16.88
CA VAL A 45 -8.66 14.56 16.32
C VAL A 45 -8.27 13.48 17.33
N VAL A 46 -8.94 12.33 17.25
CA VAL A 46 -8.68 11.22 18.16
C VAL A 46 -8.33 9.94 17.42
N ASP A 47 -7.28 9.27 17.87
CA ASP A 47 -6.84 8.03 17.28
C ASP A 47 -7.43 6.95 18.18
N VAL A 48 -8.27 6.08 17.61
CA VAL A 48 -8.90 5.03 18.40
C VAL A 48 -8.96 3.66 17.73
N VAL A 49 -8.95 2.62 18.55
CA VAL A 49 -9.03 1.24 18.09
C VAL A 49 -10.35 0.68 18.58
N PHE A 50 -10.94 -0.26 17.83
CA PHE A 50 -12.21 -0.83 18.22
C PHE A 50 -12.63 -2.04 17.39
N TRP A 51 -13.48 -2.87 17.97
CA TRP A 51 -14.02 -4.04 17.28
C TRP A 51 -15.34 -3.56 16.68
N LEU A 52 -15.64 -4.01 15.46
CA LEU A 52 -16.87 -3.58 14.82
C LEU A 52 -17.81 -4.75 14.54
N GLN A 53 -18.85 -4.87 15.36
CA GLN A 53 -19.81 -5.95 15.16
C GLN A 53 -20.79 -5.61 14.04
N MET A 54 -20.82 -6.47 13.02
CA MET A 54 -21.72 -6.29 11.90
C MET A 54 -22.32 -7.63 11.51
N SER A 55 -23.65 -7.67 11.40
CA SER A 55 -24.33 -8.91 11.05
C SER A 55 -25.61 -8.66 10.26
N TRP A 56 -25.81 -9.45 9.21
CA TRP A 56 -26.98 -9.34 8.36
C TRP A 56 -27.35 -10.73 7.84
N THR A 57 -28.38 -10.79 6.99
CA THR A 57 -28.82 -12.06 6.44
C THR A 57 -28.89 -12.01 4.91
N ASP A 58 -27.95 -12.71 4.27
CA ASP A 58 -27.89 -12.75 2.82
C ASP A 58 -28.77 -13.89 2.32
N HIS A 59 -29.88 -13.55 1.68
CA HIS A 59 -30.81 -14.55 1.18
C HIS A 59 -30.18 -15.46 0.12
N TYR A 60 -29.12 -14.98 -0.52
CA TYR A 60 -28.44 -15.78 -1.54
C TYR A 60 -27.65 -16.90 -0.87
N LEU A 61 -26.88 -16.54 0.15
CA LEU A 61 -26.06 -17.49 0.87
C LEU A 61 -26.88 -18.33 1.86
N GLN A 62 -26.96 -19.62 1.60
CA GLN A 62 -27.71 -20.54 2.46
C GLN A 62 -27.70 -21.92 1.82
N TRP A 63 -27.58 -22.96 2.64
CA TRP A 63 -27.53 -24.32 2.13
C TRP A 63 -28.35 -25.31 2.95
N ASN A 64 -28.74 -26.40 2.31
CA ASN A 64 -29.52 -27.45 2.95
C ASN A 64 -28.60 -28.25 3.86
N VAL A 65 -28.83 -28.16 5.16
CA VAL A 65 -28.03 -28.86 6.15
C VAL A 65 -27.80 -30.34 5.79
N SER A 66 -28.72 -30.92 5.05
CA SER A 66 -28.61 -32.32 4.65
C SER A 66 -27.67 -32.52 3.47
N GLU A 67 -27.99 -31.89 2.34
CA GLU A 67 -27.16 -31.99 1.14
C GLU A 67 -25.68 -31.84 1.44
N TYR A 68 -25.37 -31.22 2.56
CA TYR A 68 -23.99 -31.01 2.99
C TYR A 68 -23.77 -31.68 4.35
N PRO A 69 -22.91 -32.71 4.39
CA PRO A 69 -22.55 -33.50 5.57
C PRO A 69 -21.90 -32.73 6.73
N GLY A 70 -22.70 -32.40 7.73
CA GLY A 70 -22.22 -31.67 8.91
C GLY A 70 -21.53 -30.35 8.66
N VAL A 71 -22.12 -29.49 7.84
CA VAL A 71 -21.54 -28.19 7.53
C VAL A 71 -22.35 -27.09 8.24
N LYS A 72 -21.99 -26.81 9.48
CA LYS A 72 -22.66 -25.81 10.29
C LYS A 72 -22.47 -24.39 9.75
N GLN A 73 -21.23 -23.91 9.81
CA GLN A 73 -20.89 -22.58 9.33
C GLN A 73 -19.53 -22.60 8.63
N VAL A 74 -19.26 -21.59 7.81
CA VAL A 74 -17.99 -21.51 7.09
C VAL A 74 -17.41 -20.10 7.12
N SER A 75 -16.08 -20.01 7.08
CA SER A 75 -15.39 -18.73 7.09
C SER A 75 -15.03 -18.32 5.68
N VAL A 76 -15.72 -17.29 5.19
CA VAL A 76 -15.51 -16.79 3.85
C VAL A 76 -14.95 -15.37 3.88
N PRO A 77 -14.00 -15.06 2.98
CA PRO A 77 -13.40 -13.73 2.93
C PRO A 77 -14.42 -12.68 2.48
N ILE A 78 -14.50 -11.57 3.21
CA ILE A 78 -15.44 -10.50 2.91
C ILE A 78 -15.52 -10.09 1.46
N SER A 79 -14.51 -10.42 0.67
CA SER A 79 -14.48 -10.05 -0.75
C SER A 79 -15.33 -10.98 -1.60
N SER A 80 -15.62 -12.17 -1.10
CA SER A 80 -16.41 -13.15 -1.84
C SER A 80 -17.91 -12.89 -1.75
N LEU A 81 -18.34 -12.25 -0.66
CA LEU A 81 -19.75 -11.96 -0.47
C LEU A 81 -19.99 -10.46 -0.26
N TRP A 82 -21.26 -10.07 -0.31
CA TRP A 82 -21.66 -8.68 -0.12
C TRP A 82 -21.42 -8.24 1.32
N VAL A 83 -21.18 -6.95 1.49
CA VAL A 83 -20.94 -6.38 2.81
C VAL A 83 -21.39 -4.92 2.82
N PRO A 84 -22.02 -4.48 3.92
CA PRO A 84 -22.51 -3.11 4.06
C PRO A 84 -21.44 -2.05 3.78
N ASP A 85 -21.81 -1.05 2.98
CA ASP A 85 -20.89 0.03 2.63
C ASP A 85 -20.82 1.10 3.71
N LEU A 86 -20.73 0.66 4.97
CA LEU A 86 -20.65 1.59 6.09
C LEU A 86 -19.44 2.50 5.97
N ALA A 87 -19.61 3.75 6.40
CA ALA A 87 -18.54 4.73 6.33
C ALA A 87 -18.54 5.63 7.56
N ALA A 88 -17.35 5.96 8.05
CA ALA A 88 -17.22 6.83 9.21
C ALA A 88 -17.27 8.29 8.76
N TYR A 89 -18.49 8.83 8.68
CA TYR A 89 -18.71 10.20 8.24
C TYR A 89 -17.69 11.19 8.77
N ASN A 90 -17.46 11.17 10.08
CA ASN A 90 -16.52 12.10 10.70
C ASN A 90 -15.08 11.62 10.76
N ALA A 91 -14.76 10.55 10.03
CA ALA A 91 -13.40 10.03 10.02
C ALA A 91 -12.52 10.93 9.14
N ILE A 92 -11.23 10.97 9.45
CA ILE A 92 -10.30 11.80 8.69
C ILE A 92 -9.08 11.00 8.20
N SER A 93 -9.20 9.68 8.17
CA SER A 93 -8.11 8.83 7.72
C SER A 93 -8.63 7.43 7.39
N LYS A 94 -8.14 6.89 6.28
CA LYS A 94 -8.54 5.57 5.83
C LYS A 94 -8.45 4.58 6.99
N PRO A 95 -9.49 3.74 7.17
CA PRO A 95 -9.53 2.74 8.25
C PRO A 95 -8.53 1.60 8.09
N GLU A 96 -7.66 1.45 9.08
CA GLU A 96 -6.65 0.39 9.05
C GLU A 96 -7.17 -0.86 9.76
N VAL A 97 -7.59 -1.84 8.96
CA VAL A 97 -8.12 -3.08 9.52
C VAL A 97 -6.96 -3.96 10.01
N LEU A 98 -7.02 -4.38 11.27
CA LEU A 98 -5.98 -5.20 11.87
C LEU A 98 -6.24 -6.71 11.79
N THR A 99 -7.49 -7.09 11.96
CA THR A 99 -7.88 -8.49 11.93
C THR A 99 -8.08 -9.04 10.51
N PRO A 100 -8.09 -10.37 10.35
CA PRO A 100 -8.29 -11.01 9.03
C PRO A 100 -9.62 -10.65 8.40
N GLN A 101 -9.65 -10.58 7.07
CA GLN A 101 -10.86 -10.24 6.34
C GLN A 101 -11.79 -11.44 6.16
N LEU A 102 -12.28 -11.99 7.27
CA LEU A 102 -13.19 -13.13 7.22
C LEU A 102 -14.48 -12.92 7.98
N ALA A 103 -15.54 -13.57 7.50
CA ALA A 103 -16.86 -13.49 8.12
C ALA A 103 -17.51 -14.88 8.17
N LEU A 104 -18.31 -15.13 9.21
CA LEU A 104 -18.98 -16.42 9.36
C LEU A 104 -20.40 -16.38 8.83
N VAL A 105 -20.87 -17.53 8.32
CA VAL A 105 -22.22 -17.60 7.77
C VAL A 105 -23.04 -18.81 8.24
N ASN A 106 -24.30 -18.54 8.60
CA ASN A 106 -25.23 -19.58 9.05
C ASN A 106 -25.73 -20.34 7.84
N SER A 107 -26.05 -21.62 8.03
CA SER A 107 -26.57 -22.43 6.93
C SER A 107 -27.86 -21.78 6.47
N SER A 108 -28.42 -20.94 7.34
CA SER A 108 -29.65 -20.23 7.07
C SER A 108 -29.38 -19.02 6.19
N GLY A 109 -28.23 -18.38 6.42
CA GLY A 109 -27.86 -17.21 5.63
C GLY A 109 -27.42 -16.04 6.48
N HIS A 110 -27.25 -16.27 7.77
CA HIS A 110 -26.82 -15.21 8.68
C HIS A 110 -25.32 -14.96 8.58
N VAL A 111 -24.94 -13.79 8.09
CA VAL A 111 -23.54 -13.43 7.95
C VAL A 111 -23.07 -12.54 9.09
N GLN A 112 -21.91 -12.83 9.64
CA GLN A 112 -21.39 -12.02 10.73
C GLN A 112 -19.95 -11.61 10.42
N TYR A 113 -19.64 -10.34 10.68
CA TYR A 113 -18.31 -9.81 10.43
C TYR A 113 -17.86 -8.97 11.62
N LEU A 114 -16.69 -9.30 12.17
CA LEU A 114 -16.15 -8.59 13.32
C LEU A 114 -14.72 -8.14 13.07
N PRO A 115 -14.54 -7.05 12.31
CA PRO A 115 -13.19 -6.56 12.03
C PRO A 115 -12.63 -5.60 13.08
N SER A 116 -11.34 -5.75 13.35
CA SER A 116 -10.64 -4.89 14.31
C SER A 116 -10.20 -3.67 13.50
N ILE A 117 -10.47 -2.48 14.00
CA ILE A 117 -10.09 -1.27 13.26
C ILE A 117 -9.43 -0.17 14.06
N ARG A 118 -8.49 0.51 13.42
CA ARG A 118 -7.81 1.65 14.04
C ARG A 118 -8.08 2.78 13.05
N GLN A 119 -8.50 3.93 13.56
CA GLN A 119 -8.82 5.05 12.69
C GLN A 119 -8.93 6.36 13.47
N ARG A 120 -8.67 7.47 12.81
CA ARG A 120 -8.75 8.77 13.45
C ARG A 120 -9.97 9.56 12.96
N PHE A 121 -10.72 10.12 13.90
CA PHE A 121 -11.91 10.88 13.57
C PHE A 121 -11.78 12.32 14.03
N SER A 122 -12.44 13.24 13.32
CA SER A 122 -12.40 14.65 13.68
C SER A 122 -13.22 14.82 14.95
N CYS A 123 -12.60 15.40 15.98
CA CYS A 123 -13.30 15.59 17.25
C CYS A 123 -12.63 16.60 18.18
N ASP A 124 -13.45 17.32 18.94
CA ASP A 124 -12.96 18.31 19.88
C ASP A 124 -12.40 17.61 21.11
N VAL A 125 -11.11 17.75 21.34
CA VAL A 125 -10.46 17.12 22.49
C VAL A 125 -9.86 18.18 23.41
N SER A 126 -10.29 19.42 23.26
CA SER A 126 -9.80 20.51 24.07
C SER A 126 -10.06 20.30 25.56
N GLY A 127 -11.24 19.78 25.90
CA GLY A 127 -11.58 19.55 27.28
C GLY A 127 -11.31 18.12 27.74
N VAL A 128 -10.14 17.59 27.39
CA VAL A 128 -9.78 16.23 27.77
C VAL A 128 -9.04 16.20 29.11
N ASP A 129 -8.46 17.33 29.49
CA ASP A 129 -7.72 17.43 30.75
C ASP A 129 -8.64 17.79 31.90
N THR A 130 -9.79 18.38 31.58
CA THR A 130 -10.76 18.77 32.59
C THR A 130 -11.42 17.52 33.17
N GLU A 131 -11.83 17.58 34.42
CA GLU A 131 -12.47 16.44 35.07
C GLU A 131 -13.79 16.12 34.39
N SER A 132 -14.35 17.12 33.68
CA SER A 132 -15.60 16.94 32.97
C SER A 132 -15.36 16.05 31.75
N GLY A 133 -14.17 16.18 31.17
CA GLY A 133 -13.80 15.37 30.03
C GLY A 133 -14.34 15.83 28.69
N ALA A 134 -13.64 15.47 27.61
CA ALA A 134 -14.04 15.82 26.25
C ALA A 134 -14.88 14.69 25.70
N THR A 135 -15.66 14.97 24.65
CA THR A 135 -16.51 13.96 24.07
C THR A 135 -16.40 13.88 22.55
N CYS A 136 -16.45 12.65 22.03
CA CYS A 136 -16.35 12.42 20.60
C CYS A 136 -17.54 11.63 20.09
N LYS A 137 -18.02 11.99 18.90
CA LYS A 137 -19.15 11.31 18.29
C LYS A 137 -18.69 10.63 17.00
N LEU A 138 -18.73 9.30 16.99
CA LEU A 138 -18.34 8.55 15.81
C LEU A 138 -19.58 8.12 15.02
N LYS A 139 -19.98 8.97 14.10
CA LYS A 139 -21.16 8.71 13.28
C LYS A 139 -20.85 7.76 12.12
N PHE A 140 -21.62 6.67 12.05
CA PHE A 140 -21.47 5.67 11.00
C PHE A 140 -22.76 5.56 10.20
N GLY A 141 -22.69 4.95 9.02
CA GLY A 141 -23.88 4.80 8.21
C GLY A 141 -23.59 4.48 6.76
N SER A 142 -24.59 3.93 6.08
CA SER A 142 -24.46 3.57 4.67
C SER A 142 -23.97 4.77 3.89
N TRP A 143 -23.35 4.50 2.73
CA TRP A 143 -22.83 5.59 1.92
C TRP A 143 -23.65 5.78 0.66
N THR A 144 -24.26 4.70 0.17
CA THR A 144 -25.06 4.79 -1.04
C THR A 144 -26.41 4.10 -0.91
N HIS A 145 -26.83 3.84 0.33
CA HIS A 145 -28.11 3.17 0.56
C HIS A 145 -28.93 3.85 1.65
N HIS A 146 -30.25 3.75 1.53
CA HIS A 146 -31.15 4.35 2.52
C HIS A 146 -32.00 3.28 3.21
N SER A 147 -32.99 3.72 3.97
CA SER A 147 -33.86 2.82 4.72
C SER A 147 -34.54 1.73 3.89
N ARG A 148 -34.92 2.05 2.65
CA ARG A 148 -35.60 1.08 1.81
C ARG A 148 -34.66 0.04 1.20
N GLU A 149 -33.39 0.40 1.06
CA GLU A 149 -32.40 -0.52 0.50
C GLU A 149 -31.65 -1.26 1.60
N LEU A 150 -31.22 -0.51 2.61
CA LEU A 150 -30.48 -1.09 3.72
C LEU A 150 -30.81 -0.38 5.03
N ASP A 151 -31.43 -1.11 5.96
CA ASP A 151 -31.78 -0.56 7.25
C ASP A 151 -30.65 -0.84 8.23
N LEU A 152 -30.27 0.19 8.99
CA LEU A 152 -29.18 0.04 9.94
C LEU A 152 -29.70 0.07 11.37
N GLN A 153 -29.80 -1.10 11.98
CA GLN A 153 -30.27 -1.21 13.37
C GLN A 153 -29.09 -1.56 14.27
N MET A 154 -29.00 -0.88 15.41
CA MET A 154 -27.90 -1.14 16.34
C MET A 154 -28.24 -2.22 17.37
N GLN A 155 -27.22 -2.72 18.06
CA GLN A 155 -27.41 -3.74 19.08
C GLN A 155 -26.69 -3.42 20.39
N GLU A 156 -26.82 -2.18 20.84
CA GLU A 156 -26.21 -1.73 22.09
C GLU A 156 -24.68 -1.77 22.03
N ALA A 157 -24.04 -0.96 22.88
CA ALA A 157 -22.58 -0.89 22.92
C ALA A 157 -21.95 -1.97 23.81
N ASP A 158 -20.63 -1.91 23.94
CA ASP A 158 -19.89 -2.87 24.76
C ASP A 158 -18.57 -2.25 25.24
N ILE A 159 -18.68 -1.42 26.27
CA ILE A 159 -17.52 -0.75 26.86
C ILE A 159 -16.69 -1.73 27.67
N SER A 160 -17.24 -2.93 27.88
CA SER A 160 -16.58 -3.98 28.65
C SER A 160 -15.32 -4.52 27.97
N GLY A 161 -14.94 -3.90 26.85
CA GLY A 161 -13.76 -4.36 26.14
C GLY A 161 -12.61 -3.36 26.19
N TYR A 162 -12.87 -2.17 26.74
CA TYR A 162 -11.85 -1.14 26.82
C TYR A 162 -10.59 -1.64 27.52
N ILE A 163 -9.48 -0.94 27.28
CA ILE A 163 -8.20 -1.28 27.86
C ILE A 163 -7.94 -0.50 29.15
N PRO A 164 -7.85 -1.20 30.29
CA PRO A 164 -7.61 -0.66 31.63
C PRO A 164 -6.49 0.38 31.78
N TYR A 165 -5.25 -0.09 31.79
CA TYR A 165 -4.06 0.75 31.96
C TYR A 165 -3.93 1.90 30.97
N SER A 166 -4.99 2.22 30.24
CA SER A 166 -4.94 3.31 29.28
C SER A 166 -4.79 4.65 29.99
N ARG A 167 -4.01 5.55 29.41
CA ARG A 167 -3.80 6.87 29.99
C ARG A 167 -5.11 7.63 30.13
N PHE A 168 -6.14 7.16 29.43
CA PHE A 168 -7.45 7.79 29.47
C PHE A 168 -8.48 6.87 30.11
N GLU A 169 -9.44 7.48 30.80
CA GLU A 169 -10.50 6.71 31.45
C GLU A 169 -11.88 7.10 30.92
N LEU A 170 -12.63 6.11 30.47
CA LEU A 170 -13.97 6.34 29.94
C LEU A 170 -14.94 6.71 31.04
N VAL A 171 -15.64 7.82 30.87
CA VAL A 171 -16.60 8.28 31.86
C VAL A 171 -18.02 7.94 31.40
N GLY A 172 -18.17 7.67 30.10
CA GLY A 172 -19.48 7.34 29.57
C GLY A 172 -19.44 6.99 28.09
N VAL A 173 -20.31 6.08 27.69
CA VAL A 173 -20.39 5.65 26.30
C VAL A 173 -21.86 5.57 25.87
N THR A 174 -22.20 6.30 24.80
CA THR A 174 -23.57 6.32 24.32
C THR A 174 -23.70 5.95 22.85
N GLN A 175 -24.31 4.80 22.60
CA GLN A 175 -24.52 4.33 21.23
C GLN A 175 -26.00 4.47 20.91
N LYS A 176 -26.33 5.36 19.97
CA LYS A 176 -27.72 5.59 19.60
C LYS A 176 -27.95 5.64 18.09
N ARG A 177 -29.04 5.01 17.65
CA ARG A 177 -29.43 4.98 16.26
C ARG A 177 -30.33 6.17 15.95
N SER A 178 -30.32 6.64 14.72
CA SER A 178 -31.14 7.79 14.32
C SER A 178 -31.28 7.92 12.81
N GLU A 179 -32.42 8.43 12.37
CA GLU A 179 -32.68 8.63 10.94
C GLU A 179 -32.68 10.10 10.58
N ARG A 180 -32.60 10.38 9.28
CA ARG A 180 -32.57 11.74 8.78
C ARG A 180 -33.14 11.78 7.37
N PHE A 181 -34.16 12.61 7.16
CA PHE A 181 -34.79 12.73 5.85
C PHE A 181 -34.19 13.90 5.08
N TYR A 182 -33.97 13.73 3.78
CA TYR A 182 -33.38 14.79 2.97
C TYR A 182 -34.30 15.30 1.88
N GLU A 183 -33.89 16.40 1.25
CA GLU A 183 -34.66 17.00 0.17
C GLU A 183 -34.56 16.10 -1.05
N CYS A 184 -35.09 14.90 -0.88
CA CYS A 184 -35.06 13.88 -1.92
C CYS A 184 -35.39 12.58 -1.24
N CYS A 185 -35.56 11.57 -2.06
CA CYS A 185 -35.77 10.25 -1.56
C CYS A 185 -36.71 10.16 -0.34
N LYS A 186 -37.95 9.81 -0.60
CA LYS A 186 -38.98 9.68 0.44
C LYS A 186 -38.47 8.92 1.67
N GLU A 187 -37.58 7.96 1.44
CA GLU A 187 -37.02 7.15 2.52
C GLU A 187 -35.92 7.93 3.25
N PRO A 188 -35.80 7.74 4.58
CA PRO A 188 -34.77 8.44 5.34
C PRO A 188 -33.38 7.79 5.23
N TYR A 189 -32.43 8.29 6.01
CA TYR A 189 -31.08 7.76 6.02
C TYR A 189 -30.63 7.46 7.44
N PRO A 190 -30.68 6.18 7.84
CA PRO A 190 -30.28 5.72 9.17
C PRO A 190 -28.78 5.77 9.42
N ASP A 191 -28.40 6.30 10.58
CA ASP A 191 -27.01 6.41 10.97
C ASP A 191 -26.88 6.17 12.47
N VAL A 192 -25.79 5.51 12.87
CA VAL A 192 -25.56 5.22 14.28
C VAL A 192 -24.42 6.08 14.82
N THR A 193 -24.72 6.91 15.81
CA THR A 193 -23.70 7.78 16.39
C THR A 193 -23.18 7.25 17.73
N PHE A 194 -21.95 6.78 17.71
CA PHE A 194 -21.30 6.24 18.90
C PHE A 194 -20.61 7.38 19.65
N THR A 195 -21.25 7.89 20.71
CA THR A 195 -20.70 8.98 21.49
C THR A 195 -19.85 8.45 22.65
N VAL A 196 -18.70 9.10 22.89
CA VAL A 196 -17.81 8.69 23.97
C VAL A 196 -17.18 9.88 24.69
N THR A 197 -17.22 9.84 26.02
CA THR A 197 -16.64 10.89 26.84
C THR A 197 -15.51 10.28 27.66
N PHE A 198 -14.38 10.98 27.74
CA PHE A 198 -13.23 10.46 28.48
C PHE A 198 -12.33 11.57 29.02
N ARG A 199 -11.70 11.32 30.15
CA ARG A 199 -10.80 12.29 30.76
C ARG A 199 -9.43 11.64 30.92
N LYS A 200 -8.45 12.43 31.32
CA LYS A 200 -7.09 11.94 31.50
C LYS A 200 -6.92 11.47 32.95
N LYS A 201 -6.60 10.19 33.12
CA LYS A 201 -6.41 9.62 34.46
C LYS A 201 -5.36 10.38 35.27
N GLY A 202 -5.39 10.19 36.58
CA GLY A 202 -4.44 10.85 37.46
C GLY A 202 -4.66 12.35 37.57
N GLN B 1 -34.83 -9.76 -11.65
CA GLN B 1 -34.06 -9.43 -10.43
C GLN B 1 -32.95 -8.44 -10.73
N ARG B 2 -31.72 -8.81 -10.38
CA ARG B 2 -30.57 -7.94 -10.60
C ARG B 2 -29.65 -8.44 -11.71
N LYS B 3 -30.24 -8.81 -12.84
CA LYS B 3 -29.48 -9.27 -13.98
C LYS B 3 -28.86 -8.02 -14.58
N LEU B 4 -29.41 -6.88 -14.18
CA LEU B 4 -28.96 -5.57 -14.64
C LEU B 4 -27.45 -5.46 -14.61
N TYR B 5 -26.86 -5.76 -13.45
CA TYR B 5 -25.41 -5.68 -13.29
C TYR B 5 -24.66 -6.43 -14.39
N LYS B 6 -25.02 -7.69 -14.61
CA LYS B 6 -24.37 -8.49 -15.64
C LYS B 6 -24.51 -7.87 -17.02
N GLU B 7 -25.60 -7.17 -17.26
CA GLU B 7 -25.83 -6.53 -18.54
C GLU B 7 -25.12 -5.18 -18.65
N LEU B 8 -25.25 -4.37 -17.61
CA LEU B 8 -24.62 -3.05 -17.58
C LEU B 8 -23.15 -3.08 -17.94
N VAL B 9 -22.44 -4.09 -17.44
CA VAL B 9 -21.02 -4.21 -17.71
C VAL B 9 -20.75 -5.37 -18.68
N LYS B 10 -21.58 -5.45 -19.72
CA LYS B 10 -21.43 -6.52 -20.72
C LYS B 10 -20.51 -6.04 -21.84
N ASN B 11 -20.93 -4.98 -22.52
CA ASN B 11 -20.15 -4.41 -23.62
C ASN B 11 -19.67 -3.02 -23.19
N TYR B 12 -19.28 -2.91 -21.93
CA TYR B 12 -18.82 -1.65 -21.38
C TYR B 12 -17.35 -1.66 -21.03
N ASN B 13 -16.63 -0.64 -21.48
CA ASN B 13 -15.20 -0.49 -21.22
C ASN B 13 -15.00 0.85 -20.53
N PRO B 14 -14.73 0.83 -19.21
CA PRO B 14 -14.51 2.03 -18.39
C PRO B 14 -13.38 2.95 -18.81
N ASP B 15 -12.56 2.51 -19.77
CA ASP B 15 -11.44 3.34 -20.23
C ASP B 15 -11.91 4.30 -21.32
N VAL B 16 -13.15 4.13 -21.76
CA VAL B 16 -13.72 4.96 -22.81
C VAL B 16 -14.70 6.01 -22.28
N ILE B 17 -14.43 7.27 -22.55
CA ILE B 17 -15.31 8.34 -22.11
C ILE B 17 -16.57 8.27 -22.96
N PRO B 18 -17.75 8.25 -22.30
CA PRO B 18 -19.06 8.19 -22.95
C PRO B 18 -19.50 9.44 -23.70
N THR B 19 -18.89 9.70 -24.86
CA THR B 19 -19.23 10.88 -25.66
C THR B 19 -20.09 10.57 -26.89
N GLN B 20 -21.06 11.43 -27.17
CA GLN B 20 -21.96 11.24 -28.32
C GLN B 20 -21.81 12.39 -29.31
N ARG B 21 -20.78 12.31 -30.16
CA ARG B 21 -20.46 13.30 -31.19
C ARG B 21 -21.25 14.60 -31.09
N ASP B 22 -20.55 15.68 -30.74
CA ASP B 22 -21.14 17.01 -30.59
C ASP B 22 -21.76 17.15 -29.20
N ARG B 23 -21.75 16.04 -28.46
CA ARG B 23 -22.31 16.01 -27.11
C ARG B 23 -21.25 15.56 -26.09
N PRO B 24 -20.24 16.41 -25.84
CA PRO B 24 -19.18 16.06 -24.89
C PRO B 24 -19.75 15.75 -23.51
N VAL B 25 -19.15 14.79 -22.82
CA VAL B 25 -19.60 14.41 -21.49
C VAL B 25 -19.45 15.57 -20.54
N THR B 26 -20.56 16.07 -20.02
CA THR B 26 -20.53 17.19 -19.10
C THR B 26 -20.57 16.70 -17.66
N VAL B 27 -19.55 17.03 -16.88
CA VAL B 27 -19.48 16.62 -15.49
C VAL B 27 -19.69 17.80 -14.55
N TYR B 28 -20.52 17.61 -13.53
CA TYR B 28 -20.80 18.68 -12.57
C TYR B 28 -19.96 18.55 -11.31
N PHE B 29 -19.08 19.52 -11.11
CA PHE B 29 -18.17 19.54 -9.97
C PHE B 29 -18.81 20.25 -8.77
N SER B 30 -18.22 20.04 -7.59
CA SER B 30 -18.69 20.65 -6.36
C SER B 30 -17.86 20.16 -5.19
N LEU B 31 -17.28 21.09 -4.44
CA LEU B 31 -16.44 20.74 -3.31
C LEU B 31 -17.04 21.22 -1.99
N SER B 32 -17.12 20.30 -1.02
CA SER B 32 -17.65 20.62 0.29
C SER B 32 -16.57 20.44 1.33
N LEU B 33 -15.76 21.48 1.51
CA LEU B 33 -14.65 21.45 2.45
C LEU B 33 -15.14 21.02 3.83
N LEU B 34 -14.53 19.96 4.36
CA LEU B 34 -14.90 19.43 5.67
C LEU B 34 -14.08 20.05 6.81
N GLN B 35 -12.76 20.00 6.69
CA GLN B 35 -11.90 20.55 7.73
C GLN B 35 -10.47 20.76 7.24
N ILE B 36 -9.78 21.72 7.84
CA ILE B 36 -8.40 22.00 7.48
C ILE B 36 -7.49 21.32 8.49
N MET B 37 -7.01 20.13 8.14
CA MET B 37 -6.13 19.34 9.00
C MET B 37 -4.97 20.10 9.59
N ASP B 38 -4.10 20.63 8.72
CA ASP B 38 -2.93 21.35 9.20
C ASP B 38 -2.35 22.27 8.12
N VAL B 39 -1.41 23.11 8.53
CA VAL B 39 -0.75 24.04 7.63
C VAL B 39 0.75 24.08 7.94
N ASP B 40 1.58 23.98 6.91
CA ASP B 40 3.03 24.00 7.09
C ASP B 40 3.62 25.28 6.53
N GLU B 41 3.83 26.26 7.42
CA GLU B 41 4.39 27.54 7.03
C GLU B 41 5.82 27.39 6.49
N LYS B 42 6.47 26.31 6.91
CA LYS B 42 7.85 26.04 6.48
C LYS B 42 7.95 25.69 5.00
N ASN B 43 7.16 24.72 4.55
CA ASN B 43 7.19 24.29 3.16
C ASN B 43 6.01 24.79 2.33
N GLN B 44 5.17 25.63 2.92
CA GLN B 44 4.02 26.18 2.22
C GLN B 44 3.12 25.08 1.66
N VAL B 45 2.26 24.53 2.52
CA VAL B 45 1.34 23.48 2.12
C VAL B 45 0.21 23.32 3.15
N VAL B 46 -0.97 22.92 2.67
CA VAL B 46 -2.12 22.74 3.54
C VAL B 46 -2.70 21.34 3.45
N ASP B 47 -2.98 20.74 4.61
CA ASP B 47 -3.55 19.41 4.66
C ASP B 47 -5.06 19.64 4.85
N VAL B 48 -5.86 19.17 3.91
CA VAL B 48 -7.31 19.38 4.00
C VAL B 48 -8.16 18.15 3.63
N VAL B 49 -9.34 18.07 4.25
CA VAL B 49 -10.29 16.99 4.00
C VAL B 49 -11.51 17.63 3.34
N PHE B 50 -12.17 16.90 2.44
CA PHE B 50 -13.33 17.48 1.75
C PHE B 50 -14.15 16.51 0.91
N TRP B 51 -15.47 16.61 1.00
CA TRP B 51 -16.35 15.76 0.20
C TRP B 51 -16.37 16.40 -1.19
N LEU B 52 -16.14 15.59 -2.22
CA LEU B 52 -16.12 16.13 -3.58
C LEU B 52 -17.23 15.54 -4.46
N GLN B 53 -18.23 16.38 -4.76
CA GLN B 53 -19.38 16.02 -5.59
C GLN B 53 -19.07 15.93 -7.08
N MET B 54 -19.38 14.79 -7.67
CA MET B 54 -19.15 14.57 -9.11
C MET B 54 -20.33 13.83 -9.70
N SER B 55 -20.87 14.37 -10.79
CA SER B 55 -22.01 13.73 -11.44
C SER B 55 -22.02 13.96 -12.94
N TRP B 56 -22.31 12.90 -13.69
CA TRP B 56 -22.38 12.97 -15.15
C TRP B 56 -23.43 11.99 -15.66
N THR B 57 -23.56 11.90 -16.98
CA THR B 57 -24.53 11.00 -17.58
C THR B 57 -23.89 10.06 -18.59
N ASP B 58 -23.78 8.79 -18.22
CA ASP B 58 -23.19 7.77 -19.08
C ASP B 58 -24.27 7.21 -19.98
N HIS B 59 -24.20 7.52 -21.27
CA HIS B 59 -25.20 7.04 -22.23
C HIS B 59 -25.22 5.51 -22.34
N TYR B 60 -24.13 4.87 -21.96
CA TYR B 60 -24.06 3.41 -22.01
C TYR B 60 -24.90 2.81 -20.89
N LEU B 61 -24.71 3.33 -19.68
CA LEU B 61 -25.44 2.87 -18.52
C LEU B 61 -26.86 3.41 -18.47
N GLN B 62 -27.84 2.52 -18.60
CA GLN B 62 -29.24 2.89 -18.55
C GLN B 62 -30.09 1.66 -18.85
N TRP B 63 -31.21 1.54 -18.14
CA TRP B 63 -32.08 0.37 -18.33
C TRP B 63 -33.56 0.72 -18.36
N ASN B 64 -34.35 -0.16 -18.99
CA ASN B 64 -35.79 0.02 -19.10
C ASN B 64 -36.42 -0.29 -17.74
N VAL B 65 -36.98 0.73 -17.11
CA VAL B 65 -37.62 0.58 -15.81
C VAL B 65 -38.56 -0.63 -15.73
N SER B 66 -39.11 -1.02 -16.88
CA SER B 66 -40.03 -2.14 -16.95
C SER B 66 -39.32 -3.49 -16.94
N GLU B 67 -38.47 -3.70 -17.95
CA GLU B 67 -37.71 -4.95 -18.06
C GLU B 67 -37.08 -5.36 -16.74
N TYR B 68 -36.92 -4.40 -15.83
CA TYR B 68 -36.34 -4.66 -14.53
C TYR B 68 -37.34 -4.27 -13.43
N PRO B 69 -37.82 -5.28 -12.68
CA PRO B 69 -38.79 -5.11 -11.59
C PRO B 69 -38.37 -4.22 -10.43
N GLY B 70 -38.87 -2.99 -10.43
CA GLY B 70 -38.59 -2.03 -9.38
C GLY B 70 -37.11 -1.74 -9.10
N VAL B 71 -36.34 -1.50 -10.15
CA VAL B 71 -34.92 -1.20 -10.00
C VAL B 71 -34.68 0.28 -10.26
N LYS B 72 -34.81 1.09 -9.22
CA LYS B 72 -34.61 2.54 -9.31
C LYS B 72 -33.16 2.92 -9.62
N GLN B 73 -32.28 2.65 -8.66
CA GLN B 73 -30.85 2.96 -8.81
C GLN B 73 -30.02 1.84 -8.20
N VAL B 74 -28.75 1.77 -8.58
CA VAL B 74 -27.85 0.74 -8.06
C VAL B 74 -26.48 1.31 -7.70
N SER B 75 -25.84 0.69 -6.71
CA SER B 75 -24.51 1.13 -6.26
C SER B 75 -23.44 0.27 -6.92
N VAL B 76 -22.70 0.88 -7.85
CA VAL B 76 -21.66 0.19 -8.57
C VAL B 76 -20.29 0.77 -8.22
N PRO B 77 -19.27 -0.09 -8.08
CA PRO B 77 -17.92 0.38 -7.75
C PRO B 77 -17.32 1.18 -8.92
N ILE B 78 -16.77 2.35 -8.59
CA ILE B 78 -16.17 3.24 -9.60
C ILE B 78 -15.26 2.56 -10.62
N SER B 79 -14.78 1.36 -10.31
CA SER B 79 -13.89 0.64 -11.20
C SER B 79 -14.63 -0.06 -12.33
N SER B 80 -15.93 -0.29 -12.13
CA SER B 80 -16.74 -0.97 -13.14
C SER B 80 -17.20 -0.05 -14.25
N LEU B 81 -17.32 1.24 -13.95
CA LEU B 81 -17.75 2.21 -14.94
C LEU B 81 -16.74 3.35 -15.10
N TRP B 82 -16.94 4.14 -16.16
CA TRP B 82 -16.06 5.27 -16.45
C TRP B 82 -16.20 6.36 -15.39
N VAL B 83 -15.13 7.12 -15.20
CA VAL B 83 -15.12 8.21 -14.23
C VAL B 83 -14.14 9.28 -14.70
N PRO B 84 -14.51 10.56 -14.51
CA PRO B 84 -13.67 11.69 -14.90
C PRO B 84 -12.24 11.60 -14.35
N ASP B 85 -11.26 11.86 -15.21
CA ASP B 85 -9.86 11.81 -14.81
C ASP B 85 -9.42 13.12 -14.15
N LEU B 86 -10.26 13.64 -13.25
CA LEU B 86 -9.95 14.88 -12.55
C LEU B 86 -8.64 14.76 -11.76
N ALA B 87 -7.89 15.86 -11.73
CA ALA B 87 -6.62 15.87 -11.01
C ALA B 87 -6.41 17.21 -10.31
N ALA B 88 -5.88 17.16 -9.10
CA ALA B 88 -5.63 18.37 -8.34
C ALA B 88 -4.30 18.98 -8.79
N TYR B 89 -4.38 19.80 -9.83
CA TYR B 89 -3.22 20.47 -10.42
C TYR B 89 -2.12 20.89 -9.44
N ASN B 90 -2.51 21.55 -8.36
CA ASN B 90 -1.56 22.04 -7.36
C ASN B 90 -1.35 21.12 -6.16
N ALA B 91 -1.85 19.90 -6.25
CA ALA B 91 -1.69 18.94 -5.16
C ALA B 91 -0.24 18.48 -5.11
N ILE B 92 0.21 18.10 -3.91
CA ILE B 92 1.59 17.64 -3.74
C ILE B 92 1.66 16.27 -3.04
N SER B 93 0.56 15.54 -3.06
CA SER B 93 0.51 14.22 -2.43
C SER B 93 -0.69 13.43 -2.94
N LYS B 94 -0.46 12.15 -3.20
CA LYS B 94 -1.51 11.27 -3.70
C LYS B 94 -2.75 11.42 -2.81
N PRO B 95 -3.94 11.53 -3.43
CA PRO B 95 -5.22 11.67 -2.71
C PRO B 95 -5.64 10.42 -1.95
N GLU B 96 -5.82 10.56 -0.64
CA GLU B 96 -6.23 9.45 0.21
C GLU B 96 -7.74 9.42 0.35
N VAL B 97 -8.39 8.54 -0.40
CA VAL B 97 -9.85 8.42 -0.35
C VAL B 97 -10.27 7.68 0.91
N LEU B 98 -11.15 8.29 1.69
CA LEU B 98 -11.62 7.70 2.95
C LEU B 98 -12.90 6.89 2.82
N THR B 99 -13.82 7.36 1.98
CA THR B 99 -15.10 6.70 1.77
C THR B 99 -15.02 5.55 0.76
N PRO B 100 -16.05 4.67 0.75
CA PRO B 100 -16.10 3.53 -0.17
C PRO B 100 -16.10 3.97 -1.64
N GLN B 101 -15.51 3.15 -2.49
CA GLN B 101 -15.44 3.44 -3.93
C GLN B 101 -16.72 3.07 -4.66
N LEU B 102 -17.82 3.72 -4.31
CA LEU B 102 -19.10 3.43 -4.95
C LEU B 102 -19.78 4.67 -5.52
N ALA B 103 -20.54 4.46 -6.59
CA ALA B 103 -21.28 5.54 -7.25
C ALA B 103 -22.66 5.05 -7.65
N LEU B 104 -23.66 5.89 -7.45
CA LEU B 104 -25.04 5.53 -7.79
C LEU B 104 -25.33 5.84 -9.26
N VAL B 105 -26.40 5.24 -9.80
CA VAL B 105 -26.76 5.46 -11.19
C VAL B 105 -28.28 5.47 -11.43
N ASN B 106 -28.74 6.45 -12.19
CA ASN B 106 -30.16 6.60 -12.54
C ASN B 106 -30.48 5.60 -13.64
N SER B 107 -31.72 5.13 -13.67
CA SER B 107 -32.15 4.18 -14.70
C SER B 107 -31.98 4.87 -16.05
N SER B 108 -31.89 6.19 -16.00
CA SER B 108 -31.73 7.03 -17.18
C SER B 108 -30.27 7.03 -17.60
N GLY B 109 -29.37 7.00 -16.62
CA GLY B 109 -27.95 7.00 -16.93
C GLY B 109 -27.16 8.02 -16.15
N HIS B 110 -27.81 8.66 -15.18
CA HIS B 110 -27.16 9.67 -14.36
C HIS B 110 -26.28 9.03 -13.29
N VAL B 111 -24.97 9.23 -13.39
CA VAL B 111 -24.03 8.68 -12.42
C VAL B 111 -23.60 9.71 -11.40
N GLN B 112 -23.58 9.32 -10.12
CA GLN B 112 -23.17 10.22 -9.05
C GLN B 112 -22.12 9.56 -8.17
N TYR B 113 -21.00 10.24 -7.99
CA TYR B 113 -19.89 9.75 -7.20
C TYR B 113 -19.38 10.84 -6.28
N LEU B 114 -19.51 10.65 -4.98
CA LEU B 114 -19.06 11.63 -4.01
C LEU B 114 -18.13 10.99 -2.99
N PRO B 115 -16.82 10.97 -3.30
CA PRO B 115 -15.82 10.38 -2.40
C PRO B 115 -15.21 11.37 -1.42
N SER B 116 -14.96 10.89 -0.21
CA SER B 116 -14.34 11.69 0.85
C SER B 116 -12.84 11.67 0.60
N ILE B 117 -12.20 12.82 0.61
CA ILE B 117 -10.77 12.86 0.32
C ILE B 117 -9.93 13.73 1.26
N ARG B 118 -8.71 13.27 1.53
CA ARG B 118 -7.76 14.00 2.36
C ARG B 118 -6.57 14.16 1.44
N GLN B 119 -6.02 15.37 1.35
CA GLN B 119 -4.90 15.61 0.46
C GLN B 119 -4.21 16.93 0.77
N ARG B 120 -2.93 17.02 0.45
CA ARG B 120 -2.16 18.24 0.70
C ARG B 120 -1.84 18.96 -0.61
N PHE B 121 -2.10 20.26 -0.64
CA PHE B 121 -1.85 21.07 -1.83
C PHE B 121 -0.81 22.15 -1.54
N SER B 122 -0.07 22.53 -2.57
CA SER B 122 0.93 23.57 -2.42
C SER B 122 0.21 24.90 -2.27
N CYS B 123 0.50 25.62 -1.19
CA CYS B 123 -0.16 26.90 -0.96
C CYS B 123 0.54 27.78 0.08
N ASP B 124 0.46 29.10 -0.14
CA ASP B 124 1.07 30.06 0.77
C ASP B 124 0.23 30.19 2.03
N VAL B 125 0.80 29.80 3.16
CA VAL B 125 0.09 29.88 4.43
C VAL B 125 0.81 30.81 5.40
N SER B 126 1.69 31.65 4.86
CA SER B 126 2.44 32.59 5.68
C SER B 126 1.54 33.57 6.43
N GLY B 127 0.48 34.03 5.76
CA GLY B 127 -0.42 34.98 6.40
C GLY B 127 -1.64 34.31 7.02
N VAL B 128 -1.43 33.22 7.74
CA VAL B 128 -2.53 32.49 8.37
C VAL B 128 -2.80 32.99 9.78
N ASP B 129 -1.80 33.62 10.39
CA ASP B 129 -1.93 34.16 11.74
C ASP B 129 -2.51 35.57 11.73
N THR B 130 -2.38 36.25 10.59
CA THR B 130 -2.90 37.61 10.45
C THR B 130 -4.42 37.57 10.40
N GLU B 131 -5.07 38.62 10.87
CA GLU B 131 -6.53 38.67 10.88
C GLU B 131 -7.05 38.67 9.45
N SER B 132 -6.20 39.06 8.49
CA SER B 132 -6.58 39.09 7.09
C SER B 132 -6.68 37.65 6.59
N GLY B 133 -5.83 36.79 7.13
CA GLY B 133 -5.85 35.38 6.75
C GLY B 133 -5.16 35.04 5.45
N ALA B 134 -4.71 33.78 5.35
CA ALA B 134 -4.04 33.29 4.16
C ALA B 134 -5.08 32.66 3.24
N THR B 135 -4.75 32.51 1.96
CA THR B 135 -5.68 31.94 1.00
C THR B 135 -5.07 30.84 0.14
N CYS B 136 -5.86 29.82 -0.12
CA CYS B 136 -5.41 28.69 -0.94
C CYS B 136 -6.34 28.45 -2.12
N LYS B 137 -5.76 28.12 -3.26
CA LYS B 137 -6.52 27.85 -4.48
C LYS B 137 -6.34 26.40 -4.88
N LEU B 138 -7.42 25.63 -4.82
CA LEU B 138 -7.37 24.22 -5.19
C LEU B 138 -7.91 24.05 -6.60
N LYS B 139 -7.01 24.14 -7.58
CA LYS B 139 -7.38 24.01 -8.98
C LYS B 139 -7.54 22.54 -9.40
N PHE B 140 -8.71 22.23 -9.95
CA PHE B 140 -9.02 20.88 -10.41
C PHE B 140 -9.34 20.90 -11.89
N GLY B 141 -9.31 19.74 -12.54
CA GLY B 141 -9.59 19.69 -13.96
C GLY B 141 -9.14 18.42 -14.64
N SER B 142 -9.74 18.11 -15.78
CA SER B 142 -9.40 16.91 -16.53
C SER B 142 -7.89 16.86 -16.70
N TRP B 143 -7.36 15.68 -17.00
CA TRP B 143 -5.93 15.52 -17.17
C TRP B 143 -5.57 15.14 -18.60
N THR B 144 -6.53 14.58 -19.33
CA THR B 144 -6.28 14.17 -20.70
C THR B 144 -7.46 14.50 -21.61
N HIS B 145 -8.35 15.36 -21.13
CA HIS B 145 -9.51 15.74 -21.92
C HIS B 145 -9.75 17.24 -21.93
N HIS B 146 -10.35 17.74 -23.01
CA HIS B 146 -10.65 19.16 -23.13
C HIS B 146 -12.16 19.38 -23.27
N SER B 147 -12.54 20.62 -23.59
CA SER B 147 -13.95 20.98 -23.72
C SER B 147 -14.76 20.11 -24.68
N ARG B 148 -14.16 19.70 -25.78
CA ARG B 148 -14.88 18.89 -26.75
C ARG B 148 -15.06 17.44 -26.33
N GLU B 149 -14.18 16.95 -25.47
CA GLU B 149 -14.27 15.58 -25.00
C GLU B 149 -15.00 15.52 -23.65
N LEU B 150 -14.64 16.41 -22.75
CA LEU B 150 -15.25 16.45 -21.43
C LEU B 150 -15.37 17.88 -20.91
N ASP B 151 -16.60 18.34 -20.75
CA ASP B 151 -16.84 19.69 -20.24
C ASP B 151 -16.99 19.63 -18.73
N LEU B 152 -16.32 20.55 -18.04
CA LEU B 152 -16.37 20.56 -16.59
C LEU B 152 -17.16 21.77 -16.09
N GLN B 153 -18.41 21.53 -15.69
CA GLN B 153 -19.27 22.58 -15.17
C GLN B 153 -19.43 22.42 -13.67
N MET B 154 -19.38 23.53 -12.93
CA MET B 154 -19.52 23.48 -11.48
C MET B 154 -20.94 23.73 -11.02
N GLN B 155 -21.12 23.83 -9.71
CA GLN B 155 -22.41 24.09 -9.11
C GLN B 155 -22.22 24.75 -7.73
N GLU B 156 -23.26 24.69 -6.90
CA GLU B 156 -23.22 25.31 -5.58
C GLU B 156 -22.05 24.84 -4.72
N ALA B 157 -21.25 25.80 -4.27
CA ALA B 157 -20.11 25.50 -3.40
C ALA B 157 -20.66 25.31 -1.99
N ASP B 158 -19.98 24.54 -1.17
CA ASP B 158 -20.46 24.31 0.20
C ASP B 158 -19.45 24.63 1.29
N ILE B 159 -19.94 25.20 2.39
CA ILE B 159 -19.13 25.56 3.53
C ILE B 159 -19.92 25.09 4.76
N SER B 160 -21.03 24.42 4.49
CA SER B 160 -21.93 23.91 5.51
C SER B 160 -21.35 22.80 6.37
N GLY B 161 -20.74 21.81 5.72
CA GLY B 161 -20.17 20.70 6.45
C GLY B 161 -18.79 20.92 7.06
N TYR B 162 -18.44 22.17 7.35
CA TYR B 162 -17.13 22.46 7.93
C TYR B 162 -17.14 22.32 9.46
N ILE B 163 -16.18 21.58 9.98
CA ILE B 163 -16.05 21.35 11.42
C ILE B 163 -15.88 22.67 12.19
N PRO B 164 -16.85 23.00 13.05
CA PRO B 164 -16.86 24.22 13.87
C PRO B 164 -15.66 24.39 14.80
N TYR B 165 -15.44 23.41 15.66
CA TYR B 165 -14.35 23.45 16.63
C TYR B 165 -12.94 23.40 16.03
N SER B 166 -12.83 23.61 14.73
CA SER B 166 -11.53 23.59 14.06
C SER B 166 -10.69 24.78 14.52
N ARG B 167 -9.39 24.55 14.68
CA ARG B 167 -8.48 25.61 15.12
C ARG B 167 -8.48 26.77 14.13
N PHE B 168 -9.01 26.53 12.94
CA PHE B 168 -9.06 27.55 11.90
C PHE B 168 -10.51 27.93 11.58
N GLU B 169 -10.72 29.19 11.22
CA GLU B 169 -12.05 29.66 10.88
C GLU B 169 -12.09 30.20 9.45
N LEU B 170 -13.03 29.68 8.66
CA LEU B 170 -13.17 30.11 7.27
C LEU B 170 -13.74 31.51 7.19
N VAL B 171 -13.06 32.39 6.47
CA VAL B 171 -13.51 33.76 6.30
C VAL B 171 -14.19 33.93 4.95
N GLY B 172 -13.95 33.00 4.04
CA GLY B 172 -14.54 33.07 2.73
C GLY B 172 -14.19 31.88 1.85
N VAL B 173 -15.12 31.50 0.99
CA VAL B 173 -14.93 30.38 0.07
C VAL B 173 -15.42 30.75 -1.32
N THR B 174 -14.55 30.65 -2.32
CA THR B 174 -14.92 31.00 -3.68
C THR B 174 -14.66 29.88 -4.68
N GLN B 175 -15.74 29.33 -5.22
CA GLN B 175 -15.62 28.26 -6.21
C GLN B 175 -16.00 28.84 -7.56
N LYS B 176 -15.04 28.90 -8.48
CA LYS B 176 -15.29 29.44 -9.80
C LYS B 176 -14.72 28.60 -10.94
N ARG B 177 -15.51 28.46 -12.00
CA ARG B 177 -15.10 27.71 -13.18
C ARG B 177 -14.40 28.64 -14.16
N SER B 178 -13.50 28.09 -14.98
CA SER B 178 -12.77 28.90 -15.94
C SER B 178 -12.08 28.06 -17.02
N GLU B 179 -11.97 28.61 -18.23
CA GLU B 179 -11.34 27.91 -19.33
C GLU B 179 -9.99 28.53 -19.69
N ARG B 180 -9.17 27.77 -20.42
CA ARG B 180 -7.84 28.24 -20.82
C ARG B 180 -7.39 27.58 -22.13
N PHE B 181 -7.13 28.39 -23.14
CA PHE B 181 -6.70 27.89 -24.43
C PHE B 181 -5.20 27.64 -24.45
N TYR B 182 -4.76 26.75 -25.33
CA TYR B 182 -3.34 26.44 -25.45
C TYR B 182 -2.93 26.44 -26.91
N GLU B 183 -1.63 26.56 -27.15
CA GLU B 183 -1.08 26.59 -28.50
C GLU B 183 -1.30 25.24 -29.18
N CYS B 184 -2.57 24.93 -29.41
CA CYS B 184 -3.01 23.69 -30.05
C CYS B 184 -4.47 23.57 -29.70
N CYS B 185 -5.06 22.51 -30.21
CA CYS B 185 -6.41 22.19 -29.84
C CYS B 185 -7.36 23.39 -29.81
N LYS B 186 -8.05 23.64 -30.93
CA LYS B 186 -8.99 24.74 -31.04
C LYS B 186 -9.88 24.86 -29.80
N GLU B 187 -10.18 23.71 -29.19
CA GLU B 187 -11.04 23.68 -28.00
C GLU B 187 -10.25 24.07 -26.76
N PRO B 188 -10.90 24.79 -25.83
CA PRO B 188 -10.24 25.23 -24.59
C PRO B 188 -10.08 24.08 -23.59
N TYR B 189 -9.54 24.41 -22.41
CA TYR B 189 -9.32 23.41 -21.35
C TYR B 189 -9.91 23.93 -20.04
N PRO B 190 -11.13 23.50 -19.70
CA PRO B 190 -11.81 23.92 -18.46
C PRO B 190 -11.13 23.43 -17.19
N ASP B 191 -11.50 24.06 -16.07
CA ASP B 191 -10.96 23.71 -14.76
C ASP B 191 -11.71 24.50 -13.68
N VAL B 192 -11.94 23.87 -12.53
CA VAL B 192 -12.63 24.53 -11.44
C VAL B 192 -11.67 24.83 -10.31
N THR B 193 -11.53 26.12 -9.97
CA THR B 193 -10.62 26.53 -8.91
C THR B 193 -11.36 26.86 -7.62
N PHE B 194 -11.21 26.00 -6.63
CA PHE B 194 -11.85 26.18 -5.33
C PHE B 194 -10.94 27.00 -4.43
N THR B 195 -11.23 28.30 -4.32
CA THR B 195 -10.44 29.20 -3.48
C THR B 195 -10.96 29.25 -2.05
N VAL B 196 -10.05 29.24 -1.09
CA VAL B 196 -10.43 29.30 0.32
C VAL B 196 -9.49 30.18 1.15
N THR B 197 -10.09 31.04 1.97
CA THR B 197 -9.32 31.93 2.83
C THR B 197 -9.66 31.57 4.27
N PHE B 198 -8.63 31.51 5.13
CA PHE B 198 -8.85 31.16 6.53
C PHE B 198 -7.79 31.74 7.45
N ARG B 199 -8.21 32.04 8.69
CA ARG B 199 -7.28 32.58 9.68
C ARG B 199 -7.28 31.66 10.89
N LYS B 200 -6.37 31.93 11.83
CA LYS B 200 -6.26 31.13 13.03
C LYS B 200 -7.15 31.73 14.12
N LYS B 201 -8.11 30.95 14.60
CA LYS B 201 -9.03 31.41 15.63
C LYS B 201 -8.30 31.89 16.88
N GLY B 202 -9.00 32.66 17.71
CA GLY B 202 -8.41 33.19 18.93
C GLY B 202 -7.35 34.23 18.69
N GLN C 1 -17.71 3.19 -33.31
CA GLN C 1 -17.31 4.35 -32.47
C GLN C 1 -16.00 4.10 -31.71
N ARG C 2 -16.05 3.27 -30.66
CA ARG C 2 -14.83 3.01 -29.92
C ARG C 2 -14.44 1.55 -29.81
N LYS C 3 -14.51 0.85 -30.94
CA LYS C 3 -14.13 -0.56 -30.99
C LYS C 3 -12.61 -0.55 -30.96
N LEU C 4 -12.05 0.62 -31.25
CA LEU C 4 -10.61 0.84 -31.28
C LEU C 4 -9.93 0.22 -30.06
N TYR C 5 -10.41 0.57 -28.88
CA TYR C 5 -9.84 0.05 -27.63
C TYR C 5 -9.72 -1.47 -27.65
N LYS C 6 -10.80 -2.16 -27.96
CA LYS C 6 -10.79 -3.61 -28.00
C LYS C 6 -9.77 -4.16 -28.99
N GLU C 7 -9.52 -3.41 -30.06
CA GLU C 7 -8.56 -3.83 -31.07
C GLU C 7 -7.13 -3.47 -30.68
N LEU C 8 -6.93 -2.24 -30.22
CA LEU C 8 -5.62 -1.76 -29.82
C LEU C 8 -4.92 -2.71 -28.86
N VAL C 9 -5.67 -3.26 -27.92
CA VAL C 9 -5.10 -4.19 -26.95
C VAL C 9 -5.55 -5.61 -27.23
N LYS C 10 -5.52 -6.01 -28.49
CA LYS C 10 -5.92 -7.35 -28.89
C LYS C 10 -4.72 -8.27 -28.88
N ASN C 11 -3.72 -7.96 -29.71
CA ASN C 11 -2.50 -8.74 -29.80
C ASN C 11 -1.34 -7.89 -29.28
N TYR C 12 -1.62 -7.15 -28.22
CA TYR C 12 -0.61 -6.27 -27.63
C TYR C 12 -0.19 -6.72 -26.24
N ASN C 13 1.13 -6.79 -26.03
CA ASN C 13 1.69 -7.19 -24.75
C ASN C 13 2.60 -6.06 -24.27
N PRO C 14 2.15 -5.29 -23.27
CA PRO C 14 2.89 -4.15 -22.70
C PRO C 14 4.27 -4.45 -22.12
N ASP C 15 4.63 -5.73 -22.03
CA ASP C 15 5.93 -6.09 -21.49
C ASP C 15 6.99 -6.09 -22.59
N VAL C 16 6.53 -5.90 -23.83
CA VAL C 16 7.42 -5.90 -24.98
C VAL C 16 7.68 -4.50 -25.51
N ILE C 17 8.94 -4.10 -25.57
CA ILE C 17 9.29 -2.78 -26.09
C ILE C 17 9.06 -2.81 -27.60
N PRO C 18 8.29 -1.85 -28.12
CA PRO C 18 7.96 -1.72 -29.54
C PRO C 18 9.10 -1.39 -30.50
N THR C 19 10.08 -2.29 -30.58
CA THR C 19 11.21 -2.08 -31.48
C THR C 19 10.84 -2.68 -32.83
N GLN C 20 11.48 -2.19 -33.89
CA GLN C 20 11.21 -2.68 -35.24
C GLN C 20 12.47 -2.98 -36.04
N ARG C 21 13.13 -4.08 -35.72
CA ARG C 21 14.34 -4.48 -36.43
C ARG C 21 15.25 -3.30 -36.74
N ASP C 22 16.17 -3.01 -35.83
CA ASP C 22 17.13 -1.92 -35.96
C ASP C 22 16.60 -0.51 -35.73
N ARG C 23 15.30 -0.40 -35.44
CA ARG C 23 14.72 0.91 -35.16
C ARG C 23 14.50 0.96 -33.65
N PRO C 24 15.50 1.42 -32.89
CA PRO C 24 15.26 1.45 -31.45
C PRO C 24 14.20 2.49 -31.06
N VAL C 25 13.37 2.14 -30.09
CA VAL C 25 12.33 3.04 -29.62
C VAL C 25 12.96 4.28 -29.02
N THR C 26 12.72 5.42 -29.62
CA THR C 26 13.28 6.67 -29.13
C THR C 26 12.26 7.41 -28.26
N VAL C 27 12.63 7.66 -27.01
CA VAL C 27 11.75 8.34 -26.07
C VAL C 27 12.26 9.74 -25.77
N TYR C 28 11.36 10.71 -25.81
CA TYR C 28 11.73 12.09 -25.54
C TYR C 28 11.44 12.50 -24.10
N PHE C 29 12.51 12.77 -23.36
CA PHE C 29 12.41 13.15 -21.96
C PHE C 29 12.25 14.66 -21.79
N SER C 30 11.84 15.08 -20.60
CA SER C 30 11.65 16.50 -20.29
C SER C 30 11.11 16.63 -18.87
N LEU C 31 11.80 17.40 -18.04
CA LEU C 31 11.37 17.59 -16.66
C LEU C 31 10.99 19.04 -16.38
N SER C 32 9.82 19.23 -15.78
CA SER C 32 9.33 20.55 -15.44
C SER C 32 9.19 20.65 -13.93
N LEU C 33 10.29 20.98 -13.26
CA LEU C 33 10.31 21.10 -11.80
C LEU C 33 9.20 22.03 -11.33
N LEU C 34 8.36 21.51 -10.44
CA LEU C 34 7.24 22.28 -9.90
C LEU C 34 7.61 23.03 -8.62
N GLN C 35 8.14 22.31 -7.65
CA GLN C 35 8.51 22.93 -6.38
C GLN C 35 9.44 22.05 -5.56
N ILE C 36 10.26 22.68 -4.73
CA ILE C 36 11.19 21.96 -3.87
C ILE C 36 10.58 21.85 -2.47
N MET C 37 9.94 20.72 -2.21
CA MET C 37 9.28 20.46 -0.94
C MET C 37 10.13 20.75 0.28
N ASP C 38 11.26 20.05 0.41
CA ASP C 38 12.12 20.25 1.55
C ASP C 38 13.55 19.76 1.29
N VAL C 39 14.45 20.07 2.21
CA VAL C 39 15.84 19.65 2.12
C VAL C 39 16.33 19.20 3.49
N ASP C 40 17.00 18.06 3.53
CA ASP C 40 17.51 17.52 4.79
C ASP C 40 19.03 17.58 4.82
N GLU C 41 19.55 18.64 5.44
CA GLU C 41 20.99 18.84 5.54
C GLU C 41 21.65 17.72 6.36
N LYS C 42 20.85 17.09 7.22
CA LYS C 42 21.35 16.01 8.07
C LYS C 42 21.71 14.76 7.29
N ASN C 43 20.78 14.28 6.47
CA ASN C 43 21.01 13.07 5.70
C ASN C 43 21.29 13.32 4.23
N GLN C 44 21.41 14.59 3.85
CA GLN C 44 21.68 14.95 2.46
C GLN C 44 20.65 14.37 1.50
N VAL C 45 19.51 15.04 1.38
CA VAL C 45 18.44 14.60 0.49
C VAL C 45 17.45 15.74 0.23
N VAL C 46 16.85 15.74 -0.96
CA VAL C 46 15.89 16.77 -1.34
C VAL C 46 14.54 16.18 -1.74
N ASP C 47 13.48 16.77 -1.22
CA ASP C 47 12.12 16.32 -1.53
C ASP C 47 11.65 17.27 -2.61
N VAL C 48 11.31 16.74 -3.79
CA VAL C 48 10.88 17.59 -4.89
C VAL C 48 9.70 17.05 -5.69
N VAL C 49 8.90 17.98 -6.24
CA VAL C 49 7.74 17.64 -7.05
C VAL C 49 8.03 18.10 -8.47
N PHE C 50 7.51 17.40 -9.47
CA PHE C 50 7.75 17.76 -10.86
C PHE C 50 6.98 16.95 -11.89
N TRP C 51 6.52 17.62 -12.94
CA TRP C 51 5.81 16.95 -14.02
C TRP C 51 6.92 16.30 -14.83
N LEU C 52 6.64 15.15 -15.45
CA LEU C 52 7.66 14.47 -16.24
C LEU C 52 7.18 14.14 -17.64
N GLN C 53 7.63 14.93 -18.61
CA GLN C 53 7.24 14.73 -20.00
C GLN C 53 7.91 13.52 -20.64
N MET C 54 7.10 12.61 -21.14
CA MET C 54 7.60 11.41 -21.79
C MET C 54 6.77 11.11 -23.03
N SER C 55 7.42 10.93 -24.17
CA SER C 55 6.73 10.66 -25.41
C SER C 55 7.54 9.77 -26.36
N TRP C 56 6.85 8.79 -26.95
CA TRP C 56 7.49 7.86 -27.87
C TRP C 56 6.47 7.44 -28.94
N THR C 57 6.87 6.55 -29.83
CA THR C 57 5.98 6.09 -30.88
C THR C 57 5.88 4.58 -30.91
N ASP C 58 4.72 4.06 -30.50
CA ASP C 58 4.47 2.63 -30.47
C ASP C 58 3.93 2.18 -31.83
N HIS C 59 4.75 1.44 -32.57
CA HIS C 59 4.35 0.99 -33.91
C HIS C 59 3.13 0.06 -33.86
N TYR C 60 2.88 -0.55 -32.71
CA TYR C 60 1.73 -1.44 -32.57
C TYR C 60 0.45 -0.62 -32.51
N LEU C 61 0.45 0.41 -31.68
CA LEU C 61 -0.70 1.29 -31.51
C LEU C 61 -0.83 2.29 -32.65
N GLN C 62 -1.90 2.15 -33.44
CA GLN C 62 -2.16 3.04 -34.55
C GLN C 62 -3.38 2.56 -35.30
N TRP C 63 -4.23 3.48 -35.76
CA TRP C 63 -5.44 3.10 -36.47
C TRP C 63 -5.73 3.97 -37.68
N ASN C 64 -6.50 3.40 -38.61
CA ASN C 64 -6.88 4.10 -39.84
C ASN C 64 -7.94 5.14 -39.49
N VAL C 65 -7.59 6.41 -39.64
CA VAL C 65 -8.49 7.51 -39.35
C VAL C 65 -9.88 7.32 -39.95
N SER C 66 -9.96 6.57 -41.06
CA SER C 66 -11.23 6.32 -41.73
C SER C 66 -12.05 5.23 -41.04
N GLU C 67 -11.48 4.03 -40.96
CA GLU C 67 -12.16 2.90 -40.34
C GLU C 67 -12.80 3.28 -39.00
N TYR C 68 -12.31 4.36 -38.40
CA TYR C 68 -12.82 4.85 -37.13
C TYR C 68 -13.35 6.27 -37.29
N PRO C 69 -14.67 6.45 -37.14
CA PRO C 69 -15.36 7.73 -37.27
C PRO C 69 -14.93 8.84 -36.30
N GLY C 70 -14.11 9.77 -36.81
CA GLY C 70 -13.65 10.90 -36.02
C GLY C 70 -12.95 10.57 -34.71
N VAL C 71 -12.00 9.63 -34.74
CA VAL C 71 -11.27 9.24 -33.55
C VAL C 71 -9.83 9.78 -33.64
N LYS C 72 -9.64 11.00 -33.18
CA LYS C 72 -8.34 11.67 -33.21
C LYS C 72 -7.33 11.00 -32.27
N GLN C 73 -7.60 11.09 -30.97
CA GLN C 73 -6.73 10.50 -29.96
C GLN C 73 -7.56 9.90 -28.83
N VAL C 74 -6.95 9.01 -28.05
CA VAL C 74 -7.67 8.38 -26.94
C VAL C 74 -6.80 8.31 -25.69
N SER C 75 -7.46 8.34 -24.52
CA SER C 75 -6.76 8.28 -23.24
C SER C 75 -6.77 6.85 -22.72
N VAL C 76 -5.60 6.22 -22.74
CA VAL C 76 -5.45 4.84 -22.28
C VAL C 76 -4.57 4.77 -21.04
N PRO C 77 -4.94 3.93 -20.07
CA PRO C 77 -4.15 3.78 -18.84
C PRO C 77 -2.78 3.16 -19.13
N ILE C 78 -1.74 3.78 -18.59
CA ILE C 78 -0.37 3.31 -18.80
C ILE C 78 -0.13 1.81 -18.64
N SER C 79 -1.06 1.14 -17.97
CA SER C 79 -0.93 -0.30 -17.75
C SER C 79 -1.35 -1.13 -18.97
N SER C 80 -2.13 -0.52 -19.86
CA SER C 80 -2.60 -1.20 -21.05
C SER C 80 -1.57 -1.24 -22.17
N LEU C 81 -0.68 -0.26 -22.18
CA LEU C 81 0.36 -0.19 -23.20
C LEU C 81 1.76 -0.13 -22.60
N TRP C 82 2.76 -0.31 -23.46
CA TRP C 82 4.15 -0.29 -23.03
C TRP C 82 4.55 1.12 -22.59
N VAL C 83 5.52 1.18 -21.68
CA VAL C 83 6.02 2.46 -21.18
C VAL C 83 7.48 2.28 -20.76
N PRO C 84 8.32 3.30 -21.05
CA PRO C 84 9.75 3.27 -20.71
C PRO C 84 10.01 2.95 -19.24
N ASP C 85 10.95 2.04 -19.00
CA ASP C 85 11.32 1.64 -17.64
C ASP C 85 12.29 2.62 -17.02
N LEU C 86 12.02 3.92 -17.17
CA LEU C 86 12.89 4.95 -16.61
C LEU C 86 12.99 4.81 -15.09
N ALA C 87 14.17 5.10 -14.56
CA ALA C 87 14.40 5.01 -13.12
C ALA C 87 15.29 6.15 -12.64
N ALA C 88 14.95 6.74 -11.50
CA ALA C 88 15.73 7.83 -10.93
C ALA C 88 16.90 7.22 -10.18
N TYR C 89 18.03 7.07 -10.87
CA TYR C 89 19.21 6.48 -10.29
C TYR C 89 19.53 6.94 -8.87
N ASN C 90 19.69 8.24 -8.68
CA ASN C 90 20.00 8.78 -7.35
C ASN C 90 18.81 8.94 -6.42
N ALA C 91 17.67 8.37 -6.77
CA ALA C 91 16.49 8.48 -5.92
C ALA C 91 16.65 7.58 -4.71
N ILE C 92 16.03 7.97 -3.60
CA ILE C 92 16.12 7.19 -2.37
C ILE C 92 14.76 6.87 -1.78
N SER C 93 13.72 6.96 -2.60
CA SER C 93 12.36 6.67 -2.15
C SER C 93 11.45 6.44 -3.35
N LYS C 94 10.58 5.43 -3.22
CA LYS C 94 9.65 5.08 -4.29
C LYS C 94 8.91 6.34 -4.74
N PRO C 95 8.79 6.54 -6.07
CA PRO C 95 8.11 7.70 -6.66
C PRO C 95 6.60 7.71 -6.43
N GLU C 96 6.11 8.77 -5.78
CA GLU C 96 4.69 8.91 -5.52
C GLU C 96 4.01 9.69 -6.63
N VAL C 97 3.33 8.98 -7.53
CA VAL C 97 2.64 9.62 -8.63
C VAL C 97 1.34 10.27 -8.15
N LEU C 98 1.19 11.56 -8.43
CA LEU C 98 0.00 12.30 -8.00
C LEU C 98 -1.12 12.35 -9.02
N THR C 99 -0.75 12.47 -10.30
CA THR C 99 -1.72 12.55 -11.37
C THR C 99 -2.23 11.18 -11.84
N PRO C 100 -3.35 11.16 -12.58
CA PRO C 100 -3.93 9.90 -13.08
C PRO C 100 -2.98 9.15 -14.01
N GLN C 101 -3.07 7.83 -13.99
CA GLN C 101 -2.22 6.98 -14.82
C GLN C 101 -2.73 6.88 -16.25
N LEU C 102 -2.81 8.01 -16.94
CA LEU C 102 -3.28 8.03 -18.32
C LEU C 102 -2.21 8.52 -19.29
N ALA C 103 -2.42 8.23 -20.57
CA ALA C 103 -1.50 8.64 -21.61
C ALA C 103 -2.25 8.73 -22.94
N LEU C 104 -2.01 9.80 -23.69
CA LEU C 104 -2.69 9.99 -24.97
C LEU C 104 -1.96 9.29 -26.10
N VAL C 105 -2.66 9.04 -27.20
CA VAL C 105 -2.06 8.38 -28.37
C VAL C 105 -2.57 8.92 -29.70
N ASN C 106 -1.63 9.16 -30.61
CA ASN C 106 -1.93 9.66 -31.95
C ASN C 106 -2.43 8.50 -32.79
N SER C 107 -3.30 8.80 -33.76
CA SER C 107 -3.82 7.76 -34.63
C SER C 107 -2.63 7.15 -35.37
N SER C 108 -1.53 7.89 -35.38
CA SER C 108 -0.29 7.47 -36.03
C SER C 108 0.47 6.50 -35.13
N GLY C 109 0.39 6.73 -33.83
CA GLY C 109 1.07 5.87 -32.89
C GLY C 109 1.92 6.61 -31.87
N HIS C 110 1.78 7.94 -31.85
CA HIS C 110 2.54 8.76 -30.92
C HIS C 110 1.91 8.73 -29.52
N VAL C 111 2.64 8.17 -28.57
CA VAL C 111 2.15 8.07 -27.19
C VAL C 111 2.75 9.17 -26.31
N GLN C 112 1.89 9.82 -25.53
CA GLN C 112 2.32 10.89 -24.63
C GLN C 112 1.92 10.55 -23.19
N TYR C 113 2.85 10.75 -22.26
CA TYR C 113 2.60 10.48 -20.85
C TYR C 113 3.29 11.53 -19.99
N LEU C 114 2.49 12.32 -19.28
CA LEU C 114 3.01 13.37 -18.42
C LEU C 114 2.50 13.16 -17.00
N PRO C 115 3.24 12.40 -16.18
CA PRO C 115 2.84 12.12 -14.80
C PRO C 115 3.44 13.05 -13.76
N SER C 116 2.62 13.50 -12.82
CA SER C 116 3.07 14.37 -11.74
C SER C 116 3.73 13.48 -10.70
N ILE C 117 4.94 13.85 -10.28
CA ILE C 117 5.65 13.02 -9.31
C ILE C 117 6.31 13.76 -8.16
N ARG C 118 6.30 13.12 -7.00
CA ARG C 118 6.94 13.66 -5.81
C ARG C 118 7.93 12.56 -5.42
N GLN C 119 9.17 12.92 -5.15
CA GLN C 119 10.18 11.93 -4.82
C GLN C 119 11.41 12.57 -4.19
N ARG C 120 12.13 11.81 -3.36
CA ARG C 120 13.33 12.32 -2.72
C ARG C 120 14.58 11.68 -3.31
N PHE C 121 15.57 12.51 -3.64
CA PHE C 121 16.80 12.03 -4.22
C PHE C 121 17.99 12.36 -3.32
N SER C 122 19.02 11.52 -3.38
CA SER C 122 20.22 11.74 -2.58
C SER C 122 20.95 12.94 -3.18
N CYS C 123 21.22 13.94 -2.35
CA CYS C 123 21.92 15.13 -2.83
C CYS C 123 22.49 16.01 -1.73
N ASP C 124 23.63 16.64 -2.03
CA ASP C 124 24.31 17.51 -1.08
C ASP C 124 23.57 18.84 -0.99
N VAL C 125 23.01 19.12 0.17
CA VAL C 125 22.28 20.36 0.37
C VAL C 125 22.93 21.22 1.44
N SER C 126 24.18 20.92 1.76
CA SER C 126 24.93 21.66 2.77
C SER C 126 25.07 23.14 2.42
N GLY C 127 25.30 23.44 1.16
CA GLY C 127 25.46 24.82 0.74
C GLY C 127 24.18 25.43 0.19
N VAL C 128 23.07 25.20 0.89
CA VAL C 128 21.78 25.74 0.46
C VAL C 128 21.52 27.12 1.06
N ASP C 129 22.20 27.42 2.16
CA ASP C 129 22.03 28.70 2.83
C ASP C 129 22.96 29.76 2.25
N THR C 130 24.03 29.31 1.61
CA THR C 130 24.99 30.21 1.00
C THR C 130 24.37 30.87 -0.23
N GLU C 131 24.80 32.09 -0.54
CA GLU C 131 24.26 32.79 -1.70
C GLU C 131 24.65 32.06 -2.99
N SER C 132 25.69 31.23 -2.91
CA SER C 132 26.13 30.46 -4.06
C SER C 132 25.11 29.36 -4.34
N GLY C 133 24.51 28.84 -3.27
CA GLY C 133 23.50 27.80 -3.38
C GLY C 133 24.02 26.39 -3.59
N ALA C 134 23.20 25.41 -3.19
CA ALA C 134 23.56 24.01 -3.34
C ALA C 134 23.00 23.51 -4.66
N THR C 135 23.54 22.40 -5.16
CA THR C 135 23.09 21.85 -6.43
C THR C 135 22.77 20.36 -6.37
N CYS C 136 21.72 19.96 -7.08
CA CYS C 136 21.31 18.56 -7.12
C CYS C 136 21.23 18.06 -8.55
N LYS C 137 21.66 16.82 -8.76
CA LYS C 137 21.63 16.20 -10.07
C LYS C 137 20.67 15.01 -10.05
N LEU C 138 19.58 15.12 -10.82
CA LEU C 138 18.59 14.06 -10.88
C LEU C 138 18.81 13.24 -12.15
N LYS C 139 19.64 12.21 -12.04
CA LYS C 139 19.96 11.35 -13.17
C LYS C 139 18.86 10.31 -13.43
N PHE C 140 18.36 10.30 -14.66
CA PHE C 140 17.32 9.36 -15.07
C PHE C 140 17.82 8.51 -16.23
N GLY C 141 17.15 7.40 -16.49
CA GLY C 141 17.57 6.54 -17.57
C GLY C 141 16.97 5.14 -17.51
N SER C 142 16.95 4.46 -18.65
CA SER C 142 16.41 3.11 -18.71
C SER C 142 17.11 2.29 -17.66
N TRP C 143 16.45 1.24 -17.17
CA TRP C 143 17.04 0.41 -16.14
C TRP C 143 17.44 -0.96 -16.66
N THR C 144 16.96 -1.31 -17.85
CA THR C 144 17.27 -2.60 -18.45
C THR C 144 17.48 -2.56 -19.96
N HIS C 145 17.43 -1.36 -20.53
CA HIS C 145 17.60 -1.19 -21.98
C HIS C 145 18.75 -0.24 -22.30
N HIS C 146 19.35 -0.42 -23.47
CA HIS C 146 20.44 0.43 -23.91
C HIS C 146 20.10 1.17 -25.20
N SER C 147 21.09 1.82 -25.80
CA SER C 147 20.89 2.59 -27.02
C SER C 147 20.25 1.82 -28.17
N ARG C 148 20.59 0.55 -28.32
CA ARG C 148 20.04 -0.23 -29.43
C ARG C 148 18.59 -0.67 -29.19
N GLU C 149 18.19 -0.76 -27.93
CA GLU C 149 16.83 -1.16 -27.61
C GLU C 149 15.95 0.05 -27.37
N LEU C 150 16.45 1.01 -26.60
CA LEU C 150 15.71 2.21 -26.30
C LEU C 150 16.63 3.43 -26.19
N ASP C 151 16.46 4.37 -27.11
CA ASP C 151 17.26 5.58 -27.11
C ASP C 151 16.54 6.64 -26.30
N LEU C 152 17.27 7.33 -25.43
CA LEU C 152 16.67 8.35 -24.60
C LEU C 152 17.15 9.74 -25.03
N GLN C 153 16.30 10.45 -25.76
CA GLN C 153 16.61 11.79 -26.22
C GLN C 153 15.81 12.82 -25.42
N MET C 154 16.49 13.87 -24.99
CA MET C 154 15.85 14.91 -24.19
C MET C 154 15.37 16.09 -25.02
N GLN C 155 15.01 17.16 -24.32
CA GLN C 155 14.54 18.40 -24.91
C GLN C 155 14.35 19.41 -23.79
N GLU C 156 15.24 20.39 -23.75
CA GLU C 156 15.25 21.44 -22.74
C GLU C 156 14.02 21.48 -21.82
N ALA C 157 14.29 21.47 -20.51
CA ALA C 157 13.23 21.49 -19.51
C ALA C 157 12.61 22.89 -19.33
N ASP C 158 11.56 22.97 -18.53
CA ASP C 158 10.88 24.24 -18.29
C ASP C 158 11.03 24.70 -16.83
N ILE C 159 11.73 25.82 -16.64
CA ILE C 159 11.94 26.38 -15.32
C ILE C 159 10.65 27.01 -14.82
N SER C 160 9.83 27.45 -15.76
CA SER C 160 8.55 28.08 -15.45
C SER C 160 7.63 27.04 -14.80
N GLY C 161 6.61 27.52 -14.09
CA GLY C 161 5.70 26.61 -13.44
C GLY C 161 6.15 26.30 -12.02
N TYR C 162 7.16 27.02 -11.57
CA TYR C 162 7.69 26.82 -10.22
C TYR C 162 7.01 27.78 -9.26
N ILE C 163 6.69 27.28 -8.06
CA ILE C 163 6.04 28.08 -7.03
C ILE C 163 6.79 29.38 -6.75
N PRO C 164 6.21 30.53 -7.14
CA PRO C 164 6.80 31.85 -6.94
C PRO C 164 7.02 32.20 -5.47
N TYR C 165 6.22 31.57 -4.61
CA TYR C 165 6.30 31.80 -3.17
C TYR C 165 7.06 30.71 -2.42
N SER C 166 7.81 29.88 -3.14
CA SER C 166 8.58 28.82 -2.51
C SER C 166 9.69 29.41 -1.67
N ARG C 167 9.96 28.79 -0.52
CA ARG C 167 11.01 29.25 0.38
C ARG C 167 12.37 29.23 -0.31
N PHE C 168 12.45 28.51 -1.43
CA PHE C 168 13.70 28.41 -2.18
C PHE C 168 13.57 29.08 -3.55
N GLU C 169 14.66 29.63 -4.04
CA GLU C 169 14.68 30.29 -5.34
C GLU C 169 15.68 29.63 -6.28
N LEU C 170 15.20 29.24 -7.45
CA LEU C 170 16.05 28.58 -8.45
C LEU C 170 17.02 29.58 -9.07
N VAL C 171 18.31 29.26 -9.03
CA VAL C 171 19.32 30.14 -9.60
C VAL C 171 19.74 29.62 -10.98
N GLY C 172 19.45 28.36 -11.25
CA GLY C 172 19.81 27.78 -12.52
C GLY C 172 19.33 26.35 -12.67
N VAL C 173 19.00 25.97 -13.90
CA VAL C 173 18.52 24.62 -14.21
C VAL C 173 19.20 24.11 -15.47
N THR C 174 19.87 22.97 -15.37
CA THR C 174 20.57 22.39 -16.51
C THR C 174 20.15 20.95 -16.82
N GLN C 175 19.50 20.78 -17.96
CA GLN C 175 19.07 19.45 -18.38
C GLN C 175 19.94 19.02 -19.54
N LYS C 176 20.75 17.99 -19.33
CA LYS C 176 21.64 17.51 -20.39
C LYS C 176 21.63 15.99 -20.56
N ARG C 177 21.66 15.54 -21.81
CA ARG C 177 21.67 14.13 -22.14
C ARG C 177 23.11 13.65 -22.26
N SER C 178 23.35 12.38 -21.98
CA SER C 178 24.71 11.81 -22.05
C SER C 178 24.72 10.29 -22.07
N GLU C 179 25.71 9.71 -22.76
CA GLU C 179 25.84 8.27 -22.87
C GLU C 179 27.06 7.76 -22.12
N ARG C 180 27.24 6.44 -22.09
CA ARG C 180 28.38 5.85 -21.40
C ARG C 180 28.52 4.37 -21.71
N PHE C 181 29.72 3.94 -22.10
CA PHE C 181 29.97 2.54 -22.43
C PHE C 181 30.49 1.75 -21.23
N TYR C 182 29.94 0.56 -21.01
CA TYR C 182 30.35 -0.29 -19.89
C TYR C 182 31.05 -1.56 -20.38
N GLU C 183 31.78 -2.21 -19.48
CA GLU C 183 32.52 -3.42 -19.80
C GLU C 183 31.55 -4.53 -20.20
N CYS C 184 30.88 -4.30 -21.33
CA CYS C 184 29.89 -5.22 -21.85
C CYS C 184 29.09 -4.46 -22.85
N CYS C 185 28.22 -5.19 -23.52
CA CYS C 185 27.30 -4.59 -24.44
C CYS C 185 27.88 -3.44 -25.28
N LYS C 186 28.25 -3.77 -26.51
CA LYS C 186 28.83 -2.80 -27.44
C LYS C 186 28.07 -1.48 -27.46
N GLU C 187 26.76 -1.55 -27.21
CA GLU C 187 25.93 -0.36 -27.19
C GLU C 187 26.10 0.41 -25.90
N PRO C 188 26.11 1.75 -25.98
CA PRO C 188 26.26 2.59 -24.81
C PRO C 188 24.94 2.68 -24.04
N TYR C 189 24.96 3.37 -22.91
CA TYR C 189 23.75 3.54 -22.09
C TYR C 189 23.42 5.02 -21.91
N PRO C 190 22.40 5.50 -22.63
CA PRO C 190 21.99 6.90 -22.55
C PRO C 190 21.33 7.25 -21.21
N ASP C 191 21.42 8.52 -20.84
CA ASP C 191 20.82 9.00 -19.59
C ASP C 191 20.72 10.52 -19.59
N VAL C 192 19.64 11.03 -19.03
CA VAL C 192 19.43 12.47 -18.97
C VAL C 192 19.60 12.96 -17.53
N THR C 193 20.56 13.85 -17.33
CA THR C 193 20.81 14.39 -16.00
C THR C 193 20.25 15.80 -15.83
N PHE C 194 19.20 15.90 -15.03
CA PHE C 194 18.54 17.18 -14.76
C PHE C 194 19.20 17.84 -13.55
N THR C 195 20.09 18.79 -13.81
CA THR C 195 20.80 19.49 -12.75
C THR C 195 20.05 20.73 -12.29
N VAL C 196 19.99 20.95 -10.97
CA VAL C 196 19.30 22.11 -10.42
C VAL C 196 20.04 22.73 -9.25
N THR C 197 20.17 24.05 -9.29
CA THR C 197 20.84 24.79 -8.22
C THR C 197 19.82 25.72 -7.57
N PHE C 198 19.82 25.78 -6.25
CA PHE C 198 18.86 26.62 -5.53
C PHE C 198 19.37 27.08 -4.18
N ARG C 199 18.94 28.27 -3.76
CA ARG C 199 19.34 28.82 -2.47
C ARG C 199 18.08 29.11 -1.66
N LYS C 200 18.28 29.46 -0.40
CA LYS C 200 17.16 29.77 0.48
C LYS C 200 16.84 31.27 0.40
N LYS C 201 15.61 31.59 -0.02
CA LYS C 201 15.19 32.98 -0.14
C LYS C 201 15.36 33.75 1.16
N GLY C 202 15.37 35.09 1.06
CA GLY C 202 15.51 35.93 2.23
C GLY C 202 16.89 35.87 2.84
N GLN D 1 10.34 -11.36 -34.49
CA GLN D 1 9.09 -11.07 -33.75
C GLN D 1 9.27 -11.36 -32.27
N ARG D 2 8.27 -10.99 -31.48
CA ARG D 2 8.35 -11.24 -30.04
C ARG D 2 7.31 -12.23 -29.53
N LYS D 3 7.20 -13.35 -30.24
CA LYS D 3 6.28 -14.40 -29.84
C LYS D 3 6.93 -15.08 -28.65
N LEU D 4 8.23 -14.84 -28.51
CA LEU D 4 9.04 -15.38 -27.43
C LEU D 4 8.34 -15.26 -26.08
N TYR D 5 7.89 -14.06 -25.75
CA TYR D 5 7.21 -13.82 -24.49
C TYR D 5 6.07 -14.81 -24.26
N LYS D 6 5.18 -14.94 -25.23
CA LYS D 6 4.05 -15.84 -25.13
C LYS D 6 4.49 -17.28 -24.89
N GLU D 7 5.64 -17.64 -25.45
CA GLU D 7 6.16 -19.00 -25.30
C GLU D 7 6.91 -19.18 -23.98
N LEU D 8 7.77 -18.22 -23.65
CA LEU D 8 8.55 -18.28 -22.42
C LEU D 8 7.70 -18.55 -21.19
N VAL D 9 6.52 -17.92 -21.14
CA VAL D 9 5.64 -18.11 -20.00
C VAL D 9 4.43 -18.95 -20.40
N LYS D 10 4.68 -20.02 -21.13
CA LYS D 10 3.61 -20.91 -21.58
C LYS D 10 3.40 -22.02 -20.55
N ASN D 11 4.44 -22.82 -20.33
CA ASN D 11 4.39 -23.92 -19.38
C ASN D 11 5.34 -23.59 -18.23
N TYR D 12 5.36 -22.33 -17.84
CA TYR D 12 6.23 -21.87 -16.78
C TYR D 12 5.47 -21.44 -15.53
N ASN D 13 5.91 -21.95 -14.38
CA ASN D 13 5.31 -21.62 -13.09
C ASN D 13 6.40 -21.04 -12.19
N PRO D 14 6.38 -19.71 -11.98
CA PRO D 14 7.36 -18.99 -11.16
C PRO D 14 7.48 -19.43 -9.71
N ASP D 15 6.59 -20.30 -9.25
CA ASP D 15 6.63 -20.77 -7.88
C ASP D 15 7.57 -21.97 -7.76
N VAL D 16 8.04 -22.45 -8.90
CA VAL D 16 8.92 -23.61 -8.93
C VAL D 16 10.37 -23.23 -9.20
N ILE D 17 11.27 -23.61 -8.28
CA ILE D 17 12.68 -23.31 -8.45
C ILE D 17 13.20 -24.21 -9.58
N PRO D 18 13.87 -23.61 -10.58
CA PRO D 18 14.43 -24.33 -11.72
C PRO D 18 15.64 -25.22 -11.44
N THR D 19 15.42 -26.30 -10.70
CA THR D 19 16.50 -27.24 -10.38
C THR D 19 16.42 -28.41 -11.33
N GLN D 20 17.57 -28.93 -11.74
CA GLN D 20 17.63 -30.05 -12.67
C GLN D 20 18.10 -31.35 -12.00
N ARG D 21 18.02 -31.37 -10.67
CA ARG D 21 18.43 -32.53 -9.89
C ARG D 21 19.92 -32.78 -10.11
N ASP D 22 20.68 -32.80 -9.00
CA ASP D 22 22.12 -32.98 -9.06
C ASP D 22 22.67 -31.74 -9.75
N ARG D 23 21.84 -30.69 -9.73
CA ARG D 23 22.15 -29.41 -10.32
C ARG D 23 21.36 -28.32 -9.62
N PRO D 24 21.68 -28.04 -8.34
CA PRO D 24 20.93 -27.00 -7.62
C PRO D 24 21.12 -25.63 -8.27
N VAL D 25 20.06 -24.82 -8.27
CA VAL D 25 20.13 -23.49 -8.86
C VAL D 25 21.13 -22.63 -8.09
N THR D 26 22.19 -22.23 -8.77
CA THR D 26 23.21 -21.41 -8.14
C THR D 26 22.98 -19.93 -8.44
N VAL D 27 22.80 -19.13 -7.39
CA VAL D 27 22.56 -17.70 -7.54
C VAL D 27 23.76 -16.90 -7.08
N TYR D 28 24.16 -15.91 -7.89
CA TYR D 28 25.30 -15.08 -7.57
C TYR D 28 24.87 -13.76 -6.93
N PHE D 29 25.24 -13.60 -5.67
CA PHE D 29 24.90 -12.42 -4.89
C PHE D 29 25.96 -11.33 -5.05
N SER D 30 25.61 -10.11 -4.65
CA SER D 30 26.51 -8.96 -4.73
C SER D 30 25.78 -7.70 -4.28
N LEU D 31 26.33 -7.01 -3.28
CA LEU D 31 25.71 -5.81 -2.76
C LEU D 31 26.56 -4.58 -3.01
N SER D 32 25.95 -3.54 -3.56
CA SER D 32 26.64 -2.29 -3.85
C SER D 32 26.01 -1.18 -3.01
N LEU D 33 26.47 -1.05 -1.77
CA LEU D 33 25.96 -0.04 -0.86
C LEU D 33 26.00 1.34 -1.49
N LEU D 34 24.85 1.99 -1.55
CA LEU D 34 24.73 3.32 -2.13
C LEU D 34 24.94 4.44 -1.12
N GLN D 35 24.18 4.40 -0.03
CA GLN D 35 24.31 5.43 1.00
C GLN D 35 23.67 5.01 2.31
N ILE D 36 24.17 5.56 3.41
CA ILE D 36 23.64 5.25 4.73
C ILE D 36 22.69 6.38 5.13
N MET D 37 21.40 6.15 4.91
CA MET D 37 20.37 7.13 5.22
C MET D 37 20.45 7.72 6.63
N ASP D 38 20.33 6.85 7.64
CA ASP D 38 20.38 7.33 9.01
C ASP D 38 20.72 6.20 9.99
N VAL D 39 20.98 6.57 11.24
CA VAL D 39 21.31 5.62 12.30
C VAL D 39 20.58 6.02 13.57
N ASP D 40 19.95 5.05 14.22
CA ASP D 40 19.20 5.30 15.45
C ASP D 40 19.90 4.67 16.65
N GLU D 41 20.71 5.47 17.33
CA GLU D 41 21.45 4.99 18.51
C GLU D 41 20.51 4.56 19.62
N LYS D 42 19.30 5.10 19.61
CA LYS D 42 18.29 4.78 20.61
C LYS D 42 17.79 3.35 20.50
N ASN D 43 17.35 2.95 19.32
CA ASN D 43 16.82 1.61 19.12
C ASN D 43 17.78 0.67 18.40
N GLN D 44 18.99 1.14 18.14
CA GLN D 44 19.99 0.33 17.46
C GLN D 44 19.48 -0.18 16.11
N VAL D 45 19.56 0.68 15.09
CA VAL D 45 19.12 0.33 13.74
C VAL D 45 19.71 1.29 12.71
N VAL D 46 19.94 0.79 11.50
CA VAL D 46 20.50 1.61 10.42
C VAL D 46 19.62 1.60 9.19
N ASP D 47 19.40 2.79 8.63
CA ASP D 47 18.58 2.95 7.43
C ASP D 47 19.59 3.03 6.28
N VAL D 48 19.53 2.10 5.34
CA VAL D 48 20.47 2.10 4.24
C VAL D 48 19.88 1.79 2.87
N VAL D 49 20.50 2.34 1.83
CA VAL D 49 20.08 2.15 0.44
C VAL D 49 21.18 1.36 -0.25
N PHE D 50 20.81 0.53 -1.23
CA PHE D 50 21.82 -0.28 -1.92
C PHE D 50 21.31 -0.99 -3.17
N TRP D 51 22.20 -1.14 -4.15
CA TRP D 51 21.86 -1.87 -5.37
C TRP D 51 22.13 -3.33 -5.03
N LEU D 52 21.23 -4.22 -5.45
CA LEU D 52 21.40 -5.63 -5.15
C LEU D 52 21.57 -6.50 -6.40
N GLN D 53 22.78 -6.97 -6.63
CA GLN D 53 23.06 -7.81 -7.80
C GLN D 53 22.67 -9.27 -7.57
N MET D 54 21.80 -9.77 -8.43
CA MET D 54 21.34 -11.16 -8.36
C MET D 54 21.27 -11.76 -9.75
N SER D 55 21.91 -12.91 -9.93
CA SER D 55 21.91 -13.57 -11.22
C SER D 55 21.96 -15.09 -11.11
N TRP D 56 21.14 -15.74 -11.92
CA TRP D 56 21.07 -17.20 -11.94
C TRP D 56 20.76 -17.68 -13.35
N THR D 57 20.60 -18.99 -13.52
CA THR D 57 20.30 -19.54 -14.83
C THR D 57 19.07 -20.43 -14.79
N ASP D 58 17.98 -19.94 -15.38
CA ASP D 58 16.72 -20.68 -15.42
C ASP D 58 16.71 -21.58 -16.65
N HIS D 59 16.80 -22.89 -16.43
CA HIS D 59 16.83 -23.86 -17.54
C HIS D 59 15.56 -23.83 -18.37
N TYR D 60 14.47 -23.33 -17.78
CA TYR D 60 13.20 -23.25 -18.50
C TYR D 60 13.27 -22.14 -19.53
N LEU D 61 13.73 -20.97 -19.09
CA LEU D 61 13.84 -19.80 -19.96
C LEU D 61 15.06 -19.87 -20.86
N GLN D 62 14.82 -19.99 -22.16
CA GLN D 62 15.89 -20.05 -23.15
C GLN D 62 15.28 -20.28 -24.53
N TRP D 63 15.84 -19.63 -25.54
CA TRP D 63 15.31 -19.75 -26.89
C TRP D 63 16.39 -19.90 -27.97
N ASN D 64 16.00 -20.49 -29.09
CA ASN D 64 16.91 -20.69 -30.22
C ASN D 64 17.12 -19.36 -30.92
N VAL D 65 18.35 -18.85 -30.85
CA VAL D 65 18.70 -17.57 -31.46
C VAL D 65 18.19 -17.45 -32.90
N SER D 66 18.04 -18.58 -33.58
CA SER D 66 17.56 -18.59 -34.97
C SER D 66 16.06 -18.42 -35.06
N GLU D 67 15.32 -19.35 -34.47
CA GLU D 67 13.85 -19.31 -34.49
C GLU D 67 13.31 -17.93 -34.18
N TYR D 68 14.14 -17.11 -33.53
CA TYR D 68 13.75 -15.76 -33.18
C TYR D 68 14.71 -14.76 -33.82
N PRO D 69 14.21 -13.95 -34.76
CA PRO D 69 14.99 -12.93 -35.49
C PRO D 69 15.64 -11.83 -34.65
N GLY D 70 16.94 -11.97 -34.42
CA GLY D 70 17.70 -10.99 -33.66
C GLY D 70 17.20 -10.66 -32.27
N VAL D 71 16.87 -11.68 -31.50
CA VAL D 71 16.38 -11.49 -30.12
C VAL D 71 17.47 -11.87 -29.12
N LYS D 72 18.33 -10.91 -28.81
CA LYS D 72 19.43 -11.13 -27.87
C LYS D 72 18.94 -11.38 -26.44
N GLN D 73 18.34 -10.36 -25.83
CA GLN D 73 17.83 -10.45 -24.46
C GLN D 73 16.51 -9.70 -24.35
N VAL D 74 15.74 -10.00 -23.31
CA VAL D 74 14.47 -9.34 -23.10
C VAL D 74 14.25 -8.96 -21.65
N SER D 75 13.49 -7.88 -21.43
CA SER D 75 13.20 -7.41 -20.08
C SER D 75 11.84 -7.93 -19.63
N VAL D 76 11.86 -8.86 -18.69
CA VAL D 76 10.64 -9.45 -18.15
C VAL D 76 10.45 -9.09 -16.69
N PRO D 77 9.20 -8.81 -16.29
CA PRO D 77 8.90 -8.46 -14.89
C PRO D 77 9.13 -9.64 -13.95
N ILE D 78 9.86 -9.40 -12.87
CA ILE D 78 10.18 -10.44 -11.90
C ILE D 78 9.02 -11.34 -11.49
N SER D 79 7.79 -10.90 -11.73
CA SER D 79 6.61 -11.69 -11.36
C SER D 79 6.30 -12.79 -12.37
N SER D 80 6.82 -12.64 -13.59
CA SER D 80 6.57 -13.62 -14.65
C SER D 80 7.47 -14.84 -14.54
N LEU D 81 8.65 -14.66 -13.94
CA LEU D 81 9.59 -15.76 -13.79
C LEU D 81 9.99 -15.98 -12.34
N TRP D 82 10.66 -17.10 -12.08
CA TRP D 82 11.11 -17.44 -10.74
C TRP D 82 12.21 -16.50 -10.28
N VAL D 83 12.30 -16.33 -8.96
CA VAL D 83 13.30 -15.45 -8.37
C VAL D 83 13.64 -15.95 -6.97
N PRO D 84 14.93 -15.91 -6.60
CA PRO D 84 15.38 -16.35 -5.27
C PRO D 84 14.62 -15.72 -4.12
N ASP D 85 14.21 -16.54 -3.16
CA ASP D 85 13.47 -16.06 -1.99
C ASP D 85 14.41 -15.50 -0.94
N LEU D 86 15.39 -14.71 -1.35
CA LEU D 86 16.34 -14.11 -0.43
C LEU D 86 15.64 -13.26 0.62
N ALA D 87 16.16 -13.28 1.84
CA ALA D 87 15.57 -12.49 2.92
C ALA D 87 16.66 -11.89 3.80
N ALA D 88 16.49 -10.64 4.17
CA ALA D 88 17.45 -9.95 5.01
C ALA D 88 17.17 -10.33 6.46
N TYR D 89 17.78 -11.43 6.90
CA TYR D 89 17.61 -11.94 8.26
C TYR D 89 17.53 -10.87 9.35
N ASN D 90 18.56 -10.05 9.47
CA ASN D 90 18.60 -9.02 10.49
C ASN D 90 17.79 -7.77 10.17
N ALA D 91 16.96 -7.83 9.12
CA ALA D 91 16.17 -6.67 8.75
C ALA D 91 15.01 -6.50 9.73
N ILE D 92 14.57 -5.25 9.91
CA ILE D 92 13.47 -4.96 10.82
C ILE D 92 12.35 -4.14 10.15
N SER D 93 12.33 -4.15 8.82
CA SER D 93 11.31 -3.40 8.08
C SER D 93 11.23 -3.90 6.64
N LYS D 94 10.01 -4.04 6.16
CA LYS D 94 9.78 -4.50 4.79
C LYS D 94 10.65 -3.71 3.83
N PRO D 95 11.31 -4.40 2.88
CA PRO D 95 12.18 -3.77 1.89
C PRO D 95 11.44 -2.91 0.86
N GLU D 96 11.79 -1.64 0.78
CA GLU D 96 11.16 -0.72 -0.16
C GLU D 96 11.97 -0.67 -1.45
N VAL D 97 11.48 -1.36 -2.48
CA VAL D 97 12.16 -1.39 -3.77
C VAL D 97 11.90 -0.09 -4.53
N LEU D 98 12.96 0.59 -4.94
CA LEU D 98 12.85 1.86 -5.65
C LEU D 98 12.83 1.73 -7.17
N THR D 99 13.64 0.80 -7.68
CA THR D 99 13.74 0.60 -9.13
C THR D 99 12.63 -0.30 -9.68
N PRO D 100 12.43 -0.29 -11.01
CA PRO D 100 11.40 -1.10 -11.67
C PRO D 100 11.61 -2.60 -11.45
N GLN D 101 10.52 -3.34 -11.39
CA GLN D 101 10.57 -4.78 -11.17
C GLN D 101 10.84 -5.53 -12.47
N LEU D 102 11.97 -5.24 -13.11
CA LEU D 102 12.30 -5.93 -14.36
C LEU D 102 13.64 -6.65 -14.28
N ALA D 103 13.77 -7.73 -15.05
CA ALA D 103 15.01 -8.52 -15.09
C ALA D 103 15.33 -8.90 -16.52
N LEU D 104 16.63 -8.99 -16.83
CA LEU D 104 17.07 -9.36 -18.17
C LEU D 104 17.34 -10.86 -18.26
N VAL D 105 17.28 -11.41 -19.47
CA VAL D 105 17.52 -12.84 -19.67
C VAL D 105 18.30 -13.16 -20.95
N ASN D 106 19.29 -14.04 -20.81
CA ASN D 106 20.13 -14.47 -21.93
C ASN D 106 19.34 -15.48 -22.74
N SER D 107 19.60 -15.54 -24.05
CA SER D 107 18.91 -16.50 -24.91
C SER D 107 19.27 -17.88 -24.40
N SER D 108 20.35 -17.95 -23.63
CA SER D 108 20.83 -19.20 -23.04
C SER D 108 20.01 -19.54 -21.80
N GLY D 109 19.61 -18.52 -21.06
CA GLY D 109 18.82 -18.74 -19.86
C GLY D 109 19.35 -18.01 -18.65
N HIS D 110 20.34 -17.14 -18.86
CA HIS D 110 20.92 -16.38 -17.76
C HIS D 110 20.03 -15.21 -17.36
N VAL D 111 19.49 -15.27 -16.15
CA VAL D 111 18.62 -14.20 -15.66
C VAL D 111 19.37 -13.25 -14.74
N GLN D 112 19.15 -11.96 -14.94
CA GLN D 112 19.80 -10.96 -14.11
C GLN D 112 18.77 -9.96 -13.59
N TYR D 113 18.85 -9.69 -12.29
CA TYR D 113 17.92 -8.77 -11.65
C TYR D 113 18.69 -7.84 -10.72
N LEU D 114 18.46 -6.53 -10.87
CA LEU D 114 19.13 -5.53 -10.05
C LEU D 114 18.13 -4.56 -9.46
N PRO D 115 17.60 -4.87 -8.26
CA PRO D 115 16.63 -4.01 -7.59
C PRO D 115 17.23 -3.05 -6.56
N SER D 116 16.97 -1.77 -6.74
CA SER D 116 17.43 -0.74 -5.80
C SER D 116 16.59 -0.90 -4.56
N ILE D 117 17.22 -0.95 -3.39
CA ILE D 117 16.46 -1.16 -2.16
C ILE D 117 16.85 -0.26 -1.00
N ARG D 118 15.84 0.11 -0.22
CA ARG D 118 16.03 0.91 0.98
C ARG D 118 15.43 0.05 2.08
N GLN D 119 16.14 -0.11 3.18
CA GLN D 119 15.65 -0.96 4.25
C GLN D 119 16.43 -0.74 5.54
N ARG D 120 15.79 -0.99 6.69
CA ARG D 120 16.45 -0.81 7.98
C ARG D 120 16.74 -2.17 8.63
N PHE D 121 17.96 -2.33 9.11
CA PHE D 121 18.38 -3.57 9.74
C PHE D 121 18.77 -3.32 11.19
N SER D 122 18.59 -4.34 12.02
CA SER D 122 18.95 -4.23 13.43
C SER D 122 20.48 -4.23 13.54
N CYS D 123 21.03 -3.21 14.17
CA CYS D 123 22.48 -3.13 14.29
C CYS D 123 22.96 -2.15 15.36
N ASP D 124 24.08 -2.49 15.99
CA ASP D 124 24.65 -1.64 17.04
C ASP D 124 25.36 -0.45 16.40
N VAL D 125 24.84 0.75 16.67
CA VAL D 125 25.42 1.97 16.11
C VAL D 125 25.93 2.89 17.22
N SER D 126 26.11 2.32 18.40
CA SER D 126 26.58 3.10 19.55
C SER D 126 27.97 3.70 19.30
N GLY D 127 28.85 2.94 18.67
CA GLY D 127 30.19 3.45 18.41
C GLY D 127 30.34 4.04 17.02
N VAL D 128 29.39 4.87 16.62
CA VAL D 128 29.43 5.49 15.30
C VAL D 128 30.14 6.84 15.35
N ASP D 129 30.21 7.43 16.54
CA ASP D 129 30.87 8.72 16.71
C ASP D 129 32.37 8.55 16.97
N THR D 130 32.75 7.37 17.44
CA THR D 130 34.15 7.08 17.72
C THR D 130 34.91 6.95 16.42
N GLU D 131 36.20 7.30 16.44
CA GLU D 131 37.02 7.20 15.24
C GLU D 131 37.15 5.76 14.78
N SER D 132 36.91 4.83 15.71
CA SER D 132 36.99 3.41 15.40
C SER D 132 35.78 3.03 14.54
N GLY D 133 34.66 3.69 14.80
CA GLY D 133 33.45 3.45 14.04
C GLY D 133 32.64 2.23 14.43
N ALA D 134 31.34 2.26 14.14
CA ALA D 134 30.45 1.16 14.44
C ALA D 134 30.38 0.25 13.23
N THR D 135 29.94 -0.99 13.43
CA THR D 135 29.86 -1.95 12.33
C THR D 135 28.51 -2.66 12.26
N CYS D 136 28.04 -2.88 11.04
CA CYS D 136 26.77 -3.56 10.82
C CYS D 136 26.95 -4.76 9.91
N LYS D 137 26.23 -5.84 10.21
CA LYS D 137 26.29 -7.06 9.42
C LYS D 137 24.93 -7.33 8.79
N LEU D 138 24.87 -7.25 7.47
CA LEU D 138 23.63 -7.49 6.76
C LEU D 138 23.60 -8.91 6.21
N LYS D 139 23.10 -9.85 7.02
CA LYS D 139 23.03 -11.25 6.63
C LYS D 139 21.84 -11.54 5.72
N PHE D 140 22.13 -12.11 4.55
CA PHE D 140 21.12 -12.47 3.56
C PHE D 140 21.14 -13.97 3.30
N GLY D 141 20.08 -14.49 2.72
CA GLY D 141 20.04 -15.91 2.43
C GLY D 141 18.66 -16.45 2.15
N SER D 142 18.59 -17.61 1.52
CA SER D 142 17.32 -18.23 1.19
C SER D 142 16.52 -18.50 2.46
N TRP D 143 15.23 -18.22 2.41
CA TRP D 143 14.38 -18.41 3.57
C TRP D 143 13.67 -19.76 3.58
N THR D 144 13.70 -20.46 2.44
CA THR D 144 13.04 -21.77 2.37
C THR D 144 13.75 -22.80 1.48
N HIS D 145 15.04 -22.56 1.21
CA HIS D 145 15.83 -23.48 0.40
C HIS D 145 17.22 -23.64 1.00
N HIS D 146 17.85 -24.78 0.74
CA HIS D 146 19.19 -25.06 1.25
C HIS D 146 20.17 -25.29 0.10
N SER D 147 21.38 -25.74 0.43
CA SER D 147 22.42 -25.99 -0.57
C SER D 147 22.03 -26.91 -1.71
N ARG D 148 21.22 -27.92 -1.43
CA ARG D 148 20.83 -28.87 -2.47
C ARG D 148 19.75 -28.32 -3.40
N GLU D 149 18.96 -27.37 -2.92
CA GLU D 149 17.90 -26.78 -3.73
C GLU D 149 18.39 -25.49 -4.37
N LEU D 150 19.04 -24.64 -3.58
CA LEU D 150 19.53 -23.37 -4.09
C LEU D 150 20.86 -22.99 -3.42
N ASP D 151 21.92 -22.94 -4.22
CA ASP D 151 23.23 -22.57 -3.71
C ASP D 151 23.42 -21.07 -3.85
N LEU D 152 23.91 -20.43 -2.80
CA LEU D 152 24.10 -18.99 -2.83
C LEU D 152 25.59 -18.64 -2.85
N GLN D 153 26.09 -18.31 -4.03
CA GLN D 153 27.49 -17.94 -4.18
C GLN D 153 27.60 -16.43 -4.38
N MET D 154 28.53 -15.81 -3.67
CA MET D 154 28.69 -14.37 -3.77
C MET D 154 29.48 -13.98 -5.01
N GLN D 155 29.69 -12.69 -5.18
CA GLN D 155 30.40 -12.17 -6.33
C GLN D 155 31.36 -11.06 -5.88
N GLU D 156 31.34 -9.94 -6.58
CA GLU D 156 32.19 -8.80 -6.27
C GLU D 156 31.59 -8.01 -5.09
N ALA D 157 32.44 -7.24 -4.41
CA ALA D 157 32.00 -6.43 -3.27
C ALA D 157 32.23 -4.96 -3.61
N ASP D 158 31.53 -4.48 -4.64
CA ASP D 158 31.66 -3.09 -5.09
C ASP D 158 31.13 -2.06 -4.09
N ILE D 159 32.01 -1.15 -3.71
CA ILE D 159 31.67 -0.08 -2.76
C ILE D 159 31.68 1.26 -3.47
N SER D 160 32.45 1.33 -4.56
CA SER D 160 32.59 2.55 -5.37
C SER D 160 31.32 3.38 -5.54
N GLY D 161 30.17 2.70 -5.60
CA GLY D 161 28.93 3.42 -5.78
C GLY D 161 28.37 4.08 -4.54
N TYR D 162 29.26 4.45 -3.62
CA TYR D 162 28.85 5.07 -2.37
C TYR D 162 28.84 6.60 -2.46
N ILE D 163 27.84 7.21 -1.83
CA ILE D 163 27.69 8.66 -1.85
C ILE D 163 28.84 9.34 -1.11
N PRO D 164 29.57 10.22 -1.80
CA PRO D 164 30.71 10.97 -1.25
C PRO D 164 30.31 11.93 -0.12
N TYR D 165 29.45 12.88 -0.45
CA TYR D 165 28.99 13.89 0.51
C TYR D 165 28.15 13.37 1.66
N SER D 166 28.13 12.06 1.86
CA SER D 166 27.35 11.47 2.95
C SER D 166 27.96 11.87 4.30
N ARG D 167 27.09 12.11 5.27
CA ARG D 167 27.53 12.51 6.60
C ARG D 167 28.41 11.42 7.22
N PHE D 168 28.35 10.22 6.66
CA PHE D 168 29.13 9.10 7.16
C PHE D 168 30.18 8.68 6.14
N GLU D 169 31.31 8.18 6.63
CA GLU D 169 32.39 7.73 5.76
C GLU D 169 32.71 6.25 6.00
N LEU D 170 32.68 5.47 4.93
CA LEU D 170 32.96 4.04 5.03
C LEU D 170 34.44 3.80 5.30
N VAL D 171 34.73 3.03 6.34
CA VAL D 171 36.12 2.73 6.69
C VAL D 171 36.48 1.33 6.20
N GLY D 172 35.47 0.52 5.92
CA GLY D 172 35.70 -0.83 5.44
C GLY D 172 34.43 -1.57 5.10
N VAL D 173 34.52 -2.45 4.11
CA VAL D 173 33.37 -3.24 3.68
C VAL D 173 33.80 -4.69 3.45
N THR D 174 33.13 -5.62 4.13
CA THR D 174 33.47 -7.03 4.00
C THR D 174 32.29 -7.90 3.62
N GLN D 175 32.33 -8.45 2.41
CA GLN D 175 31.27 -9.33 1.94
C GLN D 175 31.81 -10.75 1.92
N LYS D 176 31.26 -11.61 2.76
CA LYS D 176 31.72 -12.99 2.84
C LYS D 176 30.59 -14.02 2.87
N ARG D 177 30.78 -15.10 2.13
CA ARG D 177 29.80 -16.18 2.07
C ARG D 177 30.12 -17.20 3.16
N SER D 178 29.08 -17.91 3.64
CA SER D 178 29.27 -18.91 4.68
C SER D 178 28.08 -19.86 4.80
N GLU D 179 28.36 -21.10 5.19
CA GLU D 179 27.32 -22.11 5.35
C GLU D 179 27.10 -22.44 6.82
N ARG D 180 26.00 -23.12 7.11
CA ARG D 180 25.68 -23.49 8.48
C ARG D 180 24.71 -24.67 8.52
N PHE D 181 25.16 -25.77 9.10
CA PHE D 181 24.32 -26.95 9.20
C PHE D 181 23.40 -26.86 10.41
N TYR D 182 22.25 -27.52 10.33
CA TYR D 182 21.29 -27.51 11.43
C TYR D 182 20.92 -28.94 11.80
N GLU D 183 20.25 -29.10 12.94
CA GLU D 183 19.85 -30.41 13.41
C GLU D 183 18.76 -30.98 12.51
N CYS D 184 19.12 -31.23 11.25
CA CYS D 184 18.24 -31.77 10.23
C CYS D 184 18.94 -31.51 8.93
N CYS D 185 18.29 -31.98 7.87
CA CYS D 185 18.78 -31.67 6.54
C CYS D 185 20.28 -31.82 6.37
N LYS D 186 20.70 -32.99 5.88
CA LYS D 186 22.12 -33.27 5.67
C LYS D 186 22.83 -32.10 4.99
N GLU D 187 22.12 -31.41 4.12
CA GLU D 187 22.66 -30.28 3.38
C GLU D 187 22.76 -29.03 4.27
N PRO D 188 23.82 -28.22 4.08
CA PRO D 188 24.05 -27.00 4.85
C PRO D 188 23.16 -25.84 4.39
N TYR D 189 23.36 -24.67 4.97
CA TYR D 189 22.59 -23.48 4.61
C TYR D 189 23.47 -22.27 4.32
N PRO D 190 23.50 -21.86 3.04
CA PRO D 190 24.29 -20.73 2.54
C PRO D 190 23.71 -19.35 2.81
N ASP D 191 24.58 -18.38 3.10
CA ASP D 191 24.16 -17.01 3.37
C ASP D 191 25.33 -16.06 3.17
N VAL D 192 25.05 -14.87 2.65
CA VAL D 192 26.08 -13.88 2.40
C VAL D 192 25.94 -12.73 3.40
N THR D 193 26.98 -12.50 4.20
CA THR D 193 26.97 -11.45 5.20
C THR D 193 27.78 -10.23 4.75
N PHE D 194 27.07 -9.15 4.44
CA PHE D 194 27.68 -7.92 3.99
C PHE D 194 28.00 -7.04 5.21
N THR D 195 29.25 -7.06 5.64
CA THR D 195 29.67 -6.29 6.80
C THR D 195 30.16 -4.89 6.40
N VAL D 196 29.76 -3.89 7.18
CA VAL D 196 30.17 -2.51 6.89
C VAL D 196 30.49 -1.72 8.16
N THR D 197 31.61 -1.02 8.11
CA THR D 197 32.05 -0.20 9.25
C THR D 197 32.09 1.26 8.78
N PHE D 198 31.58 2.16 9.61
CA PHE D 198 31.54 3.57 9.25
C PHE D 198 31.57 4.50 10.46
N ARG D 199 32.17 5.67 10.29
CA ARG D 199 32.23 6.65 11.36
C ARG D 199 31.58 7.94 10.90
N LYS D 200 31.44 8.90 11.80
CA LYS D 200 30.82 10.18 11.46
C LYS D 200 31.91 11.16 11.04
N LYS D 201 31.82 11.66 9.81
CA LYS D 201 32.80 12.60 9.29
C LYS D 201 32.95 13.83 10.18
N GLY D 202 34.06 14.55 10.00
CA GLY D 202 34.32 15.74 10.78
C GLY D 202 34.60 15.47 12.24
N GLN E 1 9.32 -32.29 -14.13
CA GLN E 1 8.96 -33.34 -13.13
C GLN E 1 8.11 -32.73 -12.03
N ARG E 2 8.07 -31.40 -12.01
CA ARG E 2 7.30 -30.67 -11.02
C ARG E 2 5.86 -30.43 -11.45
N LYS E 3 5.20 -31.50 -11.89
CA LYS E 3 3.80 -31.44 -12.30
C LYS E 3 3.02 -31.33 -11.00
N LEU E 4 3.69 -31.70 -9.91
CA LEU E 4 3.11 -31.68 -8.58
C LEU E 4 2.34 -30.39 -8.31
N TYR E 5 2.99 -29.26 -8.54
CA TYR E 5 2.37 -27.95 -8.33
C TYR E 5 1.00 -27.84 -9.01
N LYS E 6 0.96 -28.17 -10.31
CA LYS E 6 -0.28 -28.09 -11.07
C LYS E 6 -1.36 -28.98 -10.48
N GLU E 7 -0.95 -30.10 -9.89
CA GLU E 7 -1.89 -31.03 -9.29
C GLU E 7 -2.31 -30.61 -7.88
N LEU E 8 -1.32 -30.24 -7.06
CA LEU E 8 -1.58 -29.81 -5.69
C LEU E 8 -2.67 -28.76 -5.59
N VAL E 9 -2.66 -27.81 -6.52
CA VAL E 9 -3.65 -26.74 -6.51
C VAL E 9 -4.65 -26.95 -7.65
N LYS E 10 -5.10 -28.18 -7.83
CA LYS E 10 -6.06 -28.50 -8.88
C LYS E 10 -7.49 -28.37 -8.34
N ASN E 11 -7.80 -29.17 -7.33
CA ASN E 11 -9.12 -29.15 -6.70
C ASN E 11 -8.96 -28.64 -5.28
N TYR E 12 -8.09 -27.64 -5.12
CA TYR E 12 -7.82 -27.08 -3.81
C TYR E 12 -8.32 -25.64 -3.67
N ASN E 13 -9.04 -25.37 -2.60
CA ASN E 13 -9.57 -24.04 -2.31
C ASN E 13 -9.04 -23.62 -0.94
N PRO E 14 -8.07 -22.70 -0.92
CA PRO E 14 -7.44 -22.18 0.31
C PRO E 14 -8.37 -21.52 1.32
N ASP E 15 -9.63 -21.31 0.96
CA ASP E 15 -10.59 -20.70 1.87
C ASP E 15 -11.24 -21.74 2.77
N VAL E 16 -10.94 -23.01 2.48
CA VAL E 16 -11.50 -24.13 3.24
C VAL E 16 -10.48 -24.75 4.19
N ILE E 17 -10.81 -24.79 5.47
CA ILE E 17 -9.93 -25.39 6.46
C ILE E 17 -9.98 -26.91 6.23
N PRO E 18 -8.81 -27.56 6.04
CA PRO E 18 -8.66 -28.99 5.80
C PRO E 18 -8.93 -29.98 6.94
N THR E 19 -10.18 -30.43 7.07
CA THR E 19 -10.56 -31.38 8.11
C THR E 19 -11.30 -32.58 7.53
N GLN E 20 -11.04 -33.77 8.07
CA GLN E 20 -11.74 -34.98 7.62
C GLN E 20 -12.96 -35.18 8.51
N ARG E 21 -13.45 -34.08 9.08
CA ARG E 21 -14.60 -34.12 9.98
C ARG E 21 -14.22 -34.94 11.21
N ASP E 22 -14.80 -34.58 12.36
CA ASP E 22 -14.50 -35.25 13.63
C ASP E 22 -13.12 -34.80 14.09
N ARG E 23 -12.14 -34.96 13.21
CA ARG E 23 -10.75 -34.58 13.48
C ARG E 23 -10.45 -33.16 13.00
N PRO E 24 -10.24 -32.23 13.96
CA PRO E 24 -9.94 -30.81 13.74
C PRO E 24 -8.47 -30.53 13.38
N VAL E 25 -8.25 -29.57 12.51
CA VAL E 25 -6.90 -29.20 12.10
C VAL E 25 -6.13 -28.65 13.29
N THR E 26 -5.09 -29.36 13.69
CA THR E 26 -4.28 -28.93 14.83
C THR E 26 -3.05 -28.17 14.35
N VAL E 27 -2.92 -26.92 14.79
CA VAL E 27 -1.80 -26.08 14.40
C VAL E 27 -0.85 -25.86 15.58
N TYR E 28 0.45 -26.01 15.32
CA TYR E 28 1.45 -25.82 16.36
C TYR E 28 2.06 -24.43 16.33
N PHE E 29 1.79 -23.66 17.38
CA PHE E 29 2.28 -22.30 17.50
C PHE E 29 3.66 -22.26 18.15
N SER E 30 4.33 -21.12 18.03
CA SER E 30 5.67 -20.92 18.62
C SER E 30 6.20 -19.55 18.23
N LEU E 31 6.55 -18.75 19.23
CA LEU E 31 7.05 -17.40 18.96
C LEU E 31 8.50 -17.25 19.40
N SER E 32 9.32 -16.73 18.50
CA SER E 32 10.73 -16.50 18.79
C SER E 32 11.03 -15.01 18.73
N LEU E 33 10.78 -14.32 19.84
CA LEU E 33 11.00 -12.88 19.92
C LEU E 33 12.41 -12.52 19.47
N LEU E 34 12.48 -11.63 18.48
CA LEU E 34 13.77 -11.19 17.94
C LEU E 34 14.33 -9.96 18.65
N GLN E 35 13.52 -8.90 18.72
CA GLN E 35 13.95 -7.68 19.37
C GLN E 35 12.78 -6.75 19.70
N ILE E 36 12.97 -5.94 20.73
CA ILE E 36 11.94 -5.00 21.13
C ILE E 36 12.30 -3.63 20.56
N MET E 37 11.68 -3.31 19.42
CA MET E 37 11.93 -2.05 18.73
C MET E 37 11.83 -0.81 19.61
N ASP E 38 10.66 -0.58 20.20
CA ASP E 38 10.47 0.58 21.04
C ASP E 38 9.29 0.42 21.99
N VAL E 39 9.16 1.36 22.92
CA VAL E 39 8.07 1.34 23.90
C VAL E 39 7.54 2.78 24.08
N ASP E 40 6.22 2.92 24.04
CA ASP E 40 5.60 4.23 24.20
C ASP E 40 4.87 4.33 25.52
N GLU E 41 5.54 4.88 26.53
CA GLU E 41 4.96 5.04 27.86
C GLU E 41 3.76 5.96 27.82
N LYS E 42 3.71 6.83 26.83
CA LYS E 42 2.62 7.78 26.67
C LYS E 42 1.29 7.12 26.31
N ASN E 43 1.31 6.29 25.27
CA ASN E 43 0.08 5.62 24.83
C ASN E 43 0.02 4.14 25.20
N GLN E 44 1.00 3.68 25.97
CA GLN E 44 1.05 2.28 26.39
C GLN E 44 1.01 1.32 25.21
N VAL E 45 2.18 1.11 24.60
CA VAL E 45 2.29 0.22 23.45
C VAL E 45 3.75 -0.17 23.20
N VAL E 46 3.95 -1.38 22.69
CA VAL E 46 5.29 -1.88 22.41
C VAL E 46 5.47 -2.30 20.95
N ASP E 47 6.56 -1.86 20.35
CA ASP E 47 6.87 -2.20 18.96
C ASP E 47 7.84 -3.37 19.06
N VAL E 48 7.46 -4.52 18.50
CA VAL E 48 8.33 -5.69 18.57
C VAL E 48 8.42 -6.50 17.28
N VAL E 49 9.57 -7.15 17.09
CA VAL E 49 9.83 -8.00 15.93
C VAL E 49 9.95 -9.44 16.43
N PHE E 50 9.56 -10.41 15.60
CA PHE E 50 9.63 -11.80 16.02
C PHE E 50 9.28 -12.84 14.95
N TRP E 51 10.03 -13.93 14.91
CA TRP E 51 9.74 -15.01 13.98
C TRP E 51 8.52 -15.68 14.59
N LEU E 52 7.65 -16.25 13.77
CA LEU E 52 6.46 -16.91 14.30
C LEU E 52 6.26 -18.27 13.66
N GLN E 53 6.61 -19.31 14.41
CA GLN E 53 6.51 -20.69 13.94
C GLN E 53 5.07 -21.20 13.89
N MET E 54 4.68 -21.68 12.71
CA MET E 54 3.34 -22.22 12.49
C MET E 54 3.43 -23.47 11.63
N SER E 55 2.83 -24.55 12.09
CA SER E 55 2.86 -25.81 11.35
C SER E 55 1.60 -26.64 11.56
N TRP E 56 1.08 -27.18 10.46
CA TRP E 56 -0.12 -28.01 10.50
C TRP E 56 -0.03 -29.09 9.42
N THR E 57 -1.07 -29.90 9.29
CA THR E 57 -1.08 -30.96 8.30
C THR E 57 -2.32 -30.88 7.42
N ASP E 58 -2.11 -30.48 6.16
CA ASP E 58 -3.20 -30.35 5.19
C ASP E 58 -3.40 -31.70 4.51
N HIS E 59 -4.53 -32.34 4.80
CA HIS E 59 -4.82 -33.65 4.22
C HIS E 59 -4.96 -33.61 2.70
N TYR E 60 -5.25 -32.42 2.17
CA TYR E 60 -5.39 -32.27 0.72
C TYR E 60 -4.02 -32.33 0.07
N LEU E 61 -3.08 -31.57 0.62
CA LEU E 61 -1.72 -31.51 0.09
C LEU E 61 -0.90 -32.73 0.51
N GLN E 62 -0.52 -33.54 -0.47
CA GLN E 62 0.28 -34.73 -0.23
C GLN E 62 0.44 -35.50 -1.54
N TRP E 63 1.61 -36.06 -1.76
CA TRP E 63 1.89 -36.78 -2.99
C TRP E 63 2.66 -38.08 -2.78
N ASN E 64 2.51 -39.00 -3.74
CA ASN E 64 3.19 -40.29 -3.71
C ASN E 64 4.66 -40.07 -4.06
N VAL E 65 5.54 -40.30 -3.09
CA VAL E 65 6.97 -40.12 -3.29
C VAL E 65 7.49 -40.77 -4.57
N SER E 66 6.79 -41.81 -5.02
CA SER E 66 7.19 -42.52 -6.24
C SER E 66 6.76 -41.79 -7.50
N GLU E 67 5.45 -41.60 -7.65
CA GLU E 67 4.90 -40.92 -8.82
C GLU E 67 5.67 -39.65 -9.17
N TYR E 68 6.38 -39.11 -8.18
CA TYR E 68 7.18 -37.91 -8.36
C TYR E 68 8.64 -38.20 -8.06
N PRO E 69 9.50 -38.12 -9.09
CA PRO E 69 10.94 -38.37 -9.01
C PRO E 69 11.74 -37.47 -8.05
N GLY E 70 12.05 -38.00 -6.87
CA GLY E 70 12.82 -37.27 -5.89
C GLY E 70 12.29 -35.91 -5.45
N VAL E 71 11.00 -35.84 -5.15
CA VAL E 71 10.38 -34.60 -4.71
C VAL E 71 10.07 -34.65 -3.22
N LYS E 72 11.06 -34.28 -2.41
CA LYS E 72 10.94 -34.30 -0.96
C LYS E 72 9.93 -33.27 -0.45
N GLN E 73 10.26 -31.99 -0.62
CA GLN E 73 9.39 -30.90 -0.19
C GLN E 73 9.41 -29.77 -1.21
N VAL E 74 8.41 -28.90 -1.16
CA VAL E 74 8.34 -27.78 -2.09
C VAL E 74 7.93 -26.49 -1.39
N SER E 75 8.40 -25.37 -1.92
CA SER E 75 8.09 -24.05 -1.37
C SER E 75 6.93 -23.42 -2.12
N VAL E 76 5.78 -23.35 -1.46
CA VAL E 76 4.59 -22.78 -2.06
C VAL E 76 4.18 -21.50 -1.34
N PRO E 77 3.72 -20.50 -2.09
CA PRO E 77 3.30 -19.23 -1.50
C PRO E 77 2.03 -19.40 -0.66
N ILE E 78 2.04 -18.88 0.55
CA ILE E 78 0.91 -18.99 1.47
C ILE E 78 -0.45 -18.71 0.87
N SER E 79 -0.48 -18.03 -0.27
CA SER E 79 -1.75 -17.71 -0.91
C SER E 79 -2.33 -18.87 -1.71
N SER E 80 -1.49 -19.83 -2.06
CA SER E 80 -1.93 -20.99 -2.82
C SER E 80 -2.60 -22.05 -1.96
N LEU E 81 -2.24 -22.11 -0.68
CA LEU E 81 -2.81 -23.07 0.23
C LEU E 81 -3.44 -22.43 1.44
N TRP E 82 -4.19 -23.22 2.21
CA TRP E 82 -4.86 -22.73 3.41
C TRP E 82 -3.85 -22.38 4.49
N VAL E 83 -4.23 -21.44 5.36
CA VAL E 83 -3.37 -21.01 6.45
C VAL E 83 -4.24 -20.52 7.61
N PRO E 84 -3.84 -20.85 8.85
CA PRO E 84 -4.58 -20.45 10.05
C PRO E 84 -4.87 -18.95 10.10
N ASP E 85 -6.12 -18.60 10.43
CA ASP E 85 -6.52 -17.21 10.53
C ASP E 85 -6.15 -16.61 11.88
N LEU E 86 -4.93 -16.87 12.33
CA LEU E 86 -4.46 -16.34 13.61
C LEU E 86 -4.50 -14.82 13.63
N ALA E 87 -4.81 -14.25 14.79
CA ALA E 87 -4.89 -12.81 14.94
C ALA E 87 -4.34 -12.37 16.29
N ALA E 88 -3.57 -11.28 16.29
CA ALA E 88 -2.98 -10.74 17.51
C ALA E 88 -4.02 -9.90 18.24
N TYR E 89 -4.82 -10.57 19.07
CA TYR E 89 -5.88 -9.92 19.83
C TYR E 89 -5.57 -8.52 20.37
N ASN E 90 -4.48 -8.39 21.11
CA ASN E 90 -4.14 -7.09 21.68
C ASN E 90 -3.26 -6.23 20.77
N ALA E 91 -3.22 -6.58 19.49
CA ALA E 91 -2.42 -5.82 18.54
C ALA E 91 -3.16 -4.52 18.22
N ILE E 92 -2.41 -3.47 17.90
CA ILE E 92 -3.02 -2.18 17.57
C ILE E 92 -2.53 -1.63 16.24
N SER E 93 -1.98 -2.50 15.39
CA SER E 93 -1.47 -2.09 14.09
C SER E 93 -1.29 -3.29 13.19
N LYS E 94 -1.70 -3.14 11.93
CA LYS E 94 -1.59 -4.21 10.95
C LYS E 94 -0.17 -4.80 10.99
N PRO E 95 -0.06 -6.14 10.97
CA PRO E 95 1.23 -6.84 11.01
C PRO E 95 2.06 -6.69 9.74
N GLU E 96 3.27 -6.14 9.88
CA GLU E 96 4.16 -5.94 8.74
C GLU E 96 5.07 -7.15 8.58
N VAL E 97 4.75 -8.01 7.63
CA VAL E 97 5.56 -9.20 7.37
C VAL E 97 6.84 -8.82 6.60
N LEU E 98 7.98 -9.20 7.14
CA LEU E 98 9.27 -8.87 6.53
C LEU E 98 9.81 -9.95 5.60
N THR E 99 9.61 -11.21 5.97
CA THR E 99 10.09 -12.34 5.20
C THR E 99 9.16 -12.71 4.04
N PRO E 100 9.66 -13.49 3.06
CA PRO E 100 8.86 -13.94 1.91
C PRO E 100 7.65 -14.75 2.33
N GLN E 101 6.58 -14.65 1.55
CA GLN E 101 5.34 -15.37 1.83
C GLN E 101 5.40 -16.81 1.31
N LEU E 102 6.38 -17.57 1.77
CA LEU E 102 6.52 -18.95 1.33
C LEU E 102 6.47 -19.98 2.45
N ALA E 103 5.78 -21.09 2.19
CA ALA E 103 5.64 -22.16 3.17
C ALA E 103 6.07 -23.50 2.55
N LEU E 104 6.70 -24.35 3.35
CA LEU E 104 7.16 -25.66 2.89
C LEU E 104 6.10 -26.72 3.15
N VAL E 105 6.25 -27.88 2.50
CA VAL E 105 5.28 -28.96 2.67
C VAL E 105 5.88 -30.36 2.52
N ASN E 106 5.52 -31.24 3.45
CA ASN E 106 5.99 -32.62 3.45
C ASN E 106 5.20 -33.41 2.41
N SER E 107 5.81 -34.42 1.82
CA SER E 107 5.13 -35.24 0.83
C SER E 107 3.93 -35.87 1.51
N SER E 108 3.98 -35.90 2.85
CA SER E 108 2.92 -36.45 3.67
C SER E 108 1.78 -35.45 3.81
N GLY E 109 2.13 -34.17 3.87
CA GLY E 109 1.12 -33.14 4.00
C GLY E 109 1.39 -32.14 5.12
N HIS E 110 2.58 -32.24 5.69
CA HIS E 110 2.97 -31.34 6.78
C HIS E 110 3.39 -29.97 6.23
N VAL E 111 2.60 -28.94 6.54
CA VAL E 111 2.90 -27.59 6.09
C VAL E 111 3.62 -26.81 7.18
N GLN E 112 4.74 -26.22 6.81
CA GLN E 112 5.56 -25.45 7.73
C GLN E 112 5.64 -24.00 7.26
N TYR E 113 5.19 -23.08 8.11
CA TYR E 113 5.19 -21.65 7.78
C TYR E 113 5.73 -20.80 8.92
N LEU E 114 6.82 -20.07 8.66
CA LEU E 114 7.42 -19.22 9.68
C LEU E 114 7.74 -17.85 9.11
N PRO E 115 6.86 -16.86 9.33
CA PRO E 115 7.04 -15.51 8.83
C PRO E 115 7.64 -14.53 9.85
N SER E 116 8.50 -13.64 9.38
CA SER E 116 9.11 -12.62 10.23
C SER E 116 8.09 -11.50 10.33
N ILE E 117 7.80 -11.05 11.56
CA ILE E 117 6.80 -10.00 11.72
C ILE E 117 7.19 -8.87 12.67
N ARG E 118 6.74 -7.67 12.33
CA ARG E 118 6.96 -6.49 13.16
C ARG E 118 5.56 -5.98 13.42
N GLN E 119 5.23 -5.68 14.67
CA GLN E 119 3.89 -5.23 14.99
C GLN E 119 3.85 -4.60 16.38
N ARG E 120 2.89 -3.69 16.59
CA ARG E 120 2.75 -3.03 17.89
C ARG E 120 1.50 -3.52 18.61
N PHE E 121 1.67 -3.87 19.89
CA PHE E 121 0.55 -4.36 20.69
C PHE E 121 0.29 -3.43 21.86
N SER E 122 -0.96 -3.40 22.31
CA SER E 122 -1.34 -2.56 23.44
C SER E 122 -0.77 -3.21 24.70
N CYS E 123 0.01 -2.44 25.46
CA CYS E 123 0.62 -2.98 26.67
C CYS E 123 1.15 -1.92 27.63
N ASP E 124 1.06 -2.21 28.92
CA ASP E 124 1.54 -1.30 29.95
C ASP E 124 3.05 -1.36 30.03
N VAL E 125 3.70 -0.24 29.71
CA VAL E 125 5.14 -0.16 29.74
C VAL E 125 5.61 0.87 30.75
N SER E 126 4.73 1.25 31.65
CA SER E 126 5.05 2.24 32.68
C SER E 126 6.20 1.80 33.58
N GLY E 127 6.22 0.52 33.93
CA GLY E 127 7.29 0.01 34.79
C GLY E 127 8.43 -0.64 34.02
N VAL E 128 8.87 0.02 32.96
CA VAL E 128 9.97 -0.51 32.14
C VAL E 128 11.33 -0.02 32.63
N ASP E 129 11.33 1.08 33.38
CA ASP E 129 12.56 1.65 33.92
C ASP E 129 12.91 1.05 35.27
N THR E 130 11.91 0.48 35.93
CA THR E 130 12.12 -0.16 37.24
C THR E 130 12.90 -1.46 37.05
N GLU E 131 13.67 -1.84 38.05
CA GLU E 131 14.45 -3.06 37.96
C GLU E 131 13.53 -4.28 37.89
N SER E 132 12.29 -4.10 38.35
CA SER E 132 11.30 -5.17 38.32
C SER E 132 10.88 -5.40 36.88
N GLY E 133 10.84 -4.32 36.10
CA GLY E 133 10.48 -4.41 34.70
C GLY E 133 8.99 -4.48 34.39
N ALA E 134 8.63 -4.05 33.18
CA ALA E 134 7.24 -4.08 32.74
C ALA E 134 7.00 -5.39 32.00
N THR E 135 5.73 -5.78 31.87
CA THR E 135 5.39 -7.03 31.19
C THR E 135 4.30 -6.86 30.15
N CYS E 136 4.45 -7.59 29.04
CA CYS E 136 3.47 -7.55 27.95
C CYS E 136 2.97 -8.94 27.62
N LYS E 137 1.68 -9.03 27.32
CA LYS E 137 1.05 -10.29 26.97
C LYS E 137 0.56 -10.24 25.53
N LEU E 138 1.16 -11.05 24.67
CA LEU E 138 0.76 -11.08 23.26
C LEU E 138 -0.15 -12.27 23.01
N LYS E 139 -1.44 -12.03 23.18
CA LYS E 139 -2.45 -13.08 22.99
C LYS E 139 -2.77 -13.32 21.52
N PHE E 140 -2.61 -14.57 21.08
CA PHE E 140 -2.89 -14.96 19.70
C PHE E 140 -3.99 -16.01 19.68
N GLY E 141 -4.59 -16.23 18.51
CA GLY E 141 -5.64 -17.22 18.41
C GLY E 141 -6.48 -17.09 17.15
N SER E 142 -7.05 -18.22 16.72
CA SER E 142 -7.90 -18.25 15.54
C SER E 142 -8.94 -17.15 15.70
N TRP E 143 -9.36 -16.55 14.61
CA TRP E 143 -10.35 -15.48 14.69
C TRP E 143 -11.77 -15.92 14.38
N THR E 144 -11.91 -16.97 13.58
CA THR E 144 -13.24 -17.46 13.22
C THR E 144 -13.44 -18.97 13.41
N HIS E 145 -12.51 -19.60 14.13
CA HIS E 145 -12.59 -21.04 14.37
C HIS E 145 -12.41 -21.38 15.84
N HIS E 146 -12.98 -22.51 16.26
CA HIS E 146 -12.87 -22.97 17.64
C HIS E 146 -12.17 -24.32 17.73
N SER E 147 -12.19 -24.91 18.92
CA SER E 147 -11.54 -26.20 19.15
C SER E 147 -11.94 -27.32 18.20
N ARG E 148 -13.21 -27.35 17.82
CA ARG E 148 -13.69 -28.41 16.94
C ARG E 148 -13.29 -28.21 15.47
N GLU E 149 -13.05 -26.97 15.08
CA GLU E 149 -12.65 -26.69 13.71
C GLU E 149 -11.14 -26.58 13.60
N LEU E 150 -10.53 -25.86 14.54
CA LEU E 150 -9.08 -25.68 14.55
C LEU E 150 -8.53 -25.63 15.97
N ASP E 151 -7.72 -26.62 16.31
CA ASP E 151 -7.10 -26.67 17.63
C ASP E 151 -5.75 -25.97 17.58
N LEU E 152 -5.49 -25.13 18.56
CA LEU E 152 -4.23 -24.40 18.60
C LEU E 152 -3.34 -24.91 19.73
N GLN E 153 -2.36 -25.72 19.38
CA GLN E 153 -1.42 -26.25 20.36
C GLN E 153 -0.07 -25.56 20.22
N MET E 154 0.51 -25.14 21.34
CA MET E 154 1.80 -24.47 21.30
C MET E 154 2.86 -25.56 21.47
N GLN E 155 4.13 -25.21 21.31
CA GLN E 155 5.20 -26.19 21.44
C GLN E 155 6.50 -25.64 21.99
N GLU E 156 7.15 -24.76 21.23
CA GLU E 156 8.43 -24.20 21.64
C GLU E 156 8.41 -22.70 21.97
N ALA E 157 8.94 -22.37 23.14
CA ALA E 157 9.03 -20.98 23.58
C ALA E 157 10.51 -20.61 23.49
N ASP E 158 10.95 -20.29 22.28
CA ASP E 158 12.35 -19.94 22.02
C ASP E 158 12.74 -18.53 22.45
N ILE E 159 13.47 -18.45 23.56
CA ILE E 159 13.93 -17.17 24.09
C ILE E 159 15.22 -16.79 23.35
N SER E 160 15.89 -17.80 22.82
CA SER E 160 17.12 -17.61 22.08
C SER E 160 16.86 -16.81 20.81
N GLY E 161 17.82 -15.97 20.43
CA GLY E 161 17.67 -15.19 19.21
C GLY E 161 17.45 -13.71 19.46
N TYR E 162 17.19 -13.33 20.71
CA TYR E 162 16.96 -11.93 21.04
C TYR E 162 18.27 -11.13 20.93
N ILE E 163 18.19 -9.98 20.27
CA ILE E 163 19.34 -9.11 20.08
C ILE E 163 20.08 -8.81 21.38
N PRO E 164 21.37 -9.17 21.46
CA PRO E 164 22.21 -8.95 22.63
C PRO E 164 22.45 -7.48 22.99
N TYR E 165 22.64 -6.66 21.97
CA TYR E 165 22.91 -5.23 22.15
C TYR E 165 21.64 -4.37 22.24
N SER E 166 20.49 -5.00 22.43
CA SER E 166 19.24 -4.26 22.53
C SER E 166 19.22 -3.41 23.80
N ARG E 167 18.66 -2.21 23.69
CA ARG E 167 18.59 -1.31 24.83
C ARG E 167 17.79 -1.93 25.97
N PHE E 168 17.05 -2.99 25.66
CA PHE E 168 16.24 -3.68 26.66
C PHE E 168 16.76 -5.10 26.90
N GLU E 169 16.61 -5.57 28.13
CA GLU E 169 17.05 -6.93 28.48
C GLU E 169 15.88 -7.77 28.99
N LEU E 170 15.69 -8.93 28.37
CA LEU E 170 14.61 -9.83 28.75
C LEU E 170 14.90 -10.48 30.10
N VAL E 171 13.96 -10.37 31.02
CA VAL E 171 14.12 -10.95 32.35
C VAL E 171 13.34 -12.26 32.43
N GLY E 172 12.40 -12.45 31.51
CA GLY E 172 11.59 -13.66 31.51
C GLY E 172 10.63 -13.73 30.35
N VAL E 173 10.38 -14.95 29.87
CA VAL E 173 9.46 -15.17 28.77
C VAL E 173 8.57 -16.36 29.07
N THR E 174 7.26 -16.15 29.02
CA THR E 174 6.31 -17.21 29.31
C THR E 174 5.29 -17.43 28.20
N GLN E 175 5.37 -18.58 27.55
CA GLN E 175 4.44 -18.92 26.48
C GLN E 175 3.52 -20.01 27.00
N LYS E 176 2.25 -19.70 27.15
CA LYS E 176 1.28 -20.67 27.65
C LYS E 176 -0.02 -20.72 26.85
N ARG E 177 -0.51 -21.94 26.62
CA ARG E 177 -1.74 -22.17 25.88
C ARG E 177 -2.91 -22.18 26.87
N SER E 178 -4.10 -21.80 26.40
CA SER E 178 -5.28 -21.77 27.26
C SER E 178 -6.59 -21.68 26.46
N GLU E 179 -7.64 -22.27 27.00
CA GLU E 179 -8.95 -22.25 26.34
C GLU E 179 -9.95 -21.40 27.11
N ARG E 180 -11.11 -21.18 26.50
CA ARG E 180 -12.17 -20.41 27.14
C ARG E 180 -13.50 -20.52 26.40
N PHE E 181 -14.53 -20.94 27.11
CA PHE E 181 -15.86 -21.09 26.54
C PHE E 181 -16.63 -19.78 26.64
N TYR E 182 -17.46 -19.52 25.65
CA TYR E 182 -18.27 -18.30 25.64
C TYR E 182 -19.74 -18.67 25.61
N GLU E 183 -20.60 -17.68 25.82
CA GLU E 183 -22.04 -17.89 25.83
C GLU E 183 -22.54 -18.28 24.44
N CYS E 184 -22.10 -19.45 24.00
CA CYS E 184 -22.46 -20.02 22.70
C CYS E 184 -21.43 -21.07 22.43
N CYS E 185 -21.62 -21.76 21.32
CA CYS E 185 -20.63 -22.70 20.87
C CYS E 185 -20.09 -23.62 21.97
N LYS E 186 -20.68 -24.81 22.09
CA LYS E 186 -20.27 -25.79 23.09
C LYS E 186 -18.75 -25.94 23.15
N GLU E 187 -18.08 -25.76 22.01
CA GLU E 187 -16.64 -25.88 21.92
C GLU E 187 -15.94 -24.63 22.46
N PRO E 188 -14.75 -24.80 23.07
CA PRO E 188 -13.96 -23.70 23.62
C PRO E 188 -13.10 -23.01 22.56
N TYR E 189 -12.55 -21.85 22.91
CA TYR E 189 -11.69 -21.10 21.98
C TYR E 189 -10.24 -21.06 22.44
N PRO E 190 -9.39 -21.92 21.86
CA PRO E 190 -7.97 -22.01 22.18
C PRO E 190 -7.16 -20.77 21.78
N ASP E 191 -6.27 -20.33 22.66
CA ASP E 191 -5.44 -19.16 22.40
C ASP E 191 -4.11 -19.30 23.13
N VAL E 192 -3.03 -18.83 22.50
CA VAL E 192 -1.72 -18.89 23.10
C VAL E 192 -1.26 -17.50 23.51
N THR E 193 -1.00 -17.31 24.79
CA THR E 193 -0.56 -16.02 25.30
C THR E 193 0.94 -15.98 25.57
N PHE E 194 1.66 -15.25 24.74
CA PHE E 194 3.11 -15.13 24.86
C PHE E 194 3.42 -13.94 25.77
N THR E 195 3.73 -14.23 27.04
CA THR E 195 4.05 -13.18 28.01
C THR E 195 5.53 -12.87 28.04
N VAL E 196 5.88 -11.59 28.11
CA VAL E 196 7.27 -11.16 28.14
C VAL E 196 7.50 -10.00 29.10
N THR E 197 8.54 -10.14 29.93
CA THR E 197 8.91 -9.10 30.88
C THR E 197 10.29 -8.58 30.51
N PHE E 198 10.48 -7.27 30.54
CA PHE E 198 11.75 -6.68 30.19
C PHE E 198 12.01 -5.34 30.87
N ARG E 199 13.27 -5.05 31.15
CA ARG E 199 13.65 -3.79 31.78
C ARG E 199 14.64 -3.07 30.88
N LYS E 200 14.96 -1.83 31.23
CA LYS E 200 15.90 -1.03 30.45
C LYS E 200 17.31 -1.25 30.99
N LYS E 201 18.19 -1.75 30.12
CA LYS E 201 19.58 -2.00 30.50
C LYS E 201 20.27 -0.77 31.07
N GLY E 202 21.36 -0.98 31.78
CA GLY E 202 22.11 0.12 32.36
C GLY E 202 21.38 0.81 33.49
N ILE F 1 48.59 5.69 -37.26
CA ILE F 1 48.15 4.79 -36.16
C ILE F 1 46.63 4.75 -36.02
N VAL F 2 46.04 3.60 -36.33
CA VAL F 2 44.59 3.44 -36.24
C VAL F 2 44.20 2.99 -34.84
N CYS F 3 43.17 3.61 -34.29
CA CYS F 3 42.72 3.27 -32.95
C CYS F 3 41.22 3.01 -32.84
N HIS F 4 40.79 2.67 -31.63
CA HIS F 4 39.39 2.41 -31.33
C HIS F 4 38.94 3.57 -30.44
N THR F 5 37.83 4.20 -30.78
CA THR F 5 37.34 5.33 -29.99
C THR F 5 35.92 5.12 -29.48
N THR F 6 35.67 5.62 -28.27
CA THR F 6 34.36 5.51 -27.66
C THR F 6 33.62 6.83 -27.78
N ALA F 7 34.22 7.76 -28.52
CA ALA F 7 33.63 9.08 -28.72
C ALA F 7 32.49 8.96 -29.72
N THR F 8 32.56 7.96 -30.58
CA THR F 8 31.52 7.74 -31.59
C THR F 8 30.66 6.55 -31.23
N SER F 9 29.45 6.50 -31.77
CA SER F 9 28.54 5.40 -31.48
C SER F 9 27.95 4.79 -32.76
N PRO F 10 28.14 3.47 -32.95
CA PRO F 10 28.86 2.58 -32.04
C PRO F 10 30.36 2.85 -32.04
N ILE F 11 31.08 2.17 -31.16
CA ILE F 11 32.53 2.33 -31.08
C ILE F 11 33.18 1.97 -32.42
N SER F 12 33.67 2.97 -33.13
CA SER F 12 34.32 2.76 -34.41
C SER F 12 35.83 2.87 -34.30
N ALA F 13 36.52 2.56 -35.40
CA ALA F 13 37.97 2.62 -35.42
C ALA F 13 38.45 3.87 -36.17
N VAL F 14 38.79 4.91 -35.42
CA VAL F 14 39.25 6.16 -36.02
C VAL F 14 40.77 6.19 -36.02
N THR F 15 41.36 6.81 -37.04
CA THR F 15 42.80 6.92 -37.14
C THR F 15 43.34 7.93 -36.14
N CYS F 16 43.90 7.44 -35.04
CA CYS F 16 44.46 8.27 -33.99
C CYS F 16 45.16 9.50 -34.60
N PRO F 17 44.57 10.70 -34.43
CA PRO F 17 45.06 11.99 -34.94
C PRO F 17 46.57 12.21 -34.79
N PRO F 18 47.10 13.19 -35.54
CA PRO F 18 48.54 13.56 -35.54
C PRO F 18 49.08 13.87 -34.16
N GLY F 19 50.35 13.56 -33.94
CA GLY F 19 50.97 13.81 -32.66
C GLY F 19 50.72 12.67 -31.69
N GLU F 20 49.53 12.07 -31.81
CA GLU F 20 49.13 10.96 -30.94
C GLU F 20 49.41 9.65 -31.67
N ASN F 21 50.26 8.82 -31.09
CA ASN F 21 50.60 7.55 -31.71
C ASN F 21 50.31 6.39 -30.77
N LEU F 22 49.54 6.65 -29.72
CA LEU F 22 49.19 5.62 -28.75
C LEU F 22 47.69 5.46 -28.56
N CYS F 23 47.22 4.22 -28.70
CA CYS F 23 45.80 3.93 -28.48
C CYS F 23 45.74 3.51 -27.02
N TYR F 24 44.64 3.86 -26.33
CA TYR F 24 44.53 3.49 -24.92
C TYR F 24 43.16 3.00 -24.51
N ARG F 25 43.05 2.62 -23.24
CA ARG F 25 41.80 2.13 -22.67
C ARG F 25 41.79 2.41 -21.18
N LYS F 26 40.87 3.26 -20.73
CA LYS F 26 40.75 3.59 -19.33
C LYS F 26 39.43 3.06 -18.81
N MET F 27 39.46 2.36 -17.68
CA MET F 27 38.24 1.79 -17.11
C MET F 27 37.99 2.21 -15.67
N TRP F 28 36.83 2.83 -15.43
CA TRP F 28 36.45 3.27 -14.10
C TRP F 28 35.58 2.17 -13.50
N CYS F 29 34.98 2.46 -12.36
CA CYS F 29 34.09 1.51 -11.69
C CYS F 29 33.08 2.33 -10.89
N ASP F 30 31.92 2.56 -11.50
CA ASP F 30 30.86 3.33 -10.86
C ASP F 30 29.86 2.46 -10.12
N VAL F 31 28.63 2.96 -10.01
CA VAL F 31 27.55 2.25 -9.32
C VAL F 31 27.15 0.96 -10.05
N PHE F 32 26.96 1.06 -11.36
CA PHE F 32 26.56 -0.08 -12.16
C PHE F 32 27.73 -1.03 -12.37
N CYS F 33 28.92 -0.60 -11.98
CA CYS F 33 30.13 -1.42 -12.13
C CYS F 33 29.99 -2.81 -11.51
N SER F 34 28.95 -3.00 -10.71
CA SER F 34 28.72 -4.30 -10.07
C SER F 34 27.90 -5.23 -10.95
N SER F 35 27.15 -4.65 -11.88
CA SER F 35 26.31 -5.44 -12.78
C SER F 35 26.67 -5.22 -14.25
N ARG F 36 26.65 -3.98 -14.70
CA ARG F 36 26.97 -3.65 -16.08
C ARG F 36 28.46 -3.80 -16.38
N GLY F 37 29.29 -3.61 -15.36
CA GLY F 37 30.72 -3.74 -15.54
C GLY F 37 31.46 -2.43 -15.41
N LYS F 38 32.79 -2.49 -15.48
CA LYS F 38 33.61 -1.28 -15.37
C LYS F 38 33.39 -0.38 -16.58
N VAL F 39 33.34 0.92 -16.35
CA VAL F 39 33.16 1.88 -17.43
C VAL F 39 34.28 1.70 -18.45
N VAL F 40 33.95 1.73 -19.73
CA VAL F 40 34.96 1.56 -20.78
C VAL F 40 35.19 2.84 -21.56
N GLU F 41 36.46 3.17 -21.78
CA GLU F 41 36.83 4.36 -22.52
C GLU F 41 37.97 4.04 -23.48
N LEU F 42 37.84 4.49 -24.72
CA LEU F 42 38.87 4.23 -25.73
C LEU F 42 39.16 5.51 -26.51
N GLY F 43 40.43 5.86 -26.63
CA GLY F 43 40.78 7.08 -27.34
C GLY F 43 42.22 7.18 -27.82
N CYS F 44 42.68 8.41 -28.02
CA CYS F 44 44.05 8.67 -28.47
C CYS F 44 44.78 9.66 -27.59
N ALA F 45 46.11 9.54 -27.57
CA ALA F 45 46.94 10.42 -26.76
C ALA F 45 48.41 10.24 -27.09
N ALA F 46 49.13 11.35 -27.16
CA ALA F 46 50.56 11.32 -27.46
C ALA F 46 51.25 10.63 -26.27
N THR F 47 50.95 11.12 -25.08
CA THR F 47 51.52 10.57 -23.86
C THR F 47 50.46 9.74 -23.16
N CYS F 48 50.77 8.47 -22.91
CA CYS F 48 49.85 7.57 -22.24
C CYS F 48 49.26 8.21 -20.99
N PRO F 49 47.93 8.27 -20.89
CA PRO F 49 47.24 8.87 -19.75
C PRO F 49 47.65 8.27 -18.41
N SER F 50 47.81 9.12 -17.40
CA SER F 50 48.20 8.68 -16.06
C SER F 50 47.07 7.94 -15.36
N LYS F 51 47.44 6.92 -14.59
CA LYS F 51 46.46 6.12 -13.86
C LYS F 51 46.06 6.79 -12.56
N LYS F 52 44.75 6.78 -12.29
CA LYS F 52 44.22 7.37 -11.07
C LYS F 52 44.00 6.19 -10.11
N PRO F 53 43.99 6.43 -8.80
CA PRO F 53 43.81 5.36 -7.81
C PRO F 53 42.85 4.24 -8.21
N TYR F 54 41.60 4.60 -8.46
CA TYR F 54 40.57 3.64 -8.83
C TYR F 54 40.56 3.28 -10.32
N GLU F 55 41.10 4.16 -11.15
CA GLU F 55 41.15 3.92 -12.59
C GLU F 55 42.08 2.78 -12.98
N GLU F 56 42.09 2.46 -14.28
CA GLU F 56 42.91 1.39 -14.81
C GLU F 56 43.25 1.71 -16.26
N VAL F 57 44.47 2.16 -16.50
CA VAL F 57 44.90 2.53 -17.84
C VAL F 57 45.67 1.42 -18.55
N THR F 58 45.73 1.51 -19.87
CA THR F 58 46.44 0.52 -20.70
C THR F 58 46.70 1.14 -22.07
N CYS F 59 47.98 1.21 -22.45
CA CYS F 59 48.36 1.78 -23.74
C CYS F 59 49.08 0.79 -24.64
N CYS F 60 49.21 1.15 -25.92
CA CYS F 60 49.88 0.32 -26.91
C CYS F 60 50.13 1.08 -28.21
N SER F 61 50.85 0.45 -29.14
CA SER F 61 51.17 1.07 -30.42
C SER F 61 50.53 0.39 -31.62
N THR F 62 50.31 -0.92 -31.52
CA THR F 62 49.69 -1.67 -32.61
C THR F 62 48.36 -1.07 -33.03
N ASP F 63 47.97 -1.30 -34.28
CA ASP F 63 46.70 -0.77 -34.79
C ASP F 63 45.54 -1.58 -34.21
N LYS F 64 44.50 -0.88 -33.76
CA LYS F 64 43.33 -1.51 -33.18
C LYS F 64 43.73 -2.39 -32.00
N CYS F 65 44.69 -1.93 -31.21
CA CYS F 65 45.17 -2.68 -30.05
C CYS F 65 44.38 -2.35 -28.79
N ASN F 66 43.51 -1.34 -28.88
CA ASN F 66 42.70 -0.94 -27.73
C ASN F 66 41.21 -1.16 -28.01
N PRO F 67 40.81 -2.42 -28.23
CA PRO F 67 39.42 -2.73 -28.51
C PRO F 67 38.56 -2.81 -27.26
N HIS F 68 37.26 -2.99 -27.46
CA HIS F 68 36.32 -3.10 -26.36
C HIS F 68 36.57 -4.46 -25.73
N PRO F 69 36.51 -4.54 -24.39
CA PRO F 69 36.72 -5.81 -23.69
C PRO F 69 35.94 -6.99 -24.27
N LYS F 70 34.94 -6.69 -25.10
CA LYS F 70 34.13 -7.73 -25.71
C LYS F 70 34.39 -7.89 -27.20
N GLN F 71 35.59 -7.49 -27.64
CA GLN F 71 35.98 -7.63 -29.04
C GLN F 71 37.35 -8.27 -29.17
N ARG F 72 37.97 -8.11 -30.33
CA ARG F 72 39.29 -8.68 -30.59
C ARG F 72 40.26 -7.60 -31.07
N PRO F 73 41.50 -7.64 -30.58
CA PRO F 73 42.52 -6.65 -30.98
C PRO F 73 42.74 -6.63 -32.50
N ILE G 1 -13.09 48.01 -35.65
CA ILE G 1 -12.00 46.99 -35.66
C ILE G 1 -12.49 45.65 -35.08
N VAL G 2 -12.56 44.64 -35.94
CA VAL G 2 -12.99 43.31 -35.51
C VAL G 2 -11.79 42.50 -35.04
N CYS G 3 -11.95 41.84 -33.89
CA CYS G 3 -10.87 41.04 -33.32
C CYS G 3 -11.29 39.62 -32.95
N HIS G 4 -10.31 38.87 -32.46
CA HIS G 4 -10.51 37.50 -32.01
C HIS G 4 -10.36 37.53 -30.49
N THR G 5 -11.30 36.95 -29.77
CA THR G 5 -11.24 36.95 -28.32
C THR G 5 -11.30 35.55 -27.72
N THR G 6 -10.56 35.35 -26.64
CA THR G 6 -10.52 34.07 -25.95
C THR G 6 -11.39 34.14 -24.70
N ALA G 7 -12.11 35.25 -24.55
CA ALA G 7 -12.98 35.44 -23.41
C ALA G 7 -14.25 34.61 -23.58
N THR G 8 -14.58 34.31 -24.83
CA THR G 8 -15.76 33.52 -25.14
C THR G 8 -15.35 32.13 -25.60
N SER G 9 -16.28 31.18 -25.49
CA SER G 9 -16.01 29.81 -25.89
C SER G 9 -17.11 29.25 -26.80
N PRO G 10 -16.72 28.78 -28.00
CA PRO G 10 -15.34 28.76 -28.50
C PRO G 10 -14.85 30.18 -28.83
N ILE G 11 -13.57 30.29 -29.19
CA ILE G 11 -12.99 31.58 -29.54
C ILE G 11 -13.74 32.20 -30.71
N SER G 12 -14.49 33.25 -30.44
CA SER G 12 -15.26 33.93 -31.47
C SER G 12 -14.61 35.26 -31.86
N ALA G 13 -15.14 35.88 -32.91
CA ALA G 13 -14.61 37.16 -33.40
C ALA G 13 -15.50 38.31 -32.95
N VAL G 14 -15.12 38.98 -31.86
CA VAL G 14 -15.88 40.11 -31.35
C VAL G 14 -15.28 41.41 -31.85
N THR G 15 -16.15 42.40 -32.09
CA THR G 15 -15.71 43.70 -32.58
C THR G 15 -15.01 44.46 -31.46
N CYS G 16 -13.67 44.49 -31.51
CA CYS G 16 -12.86 45.19 -30.51
C CYS G 16 -13.53 46.51 -30.09
N PRO G 17 -14.07 46.57 -28.85
CA PRO G 17 -14.76 47.72 -28.27
C PRO G 17 -14.13 49.09 -28.54
N PRO G 18 -14.90 50.17 -28.34
CA PRO G 18 -14.46 51.56 -28.56
C PRO G 18 -13.19 51.92 -27.81
N GLY G 19 -12.40 52.82 -28.40
CA GLY G 19 -11.15 53.23 -27.78
C GLY G 19 -10.03 52.27 -28.09
N GLU G 20 -10.38 50.99 -28.22
CA GLU G 20 -9.41 49.95 -28.52
C GLU G 20 -9.45 49.65 -30.02
N ASN G 21 -8.33 49.85 -30.69
CA ASN G 21 -8.25 49.61 -32.13
C ASN G 21 -7.16 48.61 -32.48
N LEU G 22 -6.67 47.90 -31.47
CA LEU G 22 -5.61 46.91 -31.67
C LEU G 22 -5.99 45.52 -31.17
N CYS G 23 -5.86 44.53 -32.05
CA CYS G 23 -6.12 43.15 -31.67
C CYS G 23 -4.77 42.61 -31.24
N TYR G 24 -4.74 41.75 -30.24
CA TYR G 24 -3.46 41.21 -29.78
C TYR G 24 -3.49 39.72 -29.48
N ARG G 25 -2.32 39.20 -29.10
CA ARG G 25 -2.15 37.79 -28.76
C ARG G 25 -0.98 37.64 -27.80
N LYS G 26 -1.27 37.21 -26.58
CA LYS G 26 -0.24 37.02 -25.57
C LYS G 26 -0.14 35.53 -25.26
N MET G 27 1.08 35.00 -25.25
CA MET G 27 1.27 33.58 -24.99
C MET G 27 2.25 33.31 -23.85
N TRP G 28 1.77 32.60 -22.83
CA TRP G 28 2.59 32.23 -21.67
C TRP G 28 3.15 30.85 -21.94
N CYS G 29 3.76 30.26 -20.93
CA CYS G 29 4.33 28.93 -21.03
C CYS G 29 4.32 28.33 -19.63
N ASP G 30 3.27 27.57 -19.33
CA ASP G 30 3.12 26.95 -18.02
C ASP G 30 3.67 25.53 -17.97
N VAL G 31 3.08 24.71 -17.09
CA VAL G 31 3.50 23.33 -16.92
C VAL G 31 3.19 22.48 -18.16
N PHE G 32 1.97 22.61 -18.67
CA PHE G 32 1.53 21.86 -19.83
C PHE G 32 2.16 22.40 -21.11
N CYS G 33 2.80 23.55 -21.00
CA CYS G 33 3.44 24.19 -22.15
C CYS G 33 4.41 23.27 -22.89
N SER G 34 4.75 22.15 -22.27
CA SER G 34 5.66 21.19 -22.89
C SER G 34 4.93 20.19 -23.78
N SER G 35 3.64 20.00 -23.52
CA SER G 35 2.83 19.07 -24.30
C SER G 35 1.65 19.77 -24.99
N ARG G 36 0.82 20.45 -24.22
CA ARG G 36 -0.34 21.14 -24.76
C ARG G 36 0.06 22.37 -25.58
N GLY G 37 1.18 22.98 -25.20
CA GLY G 37 1.64 24.17 -25.91
C GLY G 37 1.57 25.42 -25.06
N LYS G 38 2.05 26.54 -25.61
CA LYS G 38 2.03 27.80 -24.90
C LYS G 38 0.60 28.30 -24.72
N VAL G 39 0.30 28.86 -23.56
CA VAL G 39 -1.04 29.37 -23.28
C VAL G 39 -1.38 30.42 -24.34
N VAL G 40 -2.61 30.40 -24.83
CA VAL G 40 -3.02 31.36 -25.85
C VAL G 40 -4.07 32.34 -25.32
N GLU G 41 -3.86 33.62 -25.61
CA GLU G 41 -4.77 34.67 -25.17
C GLU G 41 -5.01 35.65 -26.31
N LEU G 42 -6.27 35.99 -26.53
CA LEU G 42 -6.64 36.92 -27.60
C LEU G 42 -7.64 37.95 -27.07
N GLY G 43 -7.37 39.23 -27.31
CA GLY G 43 -8.28 40.25 -26.83
C GLY G 43 -8.14 41.61 -27.50
N CYS G 44 -8.57 42.65 -26.79
CA CYS G 44 -8.51 44.02 -27.30
C CYS G 44 -7.82 44.97 -26.34
N ALA G 45 -7.22 46.03 -26.89
CA ALA G 45 -6.53 47.02 -26.08
C ALA G 45 -6.17 48.24 -26.92
N ALA G 46 -6.36 49.42 -26.34
CA ALA G 46 -6.03 50.66 -27.01
C ALA G 46 -4.52 50.69 -27.20
N THR G 47 -3.79 50.47 -26.11
CA THR G 47 -2.34 50.45 -26.13
C THR G 47 -1.87 49.00 -26.08
N CYS G 48 -1.06 48.60 -27.06
CA CYS G 48 -0.54 47.24 -27.12
C CYS G 48 0.05 46.84 -25.77
N PRO G 49 -0.42 45.71 -25.20
CA PRO G 49 0.07 45.22 -23.91
C PRO G 49 1.58 45.01 -23.86
N SER G 50 2.18 45.38 -22.74
CA SER G 50 3.61 45.25 -22.55
C SER G 50 4.03 43.79 -22.38
N LYS G 51 5.19 43.45 -22.94
CA LYS G 51 5.72 42.10 -22.85
C LYS G 51 6.42 41.84 -21.53
N LYS G 52 6.14 40.68 -20.94
CA LYS G 52 6.76 40.29 -19.68
C LYS G 52 7.90 39.36 -20.06
N PRO G 53 8.93 39.22 -19.21
CA PRO G 53 10.08 38.36 -19.50
C PRO G 53 9.76 37.07 -20.24
N TYR G 54 8.93 36.22 -19.64
CA TYR G 54 8.55 34.95 -20.23
C TYR G 54 7.43 35.04 -21.25
N GLU G 55 6.62 36.09 -21.16
CA GLU G 55 5.50 36.27 -22.08
C GLU G 55 5.94 36.55 -23.52
N GLU G 56 4.96 36.66 -24.41
CA GLU G 56 5.22 36.92 -25.82
C GLU G 56 4.00 37.63 -26.40
N VAL G 57 4.12 38.94 -26.60
CA VAL G 57 3.03 39.73 -27.13
C VAL G 57 3.13 39.96 -28.64
N THR G 58 2.01 40.31 -29.27
CA THR G 58 1.94 40.57 -30.69
C THR G 58 0.66 41.35 -31.00
N CYS G 59 0.82 42.54 -31.59
CA CYS G 59 -0.34 43.37 -31.91
C CYS G 59 -0.46 43.66 -33.40
N CYS G 60 -1.62 44.19 -33.79
CA CYS G 60 -1.89 44.53 -35.18
C CYS G 60 -3.17 45.35 -35.32
N SER G 61 -3.45 45.83 -36.53
CA SER G 61 -4.63 46.64 -36.78
C SER G 61 -5.66 45.97 -37.69
N THR G 62 -5.19 45.13 -38.61
CA THR G 62 -6.08 44.43 -39.54
C THR G 62 -7.18 43.67 -38.80
N ASP G 63 -8.31 43.46 -39.46
CA ASP G 63 -9.42 42.74 -38.85
C ASP G 63 -9.11 41.25 -38.80
N LYS G 64 -9.37 40.64 -37.64
CA LYS G 64 -9.12 39.21 -37.44
C LYS G 64 -7.65 38.89 -37.70
N CYS G 65 -6.77 39.81 -37.28
CA CYS G 65 -5.33 39.62 -37.46
C CYS G 65 -4.70 38.87 -36.30
N ASN G 66 -5.48 38.66 -35.23
CA ASN G 66 -5.00 37.96 -34.04
C ASN G 66 -5.73 36.65 -33.84
N PRO G 67 -5.62 35.72 -34.80
CA PRO G 67 -6.30 34.43 -34.70
C PRO G 67 -5.54 33.44 -33.83
N HIS G 68 -6.16 32.28 -33.61
CA HIS G 68 -5.56 31.22 -32.82
C HIS G 68 -4.42 30.64 -33.66
N PRO G 69 -3.29 30.30 -33.02
CA PRO G 69 -2.16 29.72 -33.75
C PRO G 69 -2.53 28.58 -34.68
N LYS G 70 -3.74 28.05 -34.51
CA LYS G 70 -4.21 26.94 -35.35
C LYS G 70 -5.31 27.37 -36.32
N GLN G 71 -5.35 28.65 -36.65
CA GLN G 71 -6.33 29.18 -37.59
C GLN G 71 -5.67 30.05 -38.65
N ARG G 72 -6.47 30.86 -39.33
CA ARG G 72 -5.96 31.75 -40.38
C ARG G 72 -6.37 33.19 -40.11
N PRO G 73 -5.45 34.14 -40.34
CA PRO G 73 -5.74 35.56 -40.12
C PRO G 73 -6.94 36.04 -40.94
N ILE H 1 43.08 -41.12 13.97
CA ILE H 1 41.66 -40.92 14.37
C ILE H 1 40.86 -40.19 13.29
N VAL H 2 39.91 -40.89 12.69
CA VAL H 2 39.08 -40.32 11.63
C VAL H 2 37.85 -39.66 12.25
N CYS H 3 37.55 -38.45 11.80
CA CYS H 3 36.41 -37.70 12.32
C CYS H 3 35.48 -37.16 11.24
N HIS H 4 34.40 -36.51 11.69
CA HIS H 4 33.42 -35.89 10.82
C HIS H 4 33.61 -34.39 11.00
N THR H 5 33.71 -33.66 9.90
CA THR H 5 33.90 -32.22 9.98
C THR H 5 32.84 -31.44 9.22
N THR H 6 32.46 -30.29 9.78
CA THR H 6 31.46 -29.42 9.16
C THR H 6 32.15 -28.25 8.48
N ALA H 7 33.48 -28.30 8.43
CA ALA H 7 34.27 -27.26 7.80
C ALA H 7 34.18 -27.39 6.29
N THR H 8 33.91 -28.60 5.82
CA THR H 8 33.80 -28.89 4.40
C THR H 8 32.34 -29.12 4.01
N SER H 9 32.05 -28.94 2.74
CA SER H 9 30.69 -29.13 2.25
C SER H 9 30.64 -30.03 1.02
N PRO H 10 29.85 -31.13 1.08
CA PRO H 10 29.06 -31.53 2.24
C PRO H 10 29.94 -32.01 3.39
N ILE H 11 29.32 -32.30 4.53
CA ILE H 11 30.07 -32.78 5.69
C ILE H 11 30.79 -34.08 5.36
N SER H 12 32.12 -34.00 5.27
CA SER H 12 32.92 -35.18 4.95
C SER H 12 33.65 -35.70 6.18
N ALA H 13 34.31 -36.85 6.01
CA ALA H 13 35.03 -37.47 7.10
C ALA H 13 36.53 -37.25 6.93
N VAL H 14 37.06 -36.26 7.65
CA VAL H 14 38.49 -35.95 7.58
C VAL H 14 39.21 -36.60 8.75
N THR H 15 40.44 -37.01 8.52
CA THR H 15 41.24 -37.64 9.55
C THR H 15 41.71 -36.60 10.57
N CYS H 16 41.04 -36.57 11.72
CA CYS H 16 41.36 -35.64 12.79
C CYS H 16 42.89 -35.45 12.91
N PRO H 17 43.40 -34.27 12.51
CA PRO H 17 44.82 -33.90 12.52
C PRO H 17 45.61 -34.31 13.76
N PRO H 18 46.95 -34.33 13.67
CA PRO H 18 47.87 -34.70 14.75
C PRO H 18 47.63 -33.94 16.04
N GLY H 19 47.90 -34.59 17.17
CA GLY H 19 47.70 -33.96 18.46
C GLY H 19 46.26 -34.07 18.91
N GLU H 20 45.34 -34.02 17.96
CA GLU H 20 43.91 -34.12 18.24
C GLU H 20 43.46 -35.55 18.03
N ASN H 21 42.95 -36.17 19.08
CA ASN H 21 42.49 -37.56 19.00
C ASN H 21 41.04 -37.69 19.41
N LEU H 22 40.34 -36.56 19.49
CA LEU H 22 38.94 -36.57 19.89
C LEU H 22 38.02 -35.90 18.87
N CYS H 23 36.99 -36.62 18.45
CA CYS H 23 36.02 -36.07 17.51
C CYS H 23 34.93 -35.49 18.40
N TYR H 24 34.33 -34.37 17.99
CA TYR H 24 33.30 -33.76 18.81
C TYR H 24 32.09 -33.25 18.03
N ARG H 25 31.12 -32.74 18.77
CA ARG H 25 29.90 -32.19 18.20
C ARG H 25 29.32 -31.15 19.15
N LYS H 26 29.29 -29.90 18.69
CA LYS H 26 28.76 -28.81 19.50
C LYS H 26 27.50 -28.28 18.81
N MET H 27 26.43 -28.13 19.58
CA MET H 27 25.16 -27.65 19.03
C MET H 27 24.60 -26.42 19.74
N TRP H 28 24.40 -25.36 18.98
CA TRP H 28 23.85 -24.11 19.52
C TRP H 28 22.35 -24.15 19.27
N CYS H 29 21.70 -23.02 19.53
CA CYS H 29 20.26 -22.90 19.32
C CYS H 29 19.98 -21.42 19.02
N ASP H 30 19.92 -21.10 17.73
CA ASP H 30 19.67 -19.73 17.31
C ASP H 30 18.19 -19.46 17.04
N VAL H 31 17.94 -18.51 16.14
CA VAL H 31 16.58 -18.12 15.78
C VAL H 31 15.84 -19.24 15.06
N PHE H 32 16.49 -19.83 14.07
CA PHE H 32 15.89 -20.91 13.29
C PHE H 32 15.84 -22.20 14.08
N CYS H 33 16.51 -22.22 15.23
CA CYS H 33 16.55 -23.39 16.08
C CYS H 33 15.15 -23.94 16.43
N SER H 34 14.12 -23.15 16.15
CA SER H 34 12.76 -23.56 16.44
C SER H 34 12.15 -24.35 15.27
N SER H 35 12.70 -24.15 14.08
CA SER H 35 12.20 -24.83 12.89
C SER H 35 13.27 -25.69 12.22
N ARG H 36 14.40 -25.08 11.87
CA ARG H 36 15.51 -25.79 11.22
C ARG H 36 16.22 -26.75 12.18
N GLY H 37 16.22 -26.41 13.47
CA GLY H 37 16.88 -27.23 14.46
C GLY H 37 18.10 -26.58 15.07
N LYS H 38 18.72 -27.25 16.03
CA LYS H 38 19.90 -26.72 16.69
C LYS H 38 21.08 -26.70 15.73
N VAL H 39 21.88 -25.65 15.78
CA VAL H 39 23.04 -25.53 14.92
C VAL H 39 23.94 -26.73 15.14
N VAL H 40 24.47 -27.30 14.06
CA VAL H 40 25.35 -28.47 14.18
C VAL H 40 26.79 -28.14 13.81
N GLU H 41 27.73 -28.59 14.63
CA GLU H 41 29.14 -28.36 14.41
C GLU H 41 29.93 -29.65 14.67
N LEU H 42 30.82 -29.99 13.76
CA LEU H 42 31.63 -31.21 13.91
C LEU H 42 33.09 -30.89 13.58
N GLY H 43 34.00 -31.30 14.48
CA GLY H 43 35.41 -31.03 14.24
C GLY H 43 36.38 -31.87 15.05
N CYS H 44 37.59 -31.34 15.24
CA CYS H 44 38.64 -32.02 15.99
C CYS H 44 39.23 -31.16 17.09
N ALA H 45 39.75 -31.82 18.12
CA ALA H 45 40.33 -31.12 19.25
C ALA H 45 41.05 -32.08 20.18
N ALA H 46 42.25 -31.69 20.63
CA ALA H 46 43.03 -32.52 21.54
C ALA H 46 42.25 -32.62 22.84
N THR H 47 41.85 -31.45 23.36
CA THR H 47 41.09 -31.38 24.60
C THR H 47 39.63 -31.08 24.26
N CYS H 48 38.73 -31.96 24.72
CA CYS H 48 37.31 -31.78 24.47
C CYS H 48 36.87 -30.37 24.80
N PRO H 49 36.24 -29.67 23.83
CA PRO H 49 35.78 -28.29 24.02
C PRO H 49 34.83 -28.12 25.20
N SER H 50 35.03 -27.03 25.94
CA SER H 50 34.20 -26.74 27.11
C SER H 50 32.78 -26.34 26.71
N LYS H 51 31.82 -26.76 27.53
CA LYS H 51 30.41 -26.46 27.27
C LYS H 51 30.03 -25.07 27.76
N LYS H 52 29.29 -24.35 26.93
CA LYS H 52 28.84 -23.00 27.27
C LYS H 52 27.40 -23.17 27.76
N PRO H 53 26.91 -22.24 28.60
CA PRO H 53 25.54 -22.33 29.12
C PRO H 53 24.49 -22.91 28.18
N TYR H 54 24.30 -22.25 27.04
CA TYR H 54 23.32 -22.67 26.05
C TYR H 54 23.83 -23.77 25.10
N GLU H 55 25.14 -23.89 24.97
CA GLU H 55 25.73 -24.89 24.10
C GLU H 55 25.52 -26.32 24.60
N GLU H 56 25.97 -27.29 23.79
CA GLU H 56 25.84 -28.70 24.12
C GLU H 56 26.97 -29.46 23.44
N VAL H 57 27.99 -29.82 24.21
CA VAL H 57 29.15 -30.53 23.67
C VAL H 57 29.04 -32.04 23.85
N THR H 58 29.81 -32.77 23.05
CA THR H 58 29.85 -34.23 23.10
C THR H 58 31.12 -34.72 22.41
N CYS H 59 31.96 -35.46 23.14
CA CYS H 59 33.20 -35.97 22.58
C CYS H 59 33.29 -37.50 22.60
N CYS H 60 34.27 -38.02 21.86
CA CYS H 60 34.48 -39.46 21.77
C CYS H 60 35.81 -39.79 21.09
N SER H 61 36.17 -41.07 21.08
CA SER H 61 37.43 -41.52 20.48
C SER H 61 37.25 -42.40 19.24
N THR H 62 36.15 -43.15 19.20
CA THR H 62 35.87 -44.02 18.06
C THR H 62 35.91 -43.25 16.74
N ASP H 63 36.20 -43.95 15.65
CA ASP H 63 36.25 -43.33 14.33
C ASP H 63 34.85 -43.04 13.83
N LYS H 64 34.64 -41.83 13.31
CA LYS H 64 33.34 -41.41 12.80
C LYS H 64 32.28 -41.52 13.89
N CYS H 65 32.67 -41.19 15.12
CA CYS H 65 31.75 -41.25 16.26
C CYS H 65 30.97 -39.95 16.44
N ASN H 66 31.34 -38.92 15.69
CA ASN H 66 30.69 -37.62 15.76
C ASN H 66 29.98 -37.27 14.45
N PRO H 67 29.00 -38.09 14.05
CA PRO H 67 28.27 -37.84 12.80
C PRO H 67 27.18 -36.80 12.96
N HIS H 68 26.54 -36.47 11.84
CA HIS H 68 25.47 -35.50 11.83
C HIS H 68 24.26 -36.18 12.48
N PRO H 69 23.50 -35.43 13.28
CA PRO H 69 22.32 -36.00 13.94
C PRO H 69 21.40 -36.79 13.02
N LYS H 70 21.59 -36.62 11.71
CA LYS H 70 20.77 -37.32 10.73
C LYS H 70 21.53 -38.41 9.99
N GLN H 71 22.60 -38.91 10.61
CA GLN H 71 23.42 -39.97 10.01
C GLN H 71 23.64 -41.10 11.02
N ARG H 72 24.64 -41.93 10.74
CA ARG H 72 24.97 -43.06 11.61
C ARG H 72 26.44 -43.03 12.01
N PRO H 73 26.74 -43.33 13.28
CA PRO H 73 28.13 -43.34 13.77
C PRO H 73 29.01 -44.29 12.97
N ILE I 1 -56.51 19.27 13.23
CA ILE I 1 -55.51 19.61 12.19
C ILE I 1 -54.56 18.44 11.90
N VAL I 2 -54.67 17.89 10.70
CA VAL I 2 -53.83 16.75 10.30
C VAL I 2 -52.53 17.27 9.68
N CYS I 3 -51.41 16.70 10.10
CA CYS I 3 -50.11 17.10 9.59
C CYS I 3 -49.24 15.95 9.08
N HIS I 4 -48.06 16.31 8.59
CA HIS I 4 -47.09 15.34 8.10
C HIS I 4 -45.95 15.38 9.11
N THR I 5 -45.51 14.22 9.57
CA THR I 5 -44.42 14.16 10.55
C THR I 5 -43.26 13.30 10.08
N THR I 6 -42.05 13.72 10.44
CA THR I 6 -40.83 13.00 10.08
C THR I 6 -40.33 12.23 11.29
N ALA I 7 -41.13 12.23 12.36
CA ALA I 7 -40.78 11.52 13.58
C ALA I 7 -40.99 10.03 13.38
N THR I 8 -41.88 9.68 12.45
CA THR I 8 -42.18 8.28 12.16
C THR I 8 -41.59 7.88 10.81
N SER I 9 -41.40 6.58 10.62
CA SER I 9 -40.82 6.07 9.38
C SER I 9 -41.65 4.93 8.80
N PRO I 10 -42.10 5.08 7.54
CA PRO I 10 -41.87 6.25 6.70
C PRO I 10 -42.66 7.47 7.20
N ILE I 11 -42.44 8.61 6.56
CA ILE I 11 -43.14 9.84 6.94
C ILE I 11 -44.65 9.66 6.79
N SER I 12 -45.35 9.59 7.92
CA SER I 12 -46.79 9.41 7.92
C SER I 12 -47.51 10.71 8.25
N ALA I 13 -48.83 10.68 8.14
CA ALA I 13 -49.64 11.86 8.43
C ALA I 13 -50.33 11.71 9.78
N VAL I 14 -49.74 12.32 10.82
CA VAL I 14 -50.30 12.27 12.15
C VAL I 14 -51.13 13.52 12.43
N THR I 15 -52.20 13.36 13.20
CA THR I 15 -53.05 14.49 13.53
C THR I 15 -52.36 15.42 14.53
N CYS I 16 -51.85 16.54 14.03
CA CYS I 16 -51.15 17.52 14.86
C CYS I 16 -51.86 17.66 16.22
N PRO I 17 -51.22 17.17 17.30
CA PRO I 17 -51.71 17.18 18.69
C PRO I 17 -52.37 18.48 19.14
N PRO I 18 -53.15 18.42 20.24
CA PRO I 18 -53.87 19.56 20.82
C PRO I 18 -52.98 20.77 21.11
N GLY I 19 -53.56 21.97 20.98
CA GLY I 19 -52.81 23.18 21.22
C GLY I 19 -52.04 23.61 19.98
N GLU I 20 -51.58 22.63 19.21
CA GLU I 20 -50.82 22.86 17.98
C GLU I 20 -51.77 22.79 16.79
N ASN I 21 -51.89 23.89 16.06
CA ASN I 21 -52.77 23.93 14.91
C ASN I 21 -52.02 24.30 13.64
N LEU I 22 -50.69 24.24 13.70
CA LEU I 22 -49.87 24.59 12.55
C LEU I 22 -48.90 23.48 12.14
N CYS I 23 -48.95 23.10 10.87
CA CYS I 23 -48.04 22.08 10.36
C CYS I 23 -46.86 22.89 9.81
N TYR I 24 -45.65 22.34 9.93
CA TYR I 24 -44.48 23.07 9.45
C TYR I 24 -43.46 22.21 8.72
N ARG I 25 -42.42 22.86 8.22
CA ARG I 25 -41.33 22.21 7.50
C ARG I 25 -40.07 23.02 7.66
N LYS I 26 -39.07 22.45 8.33
CA LYS I 26 -37.79 23.14 8.52
C LYS I 26 -36.73 22.37 7.75
N MET I 27 -35.93 23.09 6.97
CA MET I 27 -34.88 22.46 6.18
C MET I 27 -33.48 23.02 6.44
N TRP I 28 -32.56 22.15 6.85
CA TRP I 28 -31.18 22.55 7.12
C TRP I 28 -30.38 22.27 5.86
N CYS I 29 -29.07 22.39 5.96
CA CYS I 29 -28.18 22.14 4.84
C CYS I 29 -26.85 21.69 5.41
N ASP I 30 -26.67 20.37 5.53
CA ASP I 30 -25.45 19.81 6.08
C ASP I 30 -24.44 19.46 5.01
N VAL I 31 -23.59 18.47 5.30
CA VAL I 31 -22.56 18.03 4.37
C VAL I 31 -23.14 17.39 3.12
N PHE I 32 -24.08 16.47 3.30
CA PHE I 32 -24.68 15.78 2.17
C PHE I 32 -25.61 16.70 1.41
N CYS I 33 -25.90 17.86 2.00
CA CYS I 33 -26.79 18.84 1.40
C CYS I 33 -26.42 19.19 -0.04
N SER I 34 -25.22 18.80 -0.46
CA SER I 34 -24.77 19.09 -1.82
C SER I 34 -25.19 18.00 -2.79
N SER I 35 -25.44 16.81 -2.27
CA SER I 35 -25.85 15.68 -3.10
C SER I 35 -27.23 15.14 -2.73
N ARG I 36 -27.39 14.76 -1.46
CA ARG I 36 -28.66 14.21 -0.98
C ARG I 36 -29.74 15.28 -0.90
N GLY I 37 -29.34 16.53 -0.65
CA GLY I 37 -30.29 17.62 -0.55
C GLY I 37 -30.38 18.19 0.84
N LYS I 38 -31.17 19.24 1.00
CA LYS I 38 -31.35 19.89 2.30
C LYS I 38 -32.10 18.96 3.25
N VAL I 39 -31.68 18.93 4.51
CA VAL I 39 -32.33 18.08 5.51
C VAL I 39 -33.81 18.46 5.59
N VAL I 40 -34.68 17.46 5.66
CA VAL I 40 -36.12 17.71 5.73
C VAL I 40 -36.70 17.35 7.09
N GLU I 41 -37.51 18.25 7.64
CA GLU I 41 -38.14 18.04 8.93
C GLU I 41 -39.61 18.47 8.85
N LEU I 42 -40.50 17.62 9.37
CA LEU I 42 -41.93 17.91 9.36
C LEU I 42 -42.53 17.61 10.73
N GLY I 43 -43.28 18.57 11.28
CA GLY I 43 -43.87 18.35 12.58
C GLY I 43 -45.04 19.26 12.93
N CYS I 44 -45.26 19.43 14.23
CA CYS I 44 -46.35 20.27 14.74
C CYS I 44 -45.87 21.30 15.74
N ALA I 45 -46.60 22.40 15.83
CA ALA I 45 -46.25 23.47 16.76
C ALA I 45 -47.35 24.51 16.84
N ALA I 46 -47.65 24.96 18.06
CA ALA I 46 -48.68 25.96 18.27
C ALA I 46 -48.19 27.26 17.62
N THR I 47 -46.97 27.64 17.96
CA THR I 47 -46.35 28.84 17.40
C THR I 47 -45.33 28.43 16.35
N CYS I 48 -45.48 28.95 15.14
CA CYS I 48 -44.56 28.64 14.05
C CYS I 48 -43.12 28.80 14.50
N PRO I 49 -42.29 27.75 14.34
CA PRO I 49 -40.88 27.79 14.74
C PRO I 49 -40.10 28.93 14.09
N SER I 50 -39.24 29.57 14.88
CA SER I 50 -38.43 30.68 14.40
C SER I 50 -37.35 30.21 13.44
N LYS I 51 -37.06 31.02 12.44
CA LYS I 51 -36.04 30.71 11.45
C LYS I 51 -34.64 31.05 11.94
N LYS I 52 -33.71 30.13 11.71
CA LYS I 52 -32.32 30.31 12.10
C LYS I 52 -31.60 30.78 10.83
N PRO I 53 -30.48 31.51 10.97
CA PRO I 53 -29.73 31.99 9.81
C PRO I 53 -29.71 31.06 8.59
N TYR I 54 -29.17 29.87 8.77
CA TYR I 54 -29.06 28.89 7.70
C TYR I 54 -30.33 28.08 7.46
N GLU I 55 -31.18 28.00 8.48
CA GLU I 55 -32.43 27.23 8.37
C GLU I 55 -33.43 27.86 7.40
N GLU I 56 -34.54 27.17 7.19
CA GLU I 56 -35.60 27.63 6.30
C GLU I 56 -36.92 27.07 6.79
N VAL I 57 -37.73 27.90 7.44
CA VAL I 57 -39.01 27.46 7.98
C VAL I 57 -40.18 27.79 7.05
N THR I 58 -41.29 27.08 7.25
CA THR I 58 -42.50 27.28 6.46
C THR I 58 -43.69 26.67 7.22
N CYS I 59 -44.69 27.50 7.52
CA CYS I 59 -45.87 27.02 8.24
C CYS I 59 -47.17 27.19 7.46
N CYS I 60 -48.23 26.55 7.94
CA CYS I 60 -49.53 26.61 7.30
C CYS I 60 -50.62 26.01 8.19
N SER I 61 -51.87 26.14 7.76
CA SER I 61 -53.00 25.63 8.52
C SER I 61 -53.74 24.49 7.84
N THR I 62 -53.74 24.47 6.52
CA THR I 62 -54.42 23.42 5.76
C THR I 62 -53.94 22.03 6.18
N ASP I 63 -54.79 21.02 6.00
CA ASP I 63 -54.43 19.66 6.36
C ASP I 63 -53.44 19.09 5.35
N LYS I 64 -52.40 18.44 5.85
CA LYS I 64 -51.36 17.86 4.99
C LYS I 64 -50.76 18.92 4.08
N CYS I 65 -50.57 20.12 4.64
CA CYS I 65 -50.00 21.22 3.88
C CYS I 65 -48.47 21.25 3.96
N ASN I 66 -47.92 20.42 4.85
CA ASN I 66 -46.47 20.36 5.03
C ASN I 66 -45.92 19.00 4.59
N PRO I 67 -46.07 18.65 3.31
CA PRO I 67 -45.57 17.37 2.81
C PRO I 67 -44.09 17.37 2.51
N HIS I 68 -43.57 16.21 2.15
CA HIS I 68 -42.16 16.07 1.79
C HIS I 68 -41.99 16.74 0.44
N PRO I 69 -40.86 17.45 0.25
CA PRO I 69 -40.60 18.13 -1.03
C PRO I 69 -40.83 17.25 -2.25
N LYS I 70 -40.91 15.94 -2.05
CA LYS I 70 -41.12 15.01 -3.14
C LYS I 70 -42.52 14.41 -3.15
N GLN I 71 -43.48 15.10 -2.53
CA GLN I 71 -44.87 14.65 -2.48
C GLN I 71 -45.83 15.75 -2.91
N ARG I 72 -47.10 15.60 -2.56
CA ARG I 72 -48.12 16.57 -2.89
C ARG I 72 -48.88 17.02 -1.65
N PRO I 73 -49.18 18.32 -1.53
CA PRO I 73 -49.90 18.86 -0.37
C PRO I 73 -51.27 18.19 -0.21
N ILE J 1 -22.69 -34.82 44.92
CA ILE J 1 -23.21 -33.74 44.03
C ILE J 1 -22.45 -33.67 42.71
N VAL J 2 -23.15 -34.01 41.61
CA VAL J 2 -22.54 -33.99 40.29
C VAL J 2 -22.71 -32.59 39.67
N CYS J 3 -21.63 -32.09 39.09
CA CYS J 3 -21.66 -30.76 38.48
C CYS J 3 -21.11 -30.73 37.06
N HIS J 4 -21.16 -29.54 36.47
CA HIS J 4 -20.64 -29.29 35.13
C HIS J 4 -19.40 -28.42 35.32
N THR J 5 -18.30 -28.81 34.69
CA THR J 5 -17.07 -28.04 34.82
C THR J 5 -16.50 -27.59 33.48
N THR J 6 -15.93 -26.39 33.47
CA THR J 6 -15.33 -25.84 32.26
C THR J 6 -13.82 -25.98 32.33
N ALA J 7 -13.34 -26.68 33.35
CA ALA J 7 -11.92 -26.91 33.54
C ALA J 7 -11.44 -27.96 32.55
N THR J 8 -12.35 -28.82 32.11
CA THR J 8 -12.03 -29.87 31.16
C THR J 8 -12.59 -29.54 29.79
N SER J 9 -12.03 -30.15 28.74
CA SER J 9 -12.49 -29.90 27.39
C SER J 9 -12.74 -31.21 26.63
N PRO J 10 -13.96 -31.39 26.11
CA PRO J 10 -15.09 -30.45 26.21
C PRO J 10 -15.64 -30.40 27.64
N ILE J 11 -16.57 -29.49 27.88
CA ILE J 11 -17.18 -29.35 29.20
C ILE J 11 -17.85 -30.65 29.61
N SER J 12 -17.26 -31.32 30.60
CA SER J 12 -17.79 -32.58 31.09
C SER J 12 -18.48 -32.41 32.44
N ALA J 13 -19.13 -33.47 32.91
CA ALA J 13 -19.82 -33.44 34.18
C ALA J 13 -19.01 -34.17 35.26
N VAL J 14 -18.27 -33.40 36.05
CA VAL J 14 -17.46 -33.97 37.12
C VAL J 14 -18.21 -33.90 38.45
N THR J 15 -18.00 -34.89 39.30
CA THR J 15 -18.66 -34.94 40.59
C THR J 15 -18.05 -33.90 41.54
N CYS J 16 -18.76 -32.78 41.72
CA CYS J 16 -18.30 -31.70 42.59
C CYS J 16 -17.62 -32.26 43.85
N PRO J 17 -16.28 -32.13 43.94
CA PRO J 17 -15.44 -32.60 45.06
C PRO J 17 -16.02 -32.40 46.46
N PRO J 18 -15.49 -33.14 47.46
CA PRO J 18 -15.90 -33.07 48.86
C PRO J 18 -15.90 -31.66 49.44
N GLY J 19 -16.81 -31.40 50.37
CA GLY J 19 -16.89 -30.09 50.99
C GLY J 19 -17.71 -29.14 50.13
N GLU J 20 -17.62 -29.31 48.81
CA GLU J 20 -18.34 -28.48 47.86
C GLU J 20 -19.62 -29.19 47.44
N ASN J 21 -20.76 -28.59 47.73
CA ASN J 21 -22.05 -29.19 47.38
C ASN J 21 -22.88 -28.26 46.50
N LEU J 22 -22.24 -27.23 45.94
CA LEU J 22 -22.91 -26.28 45.08
C LEU J 22 -22.28 -26.15 43.69
N CYS J 23 -23.09 -26.33 42.66
CA CYS J 23 -22.62 -26.18 41.29
C CYS J 23 -22.91 -24.72 40.95
N TYR J 24 -22.03 -24.09 40.18
CA TYR J 24 -22.25 -22.67 39.84
C TYR J 24 -21.96 -22.34 38.39
N ARG J 25 -22.20 -21.07 38.04
CA ARG J 25 -21.96 -20.56 36.70
C ARG J 25 -21.70 -19.06 36.78
N LYS J 26 -20.48 -18.65 36.43
CA LYS J 26 -20.11 -17.24 36.46
C LYS J 26 -19.86 -16.79 35.03
N MET J 27 -20.46 -15.67 34.64
CA MET J 27 -20.31 -15.15 33.29
C MET J 27 -19.80 -13.70 33.24
N TRP J 28 -18.68 -13.52 32.54
CA TRP J 28 -18.07 -12.20 32.38
C TRP J 28 -18.55 -11.65 31.05
N CYS J 29 -17.98 -10.53 30.64
CA CYS J 29 -18.33 -9.89 29.38
C CYS J 29 -17.10 -9.13 28.91
N ASP J 30 -16.30 -9.78 28.06
CA ASP J 30 -15.08 -9.19 27.54
C ASP J 30 -15.29 -8.49 26.19
N VAL J 31 -14.22 -8.44 25.40
CA VAL J 31 -14.25 -7.82 24.08
C VAL J 31 -15.18 -8.55 23.10
N PHE J 32 -15.01 -9.87 23.04
CA PHE J 32 -15.80 -10.70 22.13
C PHE J 32 -17.23 -10.86 22.65
N CYS J 33 -17.46 -10.42 23.89
CA CYS J 33 -18.78 -10.52 24.50
C CYS J 33 -19.90 -9.91 23.63
N SER J 34 -19.51 -9.15 22.62
CA SER J 34 -20.48 -8.52 21.73
C SER J 34 -20.88 -9.45 20.58
N SER J 35 -20.01 -10.41 20.27
CA SER J 35 -20.26 -11.34 19.17
C SER J 35 -20.31 -12.80 19.64
N ARG J 36 -19.24 -13.24 20.30
CA ARG J 36 -19.14 -14.61 20.79
C ARG J 36 -20.06 -14.86 22.00
N GLY J 37 -20.30 -13.81 22.76
CA GLY J 37 -21.17 -13.92 23.93
C GLY J 37 -20.41 -13.74 25.24
N LYS J 38 -21.14 -13.76 26.35
CA LYS J 38 -20.53 -13.61 27.66
C LYS J 38 -19.68 -14.83 27.99
N VAL J 39 -18.52 -14.60 28.60
CA VAL J 39 -17.63 -15.68 28.99
C VAL J 39 -18.39 -16.65 29.90
N VAL J 40 -18.22 -17.95 29.67
CA VAL J 40 -18.91 -18.95 30.48
C VAL J 40 -17.94 -19.72 31.37
N GLU J 41 -18.31 -19.87 32.64
CA GLU J 41 -17.49 -20.59 33.61
C GLU J 41 -18.38 -21.50 34.46
N LEU J 42 -17.95 -22.75 34.62
CA LEU J 42 -18.71 -23.73 35.40
C LEU J 42 -17.77 -24.49 36.34
N GLY J 43 -18.12 -24.55 37.62
CA GLY J 43 -17.29 -25.25 38.57
C GLY J 43 -17.97 -25.66 39.87
N CYS J 44 -17.15 -25.82 40.91
CA CYS J 44 -17.64 -26.22 42.23
C CYS J 44 -17.17 -25.29 43.33
N ALA J 45 -17.95 -25.22 44.41
CA ALA J 45 -17.61 -24.37 45.54
C ALA J 45 -18.54 -24.63 46.72
N ALA J 46 -17.96 -24.71 47.91
CA ALA J 46 -18.73 -24.94 49.12
C ALA J 46 -19.65 -23.73 49.31
N THR J 47 -19.04 -22.55 49.27
CA THR J 47 -19.79 -21.30 49.42
C THR J 47 -19.94 -20.65 48.06
N CYS J 48 -21.19 -20.37 47.68
CA CYS J 48 -21.48 -19.75 46.38
C CYS J 48 -20.59 -18.52 46.17
N PRO J 49 -19.84 -18.48 45.05
CA PRO J 49 -18.96 -17.36 44.74
C PRO J 49 -19.67 -16.01 44.72
N SER J 50 -19.00 -15.00 45.27
CA SER J 50 -19.54 -13.65 45.34
C SER J 50 -19.59 -13.00 43.96
N LYS J 51 -20.63 -12.22 43.71
CA LYS J 51 -20.80 -11.53 42.43
C LYS J 51 -19.99 -10.25 42.37
N LYS J 52 -19.32 -10.03 41.25
CA LYS J 52 -18.52 -8.83 41.04
C LYS J 52 -19.41 -7.89 40.20
N PRO J 53 -19.17 -6.56 40.29
CA PRO J 53 -19.97 -5.58 39.54
C PRO J 53 -20.44 -6.03 38.15
N TYR J 54 -19.49 -6.34 37.28
CA TYR J 54 -19.80 -6.76 35.91
C TYR J 54 -20.13 -8.25 35.78
N GLU J 55 -19.67 -9.06 36.73
CA GLU J 55 -19.92 -10.49 36.70
C GLU J 55 -21.38 -10.85 36.91
N GLU J 56 -21.68 -12.14 36.81
CA GLU J 56 -23.04 -12.64 36.99
C GLU J 56 -22.96 -14.08 37.49
N VAL J 57 -23.21 -14.27 38.79
CA VAL J 57 -23.14 -15.59 39.40
C VAL J 57 -24.51 -16.27 39.51
N THR J 58 -24.49 -17.59 39.66
CA THR J 58 -25.72 -18.39 39.78
C THR J 58 -25.36 -19.75 40.37
N CYS J 59 -25.95 -20.07 41.53
CA CYS J 59 -25.68 -21.35 42.18
C CYS J 59 -26.92 -22.23 42.33
N CYS J 60 -26.70 -23.48 42.68
CA CYS J 60 -27.78 -24.45 42.85
C CYS J 60 -27.28 -25.73 43.50
N SER J 61 -28.20 -26.63 43.83
CA SER J 61 -27.84 -27.88 44.47
C SER J 61 -28.12 -29.12 43.61
N THR J 62 -29.13 -29.03 42.75
CA THR J 62 -29.49 -30.15 41.88
C THR J 62 -28.29 -30.62 41.06
N ASP J 63 -28.31 -31.89 40.66
CA ASP J 63 -27.22 -32.47 39.86
C ASP J 63 -27.30 -31.94 38.43
N LYS J 64 -26.15 -31.52 37.89
CA LYS J 64 -26.08 -30.99 36.53
C LYS J 64 -27.02 -29.80 36.38
N CYS J 65 -27.10 -28.98 37.42
CA CYS J 65 -27.97 -27.81 37.40
C CYS J 65 -27.26 -26.58 36.83
N ASN J 66 -25.95 -26.69 36.63
CA ASN J 66 -25.16 -25.58 36.09
C ASN J 66 -24.59 -25.93 34.71
N PRO J 67 -25.47 -26.18 33.73
CA PRO J 67 -25.02 -26.52 32.38
C PRO J 67 -24.62 -25.30 31.56
N HIS J 68 -24.11 -25.55 30.36
CA HIS J 68 -23.71 -24.49 29.45
C HIS J 68 -24.99 -23.84 28.94
N PRO J 69 -25.00 -22.51 28.80
CA PRO J 69 -26.18 -21.80 28.31
C PRO J 69 -26.79 -22.41 27.05
N LYS J 70 -26.04 -23.29 26.39
CA LYS J 70 -26.51 -23.94 25.18
C LYS J 70 -26.81 -25.42 25.37
N GLN J 71 -27.10 -25.81 26.61
CA GLN J 71 -27.43 -27.20 26.94
C GLN J 71 -28.71 -27.26 27.78
N ARG J 72 -28.90 -28.40 28.43
CA ARG J 72 -30.07 -28.61 29.29
C ARG J 72 -29.66 -29.05 30.68
N PRO J 73 -30.33 -28.50 31.72
CA PRO J 73 -30.03 -28.85 33.12
C PRO J 73 -30.15 -30.36 33.38
#